data_7H3Z
# 
_entry.id   7H3Z 
# 
_audit_conform.dict_name       mmcif_pdbx.dic 
_audit_conform.dict_version    5.397 
_audit_conform.dict_location   http://mmcif.pdb.org/dictionaries/ascii/mmcif_pdbx.dic 
# 
loop_
_database_2.database_id 
_database_2.database_code 
_database_2.pdbx_database_accession 
_database_2.pdbx_DOI 
PDB   7H3Z         pdb_00007h3z 10.2210/pdb7h3z/pdb 
WWPDB D_1001406994 ?            ?                   
# 
loop_
_pdbx_audit_revision_history.ordinal 
_pdbx_audit_revision_history.data_content_type 
_pdbx_audit_revision_history.major_revision 
_pdbx_audit_revision_history.minor_revision 
_pdbx_audit_revision_history.revision_date 
1 'Structure model' 1 0 2024-04-24 
2 'Structure model' 1 1 2024-10-16 
# 
_pdbx_audit_revision_details.ordinal             1 
_pdbx_audit_revision_details.revision_ordinal    1 
_pdbx_audit_revision_details.data_content_type   'Structure model' 
_pdbx_audit_revision_details.provider            repository 
_pdbx_audit_revision_details.type                'Initial release' 
_pdbx_audit_revision_details.description         ? 
_pdbx_audit_revision_details.details             ? 
# 
loop_
_pdbx_audit_revision_group.ordinal 
_pdbx_audit_revision_group.revision_ordinal 
_pdbx_audit_revision_group.data_content_type 
_pdbx_audit_revision_group.group 
1 2 'Structure model' 'Database references' 
2 2 'Structure model' 'Structure summary'   
# 
loop_
_pdbx_audit_revision_category.ordinal 
_pdbx_audit_revision_category.revision_ordinal 
_pdbx_audit_revision_category.data_content_type 
_pdbx_audit_revision_category.category 
1 2 'Structure model' citation           
2 2 'Structure model' citation_author    
3 2 'Structure model' pdbx_entry_details 
# 
loop_
_pdbx_audit_revision_item.ordinal 
_pdbx_audit_revision_item.revision_ordinal 
_pdbx_audit_revision_item.data_content_type 
_pdbx_audit_revision_item.item 
1 2 'Structure model' '_citation.country'                 
2 2 'Structure model' '_citation.journal_abbrev'          
3 2 'Structure model' '_citation.journal_id_CSD'          
4 2 'Structure model' '_citation.journal_id_ISSN'         
5 2 'Structure model' '_citation.pdbx_database_id_DOI'    
6 2 'Structure model' '_citation.pdbx_database_id_PubMed' 
7 2 'Structure model' '_citation.title'                   
8 2 'Structure model' '_citation.year'                    
# 
_database_PDB_caveat.id     1 
_database_PDB_caveat.text   'LQ3 A 201 HAS WRONG CHIRALITY AT ATOM C2' 
# 
_pdbx_database_status.entry_id                        7H3Z 
_pdbx_database_status.status_code                     REL 
_pdbx_database_status.status_code_sf                  REL 
_pdbx_database_status.status_code_mr                  ? 
_pdbx_database_status.status_code_cs                  ? 
_pdbx_database_status.recvd_initial_deposition_date   2024-04-04 
_pdbx_database_status.status_code_nmr_data            ? 
_pdbx_database_status.deposit_site                    RCSB 
_pdbx_database_status.process_site                    RCSB 
_pdbx_database_status.SG_entry                        ? 
_pdbx_database_status.pdb_format_compatible           Y 
_pdbx_database_status.methods_development_category    ? 
# 
_pdbx_contact_author.id                 1 
_pdbx_contact_author.email              frank.von-delft@diamond.ac.uk 
_pdbx_contact_author.name_first         Frank 
_pdbx_contact_author.name_last          'von Delft' 
_pdbx_contact_author.role               'principal investigator/group leader' 
_pdbx_contact_author.identifier_ORCID   0000-0003-0378-0017 
_pdbx_contact_author.name_mi            ? 
# 
loop_
_audit_author.name 
_audit_author.pdbx_ordinal 
'Lithgo, R.M.'        1  
'Fairhead, M.'        2  
'Koekemoer, L.'       3  
'Balcomb, B.H.'       4  
'Capkin, E.'          5  
'Chandran, A.V.'      6  
'Golding, M.'         7  
'Godoy, A.S.'         8  
'Aschenbrenner, J.C.' 9  
'Marples, P.G.'       10 
'Ni, X.'              11 
'Thompson, W.'        12 
'Tomlinson, C.W.E.'   13 
'Wild, C.'            14 
'Winokan, M.'         15 
'Xavier, M.-A.E.'     16 
'Fearon, D.'          17 
'von Delft, F.'       18 
# 
_citation.id                        primary 
_citation.title                     
;Crystallographic Fragment Screen of Coxsackievirus A16 2A Protease identifies new opportunities for the development of broad-spectrum anti-enterovirals.
;
_citation.journal_abbrev            Biorxiv 
_citation.journal_volume            ? 
_citation.page_first                ? 
_citation.page_last                 ? 
_citation.year                      2024 
_citation.journal_id_ASTM           ? 
_citation.country                   US 
_citation.journal_id_ISSN           2692-8205 
_citation.journal_id_CSD            ? 
_citation.book_publisher            ? 
_citation.pdbx_database_id_PubMed   38746446 
_citation.pdbx_database_id_DOI      10.1101/2024.04.29.591684 
# 
loop_
_citation_author.citation_id 
_citation_author.name 
_citation_author.identifier_ORCID 
_citation_author.ordinal 
primary 'Lithgo, R.M.'        0000-0002-4706-9916 1  
primary 'Tomlinson, C.W.E.'   0000-0002-1845-6028 2  
primary 'Fairhead, M.'        0000-0001-5361-3933 3  
primary 'Winokan, M.'         ?                   4  
primary 'Thompson, W.'        0000-0003-1474-7810 5  
primary 'Wild, C.'            0000-0003-0654-8141 6  
primary 'Aschenbrenner, J.C.' 0000-0002-4318-0481 7  
primary 'Balcomb, B.H.'       0000-0001-7599-8467 8  
primary 'Marples, P.G.'       0000-0002-8787-7969 9  
primary 'Chandran, A.V.'      0000-0001-9942-2614 10 
primary 'Golding, M.'         0009-0004-7472-8333 11 
primary 'Koekemoer, L.'       0000-0001-9226-9127 12 
primary 'Williams, E.P.'      0000-0002-1331-9518 13 
primary 'Wang, S.'            ?                   14 
primary 'Ni, X.'              0000-0002-7769-8297 15 
primary 'MacLean, E.'         0000-0003-1680-4292 16 
primary 'Giroud, C.'          0000-0002-1629-1581 17 
primary 'Godoy, A.S.'         0000-0002-0613-9164 18 
primary 'Xavier, M.A.'        0000-0002-1709-9479 19 
primary 'Walsh, M.'           0000-0001-5683-1151 20 
primary 'Fearon, D.'          0000-0003-3529-7863 21 
primary 'von Delft, F.'       0000-0003-0378-0017 22 
# 
loop_
_entity.id 
_entity.type 
_entity.src_method 
_entity.pdbx_description 
_entity.formula_weight 
_entity.pdbx_number_of_molecules 
_entity.pdbx_ec 
_entity.pdbx_mutation 
_entity.pdbx_fragment 
_entity.details 
1 polymer     man 'Protease 2A'                               16493.311 1   3.4.22.29 ? ? ? 
2 non-polymer man '(5S)-5-(difluoromethoxy)pyridin-2(5H)-one' 161.106   1   ?         ? ? ? 
3 non-polymer syn 'ZINC ION'                                  65.409    1   ?         ? ? ? 
4 non-polymer syn 'DIMETHYL SULFOXIDE'                        78.133    4   ?         ? ? ? 
5 non-polymer syn 'SULFATE ION'                               96.063    1   ?         ? ? ? 
6 water       nat water                                       18.015    237 ?         ? ? ? 
# 
_entity_name_com.entity_id   1 
_entity_name_com.name        'P2A,Picornain 2A,Protein 2A' 
# 
_entity_poly.entity_id                      1 
_entity_poly.type                           'polypeptide(L)' 
_entity_poly.nstd_linkage                   no 
_entity_poly.nstd_monomer                   no 
_entity_poly.pdbx_seq_one_letter_code       
;QEQTGGSGAIYVGNYRVVNRHLATHNDWANLVWEDSSRDLLVSSTTAQGCDTIARCDCQTGVYYCSSRRKHYPVSFSKPS
LIFVEASEYYPARYQSHLMLAVGHSEPGDCGGILRCQHGVVGIVSTGGNGLVGFADVRDLLWLDEEAMEQ
;
_entity_poly.pdbx_seq_one_letter_code_can   
;QEQTGGSGAIYVGNYRVVNRHLATHNDWANLVWEDSSRDLLVSSTTAQGCDTIARCDCQTGVYYCSSRRKHYPVSFSKPS
LIFVEASEYYPARYQSHLMLAVGHSEPGDCGGILRCQHGVVGIVSTGGNGLVGFADVRDLLWLDEEAMEQ
;
_entity_poly.pdbx_strand_id                 A 
_entity_poly.pdbx_target_identifier         ? 
# 
loop_
_pdbx_entity_nonpoly.entity_id 
_pdbx_entity_nonpoly.name 
_pdbx_entity_nonpoly.comp_id 
2 '(5S)-5-(difluoromethoxy)pyridin-2(5H)-one' LQ3 
3 'ZINC ION'                                  ZN  
4 'DIMETHYL SULFOXIDE'                        DMS 
5 'SULFATE ION'                               SO4 
6 water                                       HOH 
# 
loop_
_entity_poly_seq.entity_id 
_entity_poly_seq.num 
_entity_poly_seq.mon_id 
_entity_poly_seq.hetero 
1 1   GLN n 
1 2   GLU n 
1 3   GLN n 
1 4   THR n 
1 5   GLY n 
1 6   GLY n 
1 7   SER n 
1 8   GLY n 
1 9   ALA n 
1 10  ILE n 
1 11  TYR n 
1 12  VAL n 
1 13  GLY n 
1 14  ASN n 
1 15  TYR n 
1 16  ARG n 
1 17  VAL n 
1 18  VAL n 
1 19  ASN n 
1 20  ARG n 
1 21  HIS n 
1 22  LEU n 
1 23  ALA n 
1 24  THR n 
1 25  HIS n 
1 26  ASN n 
1 27  ASP n 
1 28  TRP n 
1 29  ALA n 
1 30  ASN n 
1 31  LEU n 
1 32  VAL n 
1 33  TRP n 
1 34  GLU n 
1 35  ASP n 
1 36  SER n 
1 37  SER n 
1 38  ARG n 
1 39  ASP n 
1 40  LEU n 
1 41  LEU n 
1 42  VAL n 
1 43  SER n 
1 44  SER n 
1 45  THR n 
1 46  THR n 
1 47  ALA n 
1 48  GLN n 
1 49  GLY n 
1 50  CYS n 
1 51  ASP n 
1 52  THR n 
1 53  ILE n 
1 54  ALA n 
1 55  ARG n 
1 56  CYS n 
1 57  ASP n 
1 58  CYS n 
1 59  GLN n 
1 60  THR n 
1 61  GLY n 
1 62  VAL n 
1 63  TYR n 
1 64  TYR n 
1 65  CYS n 
1 66  SER n 
1 67  SER n 
1 68  ARG n 
1 69  ARG n 
1 70  LYS n 
1 71  HIS n 
1 72  TYR n 
1 73  PRO n 
1 74  VAL n 
1 75  SER n 
1 76  PHE n 
1 77  SER n 
1 78  LYS n 
1 79  PRO n 
1 80  SER n 
1 81  LEU n 
1 82  ILE n 
1 83  PHE n 
1 84  VAL n 
1 85  GLU n 
1 86  ALA n 
1 87  SER n 
1 88  GLU n 
1 89  TYR n 
1 90  TYR n 
1 91  PRO n 
1 92  ALA n 
1 93  ARG n 
1 94  TYR n 
1 95  GLN n 
1 96  SER n 
1 97  HIS n 
1 98  LEU n 
1 99  MET n 
1 100 LEU n 
1 101 ALA n 
1 102 VAL n 
1 103 GLY n 
1 104 HIS n 
1 105 SER n 
1 106 GLU n 
1 107 PRO n 
1 108 GLY n 
1 109 ASP n 
1 110 CYS n 
1 111 GLY n 
1 112 GLY n 
1 113 ILE n 
1 114 LEU n 
1 115 ARG n 
1 116 CYS n 
1 117 GLN n 
1 118 HIS n 
1 119 GLY n 
1 120 VAL n 
1 121 VAL n 
1 122 GLY n 
1 123 ILE n 
1 124 VAL n 
1 125 SER n 
1 126 THR n 
1 127 GLY n 
1 128 GLY n 
1 129 ASN n 
1 130 GLY n 
1 131 LEU n 
1 132 VAL n 
1 133 GLY n 
1 134 PHE n 
1 135 ALA n 
1 136 ASP n 
1 137 VAL n 
1 138 ARG n 
1 139 ASP n 
1 140 LEU n 
1 141 LEU n 
1 142 TRP n 
1 143 LEU n 
1 144 ASP n 
1 145 GLU n 
1 146 GLU n 
1 147 ALA n 
1 148 MET n 
1 149 GLU n 
1 150 GLN n 
# 
loop_
_entity_src_gen.entity_id 
_entity_src_gen.pdbx_src_id 
_entity_src_gen.pdbx_alt_source_flag 
_entity_src_gen.pdbx_seq_type 
_entity_src_gen.pdbx_beg_seq_num 
_entity_src_gen.pdbx_end_seq_num 
_entity_src_gen.gene_src_common_name 
_entity_src_gen.gene_src_genus 
_entity_src_gen.pdbx_gene_src_gene 
_entity_src_gen.gene_src_species 
_entity_src_gen.gene_src_strain 
_entity_src_gen.gene_src_tissue 
_entity_src_gen.gene_src_tissue_fraction 
_entity_src_gen.gene_src_details 
_entity_src_gen.pdbx_gene_src_fragment 
_entity_src_gen.pdbx_gene_src_scientific_name 
_entity_src_gen.pdbx_gene_src_ncbi_taxonomy_id 
_entity_src_gen.pdbx_gene_src_variant 
_entity_src_gen.pdbx_gene_src_cell_line 
_entity_src_gen.pdbx_gene_src_atcc 
_entity_src_gen.pdbx_gene_src_organ 
_entity_src_gen.pdbx_gene_src_organelle 
_entity_src_gen.pdbx_gene_src_cell 
_entity_src_gen.pdbx_gene_src_cellular_location 
_entity_src_gen.host_org_common_name 
_entity_src_gen.pdbx_host_org_scientific_name 
_entity_src_gen.pdbx_host_org_ncbi_taxonomy_id 
_entity_src_gen.host_org_genus 
_entity_src_gen.pdbx_host_org_gene 
_entity_src_gen.pdbx_host_org_organ 
_entity_src_gen.host_org_species 
_entity_src_gen.pdbx_host_org_tissue 
_entity_src_gen.pdbx_host_org_tissue_fraction 
_entity_src_gen.pdbx_host_org_strain 
_entity_src_gen.pdbx_host_org_variant 
_entity_src_gen.pdbx_host_org_cell_line 
_entity_src_gen.pdbx_host_org_atcc 
_entity_src_gen.pdbx_host_org_culture_collection 
_entity_src_gen.pdbx_host_org_cell 
_entity_src_gen.pdbx_host_org_organelle 
_entity_src_gen.pdbx_host_org_cellular_location 
_entity_src_gen.pdbx_host_org_vector_type 
_entity_src_gen.pdbx_host_org_vector 
_entity_src_gen.host_org_details 
_entity_src_gen.expression_system_id 
_entity_src_gen.plasmid_name 
_entity_src_gen.plasmid_details 
_entity_src_gen.pdbx_description 
1 1 sample 'Biological sequence' 1 150 ? ? ? ? ? ? ? ? ? 'Coxsackievirus A16' 31704 ? ? ? ? ? ? ? ? 'Escherichia coli' 562 ? ? ? ? 
? ? ? ? ? ? ? ? ? ? ? ? ? ? ? ? ? 
2 1 sample ?                     ? ?   ? ? ? ? ? ? ? ? ? 'Coxsackievirus A16' 31704 ? ? ? ? ? ? ? ? 'Escherichia coli' 562 ? ? ? ? 
? ? ? ? ? ? ? ? ? ? ? ? ? ? ? ? ? 
# 
loop_
_chem_comp.id 
_chem_comp.type 
_chem_comp.mon_nstd_flag 
_chem_comp.name 
_chem_comp.pdbx_synonyms 
_chem_comp.formula 
_chem_comp.formula_weight 
ALA 'L-peptide linking' y ALANINE                                     ? 'C3 H7 N O2'     89.093  
ARG 'L-peptide linking' y ARGININE                                    ? 'C6 H15 N4 O2 1' 175.209 
ASN 'L-peptide linking' y ASPARAGINE                                  ? 'C4 H8 N2 O3'    132.118 
ASP 'L-peptide linking' y 'ASPARTIC ACID'                             ? 'C4 H7 N O4'     133.103 
CYS 'L-peptide linking' y CYSTEINE                                    ? 'C3 H7 N O2 S'   121.158 
DMS non-polymer         . 'DIMETHYL SULFOXIDE'                        ? 'C2 H6 O S'      78.133  
GLN 'L-peptide linking' y GLUTAMINE                                   ? 'C5 H10 N2 O3'   146.144 
GLU 'L-peptide linking' y 'GLUTAMIC ACID'                             ? 'C5 H9 N O4'     147.129 
GLY 'peptide linking'   y GLYCINE                                     ? 'C2 H5 N O2'     75.067  
HIS 'L-peptide linking' y HISTIDINE                                   ? 'C6 H10 N3 O2 1' 156.162 
HOH non-polymer         . WATER                                       ? 'H2 O'           18.015  
ILE 'L-peptide linking' y ISOLEUCINE                                  ? 'C6 H13 N O2'    131.173 
LEU 'L-peptide linking' y LEUCINE                                     ? 'C6 H13 N O2'    131.173 
LQ3 non-polymer         . '(5S)-5-(difluoromethoxy)pyridin-2(5H)-one' ? 'C6 H5 F2 N O2'  161.106 
LYS 'L-peptide linking' y LYSINE                                      ? 'C6 H15 N2 O2 1' 147.195 
MET 'L-peptide linking' y METHIONINE                                  ? 'C5 H11 N O2 S'  149.211 
PHE 'L-peptide linking' y PHENYLALANINE                               ? 'C9 H11 N O2'    165.189 
PRO 'L-peptide linking' y PROLINE                                     ? 'C5 H9 N O2'     115.130 
SER 'L-peptide linking' y SERINE                                      ? 'C3 H7 N O3'     105.093 
SO4 non-polymer         . 'SULFATE ION'                               ? 'O4 S -2'        96.063  
THR 'L-peptide linking' y THREONINE                                   ? 'C4 H9 N O3'     119.119 
TRP 'L-peptide linking' y TRYPTOPHAN                                  ? 'C11 H12 N2 O2'  204.225 
TYR 'L-peptide linking' y TYROSINE                                    ? 'C9 H11 N O3'    181.189 
VAL 'L-peptide linking' y VALINE                                      ? 'C5 H11 N O2'    117.146 
ZN  non-polymer         . 'ZINC ION'                                  ? 'Zn 2'           65.409  
# 
loop_
_pdbx_poly_seq_scheme.asym_id 
_pdbx_poly_seq_scheme.entity_id 
_pdbx_poly_seq_scheme.seq_id 
_pdbx_poly_seq_scheme.mon_id 
_pdbx_poly_seq_scheme.ndb_seq_num 
_pdbx_poly_seq_scheme.pdb_seq_num 
_pdbx_poly_seq_scheme.auth_seq_num 
_pdbx_poly_seq_scheme.pdb_mon_id 
_pdbx_poly_seq_scheme.auth_mon_id 
_pdbx_poly_seq_scheme.pdb_strand_id 
_pdbx_poly_seq_scheme.pdb_ins_code 
_pdbx_poly_seq_scheme.hetero 
A 1 1   GLN 1   1   ?   ?   ?   A . n 
A 1 2   GLU 2   2   ?   ?   ?   A . n 
A 1 3   GLN 3   3   ?   ?   ?   A . n 
A 1 4   THR 4   4   ?   ?   ?   A . n 
A 1 5   GLY 5   5   ?   ?   ?   A . n 
A 1 6   GLY 6   6   ?   ?   ?   A . n 
A 1 7   SER 7   7   7   SER SER A . n 
A 1 8   GLY 8   8   8   GLY GLY A . n 
A 1 9   ALA 9   9   9   ALA ALA A . n 
A 1 10  ILE 10  10  10  ILE ILE A . n 
A 1 11  TYR 11  11  11  TYR TYR A . n 
A 1 12  VAL 12  12  12  VAL VAL A . n 
A 1 13  GLY 13  13  13  GLY GLY A . n 
A 1 14  ASN 14  14  14  ASN ASN A . n 
A 1 15  TYR 15  15  15  TYR TYR A . n 
A 1 16  ARG 16  16  16  ARG ARG A . n 
A 1 17  VAL 17  17  17  VAL VAL A . n 
A 1 18  VAL 18  18  18  VAL VAL A . n 
A 1 19  ASN 19  19  19  ASN ASN A . n 
A 1 20  ARG 20  20  20  ARG ARG A . n 
A 1 21  HIS 21  21  21  HIS HIS A . n 
A 1 22  LEU 22  22  22  LEU LEU A . n 
A 1 23  ALA 23  23  23  ALA ALA A . n 
A 1 24  THR 24  24  24  THR THR A . n 
A 1 25  HIS 25  25  25  HIS HIS A . n 
A 1 26  ASN 26  26  26  ASN ASN A . n 
A 1 27  ASP 27  27  27  ASP ASP A . n 
A 1 28  TRP 28  28  28  TRP TRP A . n 
A 1 29  ALA 29  29  29  ALA ALA A . n 
A 1 30  ASN 30  30  30  ASN ASN A . n 
A 1 31  LEU 31  31  31  LEU LEU A . n 
A 1 32  VAL 32  32  32  VAL VAL A . n 
A 1 33  TRP 33  33  33  TRP TRP A . n 
A 1 34  GLU 34  34  34  GLU GLU A . n 
A 1 35  ASP 35  35  35  ASP ASP A . n 
A 1 36  SER 36  36  36  SER SER A . n 
A 1 37  SER 37  37  37  SER SER A . n 
A 1 38  ARG 38  38  38  ARG ARG A . n 
A 1 39  ASP 39  39  39  ASP ASP A . n 
A 1 40  LEU 40  40  40  LEU LEU A . n 
A 1 41  LEU 41  41  41  LEU LEU A . n 
A 1 42  VAL 42  42  42  VAL VAL A . n 
A 1 43  SER 43  43  43  SER SER A . n 
A 1 44  SER 44  44  44  SER SER A . n 
A 1 45  THR 45  45  45  THR THR A . n 
A 1 46  THR 46  46  46  THR THR A . n 
A 1 47  ALA 47  47  47  ALA ALA A . n 
A 1 48  GLN 48  48  48  GLN GLN A . n 
A 1 49  GLY 49  49  49  GLY GLY A . n 
A 1 50  CYS 50  50  50  CYS CYS A . n 
A 1 51  ASP 51  51  51  ASP ASP A . n 
A 1 52  THR 52  52  52  THR THR A . n 
A 1 53  ILE 53  53  53  ILE ILE A . n 
A 1 54  ALA 54  54  54  ALA ALA A . n 
A 1 55  ARG 55  55  55  ARG ARG A . n 
A 1 56  CYS 56  56  56  CYS CYS A . n 
A 1 57  ASP 57  57  57  ASP ASP A . n 
A 1 58  CYS 58  58  58  CYS CYS A . n 
A 1 59  GLN 59  59  59  GLN GLN A . n 
A 1 60  THR 60  60  60  THR THR A . n 
A 1 61  GLY 61  61  61  GLY GLY A . n 
A 1 62  VAL 62  62  62  VAL VAL A . n 
A 1 63  TYR 63  63  63  TYR TYR A . n 
A 1 64  TYR 64  64  64  TYR TYR A . n 
A 1 65  CYS 65  65  65  CYS CYS A . n 
A 1 66  SER 66  66  66  SER SER A . n 
A 1 67  SER 67  67  67  SER SER A . n 
A 1 68  ARG 68  68  68  ARG ARG A . n 
A 1 69  ARG 69  69  69  ARG ARG A . n 
A 1 70  LYS 70  70  70  LYS LYS A . n 
A 1 71  HIS 71  71  71  HIS HIS A . n 
A 1 72  TYR 72  72  72  TYR TYR A . n 
A 1 73  PRO 73  73  73  PRO PRO A . n 
A 1 74  VAL 74  74  74  VAL VAL A . n 
A 1 75  SER 75  75  75  SER SER A . n 
A 1 76  PHE 76  76  76  PHE PHE A . n 
A 1 77  SER 77  77  77  SER SER A . n 
A 1 78  LYS 78  78  78  LYS LYS A . n 
A 1 79  PRO 79  79  79  PRO PRO A . n 
A 1 80  SER 80  80  80  SER SER A . n 
A 1 81  LEU 81  81  81  LEU LEU A . n 
A 1 82  ILE 82  82  82  ILE ILE A . n 
A 1 83  PHE 83  83  83  PHE PHE A . n 
A 1 84  VAL 84  84  84  VAL VAL A . n 
A 1 85  GLU 85  85  85  GLU GLU A . n 
A 1 86  ALA 86  86  86  ALA ALA A . n 
A 1 87  SER 87  87  87  SER SER A . n 
A 1 88  GLU 88  88  88  GLU GLU A . n 
A 1 89  TYR 89  89  89  TYR TYR A . n 
A 1 90  TYR 90  90  90  TYR TYR A . n 
A 1 91  PRO 91  91  91  PRO PRO A . n 
A 1 92  ALA 92  92  92  ALA ALA A . n 
A 1 93  ARG 93  93  93  ARG ARG A . n 
A 1 94  TYR 94  94  94  TYR TYR A . n 
A 1 95  GLN 95  95  95  GLN GLN A . n 
A 1 96  SER 96  96  96  SER SER A . n 
A 1 97  HIS 97  97  97  HIS HIS A . n 
A 1 98  LEU 98  98  98  LEU LEU A . n 
A 1 99  MET 99  99  99  MET MET A . n 
A 1 100 LEU 100 100 100 LEU LEU A . n 
A 1 101 ALA 101 101 101 ALA ALA A . n 
A 1 102 VAL 102 102 102 VAL VAL A . n 
A 1 103 GLY 103 103 103 GLY GLY A . n 
A 1 104 HIS 104 104 104 HIS HIS A . n 
A 1 105 SER 105 105 105 SER SER A . n 
A 1 106 GLU 106 106 106 GLU GLU A . n 
A 1 107 PRO 107 107 107 PRO PRO A . n 
A 1 108 GLY 108 108 108 GLY GLY A . n 
A 1 109 ASP 109 109 109 ASP ASP A . n 
A 1 110 CYS 110 110 110 CYS CYS A . n 
A 1 111 GLY 111 111 111 GLY GLY A . n 
A 1 112 GLY 112 112 112 GLY GLY A . n 
A 1 113 ILE 113 113 113 ILE ILE A . n 
A 1 114 LEU 114 114 114 LEU LEU A . n 
A 1 115 ARG 115 115 115 ARG ARG A . n 
A 1 116 CYS 116 116 116 CYS CYS A . n 
A 1 117 GLN 117 117 117 GLN GLN A . n 
A 1 118 HIS 118 118 118 HIS HIS A . n 
A 1 119 GLY 119 119 119 GLY GLY A . n 
A 1 120 VAL 120 120 120 VAL VAL A . n 
A 1 121 VAL 121 121 121 VAL VAL A . n 
A 1 122 GLY 122 122 122 GLY GLY A . n 
A 1 123 ILE 123 123 123 ILE ILE A . n 
A 1 124 VAL 124 124 124 VAL VAL A . n 
A 1 125 SER 125 125 125 SER SER A . n 
A 1 126 THR 126 126 126 THR THR A . n 
A 1 127 GLY 127 127 127 GLY GLY A . n 
A 1 128 GLY 128 128 128 GLY GLY A . n 
A 1 129 ASN 129 129 129 ASN ASN A . n 
A 1 130 GLY 130 130 130 GLY GLY A . n 
A 1 131 LEU 131 131 131 LEU LEU A . n 
A 1 132 VAL 132 132 132 VAL VAL A . n 
A 1 133 GLY 133 133 133 GLY GLY A . n 
A 1 134 PHE 134 134 134 PHE PHE A . n 
A 1 135 ALA 135 135 135 ALA ALA A . n 
A 1 136 ASP 136 136 136 ASP ASP A . n 
A 1 137 VAL 137 137 137 VAL VAL A . n 
A 1 138 ARG 138 138 138 ARG ARG A . n 
A 1 139 ASP 139 139 139 ASP ASP A . n 
A 1 140 LEU 140 140 140 LEU LEU A . n 
A 1 141 LEU 141 141 141 LEU LEU A . n 
A 1 142 TRP 142 142 142 TRP TRP A . n 
A 1 143 LEU 143 143 143 LEU LEU A . n 
A 1 144 ASP 144 144 144 ASP ASP A . n 
A 1 145 GLU 145 145 145 GLU GLU A . n 
A 1 146 GLU 146 146 146 GLU GLU A . n 
A 1 147 ALA 147 147 ?   ?   ?   A . n 
A 1 148 MET 148 148 ?   ?   ?   A . n 
A 1 149 GLU 149 149 ?   ?   ?   A . n 
A 1 150 GLN 150 150 ?   ?   ?   A . n 
# 
loop_
_pdbx_nonpoly_scheme.asym_id 
_pdbx_nonpoly_scheme.entity_id 
_pdbx_nonpoly_scheme.mon_id 
_pdbx_nonpoly_scheme.ndb_seq_num 
_pdbx_nonpoly_scheme.pdb_seq_num 
_pdbx_nonpoly_scheme.auth_seq_num 
_pdbx_nonpoly_scheme.pdb_mon_id 
_pdbx_nonpoly_scheme.auth_mon_id 
_pdbx_nonpoly_scheme.pdb_strand_id 
_pdbx_nonpoly_scheme.pdb_ins_code 
B 2 LQ3 1   201 147 LQ3 LIG A . 
C 3 ZN  1   202 1   ZN  ZN  A . 
D 4 DMS 1   203 -1  DMS DMS A . 
E 4 DMS 1   204 0   DMS DMS A . 
F 4 DMS 1   205 1   DMS DMS A . 
G 4 DMS 1   206 3   DMS DMS A . 
H 5 SO4 1   207 1   SO4 SO4 A . 
I 6 HOH 1   301 227 HOH HOH A . 
I 6 HOH 2   302 238 HOH HOH A . 
I 6 HOH 3   303 137 HOH HOH A . 
I 6 HOH 4   304 94  HOH HOH A . 
I 6 HOH 5   305 250 HOH HOH A . 
I 6 HOH 6   306 3   HOH HOH A . 
I 6 HOH 7   307 245 HOH HOH A . 
I 6 HOH 8   308 150 HOH HOH A . 
I 6 HOH 9   309 217 HOH HOH A . 
I 6 HOH 10  310 215 HOH HOH A . 
I 6 HOH 11  311 34  HOH HOH A . 
I 6 HOH 12  312 108 HOH HOH A . 
I 6 HOH 13  313 186 HOH HOH A . 
I 6 HOH 14  314 148 HOH HOH A . 
I 6 HOH 15  315 183 HOH HOH A . 
I 6 HOH 16  316 77  HOH HOH A . 
I 6 HOH 17  317 248 HOH HOH A . 
I 6 HOH 18  318 131 HOH HOH A . 
I 6 HOH 19  319 173 HOH HOH A . 
I 6 HOH 20  320 68  HOH HOH A . 
I 6 HOH 21  321 193 HOH HOH A . 
I 6 HOH 22  322 147 HOH HOH A . 
I 6 HOH 23  323 181 HOH HOH A . 
I 6 HOH 24  324 219 HOH HOH A . 
I 6 HOH 25  325 180 HOH HOH A . 
I 6 HOH 26  326 249 HOH HOH A . 
I 6 HOH 27  327 16  HOH HOH A . 
I 6 HOH 28  328 79  HOH HOH A . 
I 6 HOH 29  329 191 HOH HOH A . 
I 6 HOH 30  330 103 HOH HOH A . 
I 6 HOH 31  331 107 HOH HOH A . 
I 6 HOH 32  332 4   HOH HOH A . 
I 6 HOH 33  333 152 HOH HOH A . 
I 6 HOH 34  334 59  HOH HOH A . 
I 6 HOH 35  335 205 HOH HOH A . 
I 6 HOH 36  336 116 HOH HOH A . 
I 6 HOH 37  337 30  HOH HOH A . 
I 6 HOH 38  338 46  HOH HOH A . 
I 6 HOH 39  339 104 HOH HOH A . 
I 6 HOH 40  340 97  HOH HOH A . 
I 6 HOH 41  341 109 HOH HOH A . 
I 6 HOH 42  342 47  HOH HOH A . 
I 6 HOH 43  343 133 HOH HOH A . 
I 6 HOH 44  344 195 HOH HOH A . 
I 6 HOH 45  345 37  HOH HOH A . 
I 6 HOH 46  346 124 HOH HOH A . 
I 6 HOH 47  347 60  HOH HOH A . 
I 6 HOH 48  348 57  HOH HOH A . 
I 6 HOH 49  349 21  HOH HOH A . 
I 6 HOH 50  350 67  HOH HOH A . 
I 6 HOH 51  351 7   HOH HOH A . 
I 6 HOH 52  352 72  HOH HOH A . 
I 6 HOH 53  353 13  HOH HOH A . 
I 6 HOH 54  354 121 HOH HOH A . 
I 6 HOH 55  355 29  HOH HOH A . 
I 6 HOH 56  356 211 HOH HOH A . 
I 6 HOH 57  357 178 HOH HOH A . 
I 6 HOH 58  358 216 HOH HOH A . 
I 6 HOH 59  359 91  HOH HOH A . 
I 6 HOH 60  360 25  HOH HOH A . 
I 6 HOH 61  361 33  HOH HOH A . 
I 6 HOH 62  362 168 HOH HOH A . 
I 6 HOH 63  363 234 HOH HOH A . 
I 6 HOH 64  364 2   HOH HOH A . 
I 6 HOH 65  365 9   HOH HOH A . 
I 6 HOH 66  366 169 HOH HOH A . 
I 6 HOH 67  367 126 HOH HOH A . 
I 6 HOH 68  368 70  HOH HOH A . 
I 6 HOH 69  369 53  HOH HOH A . 
I 6 HOH 70  370 36  HOH HOH A . 
I 6 HOH 71  371 167 HOH HOH A . 
I 6 HOH 72  372 24  HOH HOH A . 
I 6 HOH 73  373 81  HOH HOH A . 
I 6 HOH 74  374 27  HOH HOH A . 
I 6 HOH 75  375 204 HOH HOH A . 
I 6 HOH 76  376 43  HOH HOH A . 
I 6 HOH 77  377 28  HOH HOH A . 
I 6 HOH 78  378 52  HOH HOH A . 
I 6 HOH 79  379 62  HOH HOH A . 
I 6 HOH 80  380 113 HOH HOH A . 
I 6 HOH 81  381 71  HOH HOH A . 
I 6 HOH 82  382 26  HOH HOH A . 
I 6 HOH 83  383 90  HOH HOH A . 
I 6 HOH 84  384 88  HOH HOH A . 
I 6 HOH 85  385 19  HOH HOH A . 
I 6 HOH 86  386 49  HOH HOH A . 
I 6 HOH 87  387 48  HOH HOH A . 
I 6 HOH 88  388 39  HOH HOH A . 
I 6 HOH 89  389 100 HOH HOH A . 
I 6 HOH 90  390 50  HOH HOH A . 
I 6 HOH 91  391 111 HOH HOH A . 
I 6 HOH 92  392 84  HOH HOH A . 
I 6 HOH 93  393 45  HOH HOH A . 
I 6 HOH 94  394 63  HOH HOH A . 
I 6 HOH 95  395 12  HOH HOH A . 
I 6 HOH 96  396 179 HOH HOH A . 
I 6 HOH 97  397 82  HOH HOH A . 
I 6 HOH 98  398 138 HOH HOH A . 
I 6 HOH 99  399 161 HOH HOH A . 
I 6 HOH 100 400 55  HOH HOH A . 
I 6 HOH 101 401 182 HOH HOH A . 
I 6 HOH 102 402 42  HOH HOH A . 
I 6 HOH 103 403 8   HOH HOH A . 
I 6 HOH 104 404 112 HOH HOH A . 
I 6 HOH 105 405 5   HOH HOH A . 
I 6 HOH 106 406 155 HOH HOH A . 
I 6 HOH 107 407 17  HOH HOH A . 
I 6 HOH 108 408 177 HOH HOH A . 
I 6 HOH 109 409 106 HOH HOH A . 
I 6 HOH 110 410 78  HOH HOH A . 
I 6 HOH 111 411 14  HOH HOH A . 
I 6 HOH 112 412 212 HOH HOH A . 
I 6 HOH 113 413 20  HOH HOH A . 
I 6 HOH 114 414 15  HOH HOH A . 
I 6 HOH 115 415 120 HOH HOH A . 
I 6 HOH 116 416 141 HOH HOH A . 
I 6 HOH 117 417 96  HOH HOH A . 
I 6 HOH 118 418 144 HOH HOH A . 
I 6 HOH 119 419 174 HOH HOH A . 
I 6 HOH 120 420 95  HOH HOH A . 
I 6 HOH 121 421 66  HOH HOH A . 
I 6 HOH 122 422 18  HOH HOH A . 
I 6 HOH 123 423 54  HOH HOH A . 
I 6 HOH 124 424 132 HOH HOH A . 
I 6 HOH 125 425 170 HOH HOH A . 
I 6 HOH 126 426 64  HOH HOH A . 
I 6 HOH 127 427 31  HOH HOH A . 
I 6 HOH 128 428 105 HOH HOH A . 
I 6 HOH 129 429 110 HOH HOH A . 
I 6 HOH 130 430 102 HOH HOH A . 
I 6 HOH 131 431 198 HOH HOH A . 
I 6 HOH 132 432 38  HOH HOH A . 
I 6 HOH 133 433 11  HOH HOH A . 
I 6 HOH 134 434 76  HOH HOH A . 
I 6 HOH 135 435 58  HOH HOH A . 
I 6 HOH 136 436 119 HOH HOH A . 
I 6 HOH 137 437 35  HOH HOH A . 
I 6 HOH 138 438 51  HOH HOH A . 
I 6 HOH 139 439 80  HOH HOH A . 
I 6 HOH 140 440 214 HOH HOH A . 
I 6 HOH 141 441 40  HOH HOH A . 
I 6 HOH 142 442 176 HOH HOH A . 
I 6 HOH 143 443 118 HOH HOH A . 
I 6 HOH 144 444 136 HOH HOH A . 
I 6 HOH 145 445 23  HOH HOH A . 
I 6 HOH 146 446 203 HOH HOH A . 
I 6 HOH 147 447 41  HOH HOH A . 
I 6 HOH 148 448 10  HOH HOH A . 
I 6 HOH 149 449 146 HOH HOH A . 
I 6 HOH 150 450 197 HOH HOH A . 
I 6 HOH 151 451 123 HOH HOH A . 
I 6 HOH 152 452 69  HOH HOH A . 
I 6 HOH 153 453 89  HOH HOH A . 
I 6 HOH 154 454 6   HOH HOH A . 
I 6 HOH 155 455 220 HOH HOH A . 
I 6 HOH 156 456 171 HOH HOH A . 
I 6 HOH 157 457 224 HOH HOH A . 
I 6 HOH 158 458 159 HOH HOH A . 
I 6 HOH 159 459 61  HOH HOH A . 
I 6 HOH 160 460 192 HOH HOH A . 
I 6 HOH 161 461 74  HOH HOH A . 
I 6 HOH 162 462 210 HOH HOH A . 
I 6 HOH 163 463 156 HOH HOH A . 
I 6 HOH 164 464 246 HOH HOH A . 
I 6 HOH 165 465 230 HOH HOH A . 
I 6 HOH 166 466 135 HOH HOH A . 
I 6 HOH 167 467 200 HOH HOH A . 
I 6 HOH 168 468 101 HOH HOH A . 
I 6 HOH 169 469 218 HOH HOH A . 
I 6 HOH 170 470 128 HOH HOH A . 
I 6 HOH 171 471 237 HOH HOH A . 
I 6 HOH 172 472 233 HOH HOH A . 
I 6 HOH 173 473 22  HOH HOH A . 
I 6 HOH 174 474 247 HOH HOH A . 
I 6 HOH 175 475 93  HOH HOH A . 
I 6 HOH 176 476 65  HOH HOH A . 
I 6 HOH 177 477 213 HOH HOH A . 
I 6 HOH 178 478 98  HOH HOH A . 
I 6 HOH 179 479 231 HOH HOH A . 
I 6 HOH 180 480 117 HOH HOH A . 
I 6 HOH 181 481 158 HOH HOH A . 
I 6 HOH 182 482 154 HOH HOH A . 
I 6 HOH 183 483 175 HOH HOH A . 
I 6 HOH 184 484 151 HOH HOH A . 
I 6 HOH 185 485 228 HOH HOH A . 
I 6 HOH 186 486 162 HOH HOH A . 
I 6 HOH 187 487 127 HOH HOH A . 
I 6 HOH 188 488 207 HOH HOH A . 
I 6 HOH 189 489 239 HOH HOH A . 
I 6 HOH 190 490 87  HOH HOH A . 
I 6 HOH 191 491 201 HOH HOH A . 
I 6 HOH 192 492 99  HOH HOH A . 
I 6 HOH 193 493 190 HOH HOH A . 
I 6 HOH 194 494 134 HOH HOH A . 
I 6 HOH 195 495 140 HOH HOH A . 
I 6 HOH 196 496 240 HOH HOH A . 
I 6 HOH 197 497 232 HOH HOH A . 
I 6 HOH 198 498 157 HOH HOH A . 
I 6 HOH 199 499 229 HOH HOH A . 
I 6 HOH 200 500 189 HOH HOH A . 
I 6 HOH 201 501 172 HOH HOH A . 
I 6 HOH 202 502 225 HOH HOH A . 
I 6 HOH 203 503 86  HOH HOH A . 
I 6 HOH 204 504 223 HOH HOH A . 
I 6 HOH 205 505 73  HOH HOH A . 
I 6 HOH 206 506 163 HOH HOH A . 
I 6 HOH 207 507 83  HOH HOH A . 
I 6 HOH 208 508 32  HOH HOH A . 
I 6 HOH 209 509 226 HOH HOH A . 
I 6 HOH 210 510 122 HOH HOH A . 
I 6 HOH 211 511 85  HOH HOH A . 
I 6 HOH 212 512 185 HOH HOH A . 
I 6 HOH 213 513 202 HOH HOH A . 
I 6 HOH 214 514 221 HOH HOH A . 
I 6 HOH 215 515 165 HOH HOH A . 
I 6 HOH 216 516 56  HOH HOH A . 
I 6 HOH 217 517 142 HOH HOH A . 
I 6 HOH 218 518 208 HOH HOH A . 
I 6 HOH 219 519 236 HOH HOH A . 
I 6 HOH 220 520 209 HOH HOH A . 
I 6 HOH 221 521 187 HOH HOH A . 
I 6 HOH 222 522 199 HOH HOH A . 
I 6 HOH 223 523 75  HOH HOH A . 
I 6 HOH 224 524 129 HOH HOH A . 
I 6 HOH 225 525 114 HOH HOH A . 
I 6 HOH 226 526 235 HOH HOH A . 
I 6 HOH 227 527 206 HOH HOH A . 
I 6 HOH 228 528 153 HOH HOH A . 
I 6 HOH 229 529 241 HOH HOH A . 
I 6 HOH 230 530 222 HOH HOH A . 
I 6 HOH 231 531 92  HOH HOH A . 
I 6 HOH 232 532 125 HOH HOH A . 
I 6 HOH 233 533 243 HOH HOH A . 
I 6 HOH 234 534 242 HOH HOH A . 
I 6 HOH 235 535 164 HOH HOH A . 
I 6 HOH 236 536 160 HOH HOH A . 
I 6 HOH 237 537 244 HOH HOH A . 
# 
loop_
_software.classification 
_software.name 
_software.version 
_software.citation_id 
_software.pdbx_ordinal 
refinement       REFMAC  5.8.0267 ? 1 
refinement       REFMAC5 .        ? 2 
'data scaling'   Aimless .        ? 3 
phasing          PHASER  .        ? 4 
'data reduction' XDS     .        ? 5 
# 
_cell.entry_id           7H3Z 
_cell.length_a           86.088 
_cell.length_b           56.539 
_cell.length_c           32.421 
_cell.angle_alpha        90.00 
_cell.angle_beta         95.26 
_cell.angle_gamma        90.00 
_cell.Z_PDB              4 
_cell.pdbx_unique_axis   ? 
# 
_symmetry.entry_id                         7H3Z 
_symmetry.space_group_name_H-M             'C 1 2 1' 
_symmetry.pdbx_full_space_group_name_H-M   ? 
_symmetry.cell_setting                     ? 
_symmetry.Int_Tables_number                5 
# 
_exptl.entry_id          7H3Z 
_exptl.method            'X-RAY DIFFRACTION' 
_exptl.crystals_number   1 
# 
_exptl_crystal.id                    1 
_exptl_crystal.density_meas          ? 
_exptl_crystal.density_Matthews      2.38 
_exptl_crystal.density_percent_sol   48.36 
_exptl_crystal.description           ? 
# 
_exptl_crystal_grow.crystal_id      1 
_exptl_crystal_grow.method          'VAPOR DIFFUSION, SITTING DROP' 
_exptl_crystal_grow.pH              6.05 
_exptl_crystal_grow.temp            293.15 
_exptl_crystal_grow.pdbx_details    '0.1 M MES, pH 6.05, 16 % PEG 20,000' 
_exptl_crystal_grow.temp_details    ? 
_exptl_crystal_grow.pdbx_pH_range   ? 
# 
_diffrn.id                     1 
_diffrn.ambient_temp           100 
_diffrn.crystal_id             1 
_diffrn.ambient_temp_details   ? 
# 
_diffrn_detector.detector               PIXEL 
_diffrn_detector.type                   'DECTRIS EIGER2 XE 16M' 
_diffrn_detector.pdbx_collection_date   2023-10-11 
_diffrn_detector.diffrn_id              1 
_diffrn_detector.details                ? 
# 
_diffrn_radiation.diffrn_id                        1 
_diffrn_radiation.wavelength_id                    1 
_diffrn_radiation.pdbx_diffrn_protocol             'SINGLE WAVELENGTH' 
_diffrn_radiation.pdbx_monochromatic_or_laue_m_l   ? 
_diffrn_radiation.monochromator                    ? 
_diffrn_radiation.pdbx_scattering_type             x-ray 
# 
_diffrn_radiation_wavelength.id           1 
_diffrn_radiation_wavelength.wavelength   0.94054 
_diffrn_radiation_wavelength.wt           1.0 
# 
_diffrn_source.diffrn_id                   1 
_diffrn_source.source                      SYNCHROTRON 
_diffrn_source.type                        'DIAMOND BEAMLINE I03' 
_diffrn_source.pdbx_wavelength_list        0.94054 
_diffrn_source.pdbx_synchrotron_site       Diamond 
_diffrn_source.pdbx_synchrotron_beamline   I03 
_diffrn_source.pdbx_wavelength             ? 
# 
_reflns.entry_id                     7H3Z 
_reflns.pdbx_diffrn_id               1 
_reflns.pdbx_ordinal                 1 
_reflns.d_resolution_low             47.19 
_reflns.d_resolution_high            1.19 
_reflns.number_obs                   49334 
_reflns.percent_possible_obs         99.4 
_reflns.pdbx_Rmerge_I_obs            0.135 
_reflns.pdbx_netI_over_sigmaI        9.2 
_reflns.pdbx_redundancy              6.8 
_reflns.pdbx_Rrim_I_all              0.146 
_reflns.pdbx_Rpim_I_all              0.055 
_reflns.pdbx_CC_half                 0.998 
_reflns.pdbx_number_measured_all     336355 
_reflns.pdbx_chi_squared             0.67 
_reflns.observed_criterion_sigma_I   ? 
_reflns.observed_criterion_sigma_F   ? 
_reflns.number_all                   ? 
_reflns.pdbx_Rsym_value              ? 
_reflns.B_iso_Wilson_estimate        ? 
# 
_reflns_shell.pdbx_diffrn_id              1 
_reflns_shell.pdbx_ordinal                1 
_reflns_shell.d_res_high                  1.19 
_reflns_shell.d_res_low                   1.21 
_reflns_shell.number_measured_all         16503 
_reflns_shell.number_unique_obs           2446 
_reflns_shell.Rmerge_I_obs                2.732 
_reflns_shell.pdbx_chi_squared            0.30 
_reflns_shell.pdbx_redundancy             6.7 
_reflns_shell.percent_possible_obs        98.9 
_reflns_shell.pdbx_netI_over_sigmaI_obs   0.7 
_reflns_shell.pdbx_Rrim_I_all             2.965 
_reflns_shell.pdbx_Rpim_I_all             1.137 
_reflns_shell.pdbx_CC_half                0.369 
_reflns_shell.percent_possible_all        ? 
_reflns_shell.pdbx_Rsym_value             ? 
_reflns_shell.meanI_over_sigI_obs         ? 
# 
_refine.pdbx_refine_id                           'X-RAY DIFFRACTION' 
_refine.entry_id                                 7H3Z 
_refine.pdbx_diffrn_id                           1 
_refine.pdbx_TLS_residual_ADP_flag               ? 
_refine.ls_number_reflns_obs                     46757 
_refine.ls_number_reflns_all                     ? 
_refine.pdbx_ls_sigma_I                          ? 
_refine.pdbx_ls_sigma_F                          ? 
_refine.pdbx_data_cutoff_high_absF               ? 
_refine.pdbx_data_cutoff_low_absF                ? 
_refine.pdbx_data_cutoff_high_rms_absF           ? 
_refine.ls_d_res_low                             47.20 
_refine.ls_d_res_high                            1.19 
_refine.ls_percent_reflns_obs                    99.02 
_refine.ls_R_factor_obs                          0.17392 
_refine.ls_R_factor_all                          ? 
_refine.ls_R_factor_R_work                       0.17311 
_refine.ls_R_factor_R_free                       0.18889 
_refine.ls_R_factor_R_free_error                 ? 
_refine.ls_R_factor_R_free_error_details         ? 
_refine.ls_percent_reflns_R_free                 4.9 
_refine.ls_number_reflns_R_free                  2406 
_refine.ls_number_parameters                     ? 
_refine.ls_number_restraints                     ? 
_refine.occupancy_min                            ? 
_refine.occupancy_max                            ? 
_refine.correlation_coeff_Fo_to_Fc               0.976 
_refine.correlation_coeff_Fo_to_Fc_free          0.970 
_refine.B_iso_mean                               16.172 
_refine.aniso_B[1][1]                            -0.06 
_refine.aniso_B[2][2]                            0.41 
_refine.aniso_B[3][3]                            -0.27 
_refine.aniso_B[1][2]                            0.00 
_refine.aniso_B[1][3]                            -0.42 
_refine.aniso_B[2][3]                            -0.00 
_refine.solvent_model_details                    MASK 
_refine.solvent_model_param_ksol                 ? 
_refine.solvent_model_param_bsol                 ? 
_refine.pdbx_solvent_vdw_probe_radii             1.20 
_refine.pdbx_solvent_ion_probe_radii             0.80 
_refine.pdbx_solvent_shrinkage_radii             0.80 
_refine.pdbx_ls_cross_valid_method               THROUGHOUT 
_refine.details                                  'HYDROGENS HAVE BEEN ADDED IN THE RIDING POSITIONS' 
_refine.pdbx_starting_model                      ? 
_refine.pdbx_method_to_determine_struct          'MOLECULAR REPLACEMENT' 
_refine.pdbx_isotropic_thermal_model             ? 
_refine.pdbx_stereochemistry_target_values       'MAXIMUM LIKELIHOOD' 
_refine.pdbx_stereochem_target_val_spec_case     ? 
_refine.pdbx_R_Free_selection_details            RANDOM 
_refine.pdbx_overall_ESU_R                       0.039 
_refine.pdbx_overall_ESU_R_Free                  0.040 
_refine.overall_SU_ML                            ? 
_refine.pdbx_overall_phase_error                 ? 
_refine.overall_SU_B                             ? 
_refine.overall_SU_R_Cruickshank_DPI             ? 
_refine.pdbx_overall_SU_R_free_Cruickshank_DPI   ? 
_refine.pdbx_overall_SU_R_Blow_DPI               ? 
_refine.pdbx_overall_SU_R_free_Blow_DPI          ? 
# 
_refine_hist.pdbx_refine_id                   'X-RAY DIFFRACTION' 
_refine_hist.cycle_id                         1 
_refine_hist.pdbx_number_atoms_protein        1083 
_refine_hist.pdbx_number_atoms_nucleic_acid   0 
_refine_hist.pdbx_number_atoms_ligand         33 
_refine_hist.number_atoms_solvent             237 
_refine_hist.number_atoms_total               1353 
_refine_hist.d_res_high                       1.19 
_refine_hist.d_res_low                        47.20 
# 
loop_
_refine_ls_restr.type 
_refine_ls_restr.dev_ideal 
_refine_ls_restr.dev_ideal_target 
_refine_ls_restr.weight 
_refine_ls_restr.number 
_refine_ls_restr.pdbx_refine_id 
_refine_ls_restr.pdbx_restraint_function 
r_bond_refined_d             0.014  0.013  ? 1278 'X-RAY DIFFRACTION' ? 
r_bond_other_d               0.036  0.014  ? 1071 'X-RAY DIFFRACTION' ? 
r_angle_refined_deg          2.065  1.639  ? 1668 'X-RAY DIFFRACTION' ? 
r_angle_other_deg            2.440  1.592  ? 2461 'X-RAY DIFFRACTION' ? 
r_dihedral_angle_1_deg       6.733  5.000  ? 157  'X-RAY DIFFRACTION' ? 
r_dihedral_angle_2_deg       33.521 21.385 ? 65   'X-RAY DIFFRACTION' ? 
r_dihedral_angle_3_deg       12.561 15.000 ? 175  'X-RAY DIFFRACTION' ? 
r_dihedral_angle_4_deg       24.160 15.000 ? 9    'X-RAY DIFFRACTION' ? 
r_chiral_restr               0.112  0.200  ? 148  'X-RAY DIFFRACTION' ? 
r_gen_planes_refined         0.013  0.020  ? 1513 'X-RAY DIFFRACTION' ? 
r_gen_planes_other           0.021  0.020  ? 301  'X-RAY DIFFRACTION' ? 
r_nbd_refined                ?      ?      ? ?    'X-RAY DIFFRACTION' ? 
r_nbd_other                  ?      ?      ? ?    'X-RAY DIFFRACTION' ? 
r_nbtor_refined              ?      ?      ? ?    'X-RAY DIFFRACTION' ? 
r_nbtor_other                ?      ?      ? ?    'X-RAY DIFFRACTION' ? 
r_xyhbond_nbd_refined        ?      ?      ? ?    'X-RAY DIFFRACTION' ? 
r_xyhbond_nbd_other          ?      ?      ? ?    'X-RAY DIFFRACTION' ? 
r_metal_ion_refined          ?      ?      ? ?    'X-RAY DIFFRACTION' ? 
r_metal_ion_other            ?      ?      ? ?    'X-RAY DIFFRACTION' ? 
r_symmetry_vdw_refined       ?      ?      ? ?    'X-RAY DIFFRACTION' ? 
r_symmetry_vdw_other         ?      ?      ? ?    'X-RAY DIFFRACTION' ? 
r_symmetry_hbond_refined     ?      ?      ? ?    'X-RAY DIFFRACTION' ? 
r_symmetry_hbond_other       ?      ?      ? ?    'X-RAY DIFFRACTION' ? 
r_symmetry_metal_ion_refined ?      ?      ? ?    'X-RAY DIFFRACTION' ? 
r_symmetry_metal_ion_other   ?      ?      ? ?    'X-RAY DIFFRACTION' ? 
r_mcbond_it                  1.399  1.424  ? 635  'X-RAY DIFFRACTION' ? 
r_mcbond_other               1.404  1.413  ? 630  'X-RAY DIFFRACTION' ? 
r_mcangle_it                 2.123  2.111  ? 769  'X-RAY DIFFRACTION' ? 
r_mcangle_other              2.134  2.120  ? 770  'X-RAY DIFFRACTION' ? 
r_scbond_it                  2.271  1.726  ? 639  'X-RAY DIFFRACTION' ? 
r_scbond_other               2.270  1.730  ? 640  'X-RAY DIFFRACTION' ? 
r_scangle_it                 ?      ?      ? ?    'X-RAY DIFFRACTION' ? 
r_scangle_other              3.187  2.465  ? 894  'X-RAY DIFFRACTION' ? 
r_long_range_B_refined       5.221  19.430 ? 1448 'X-RAY DIFFRACTION' ? 
r_long_range_B_other         5.229  19.462 ? 1449 'X-RAY DIFFRACTION' ? 
r_rigid_bond_restr           ?      ?      ? ?    'X-RAY DIFFRACTION' ? 
r_sphericity_free            ?      ?      ? ?    'X-RAY DIFFRACTION' ? 
r_sphericity_bonded          ?      ?      ? ?    'X-RAY DIFFRACTION' ? 
# 
_refine_ls_shell.pdbx_refine_id                   'X-RAY DIFFRACTION' 
_refine_ls_shell.pdbx_total_number_of_bins_used   20 
_refine_ls_shell.d_res_high                       1.190 
_refine_ls_shell.d_res_low                        1.221 
_refine_ls_shell.number_reflns_R_work             3390 
_refine_ls_shell.R_factor_R_work                  0.317 
_refine_ls_shell.percent_reflns_obs               98.02 
_refine_ls_shell.R_factor_R_free                  0.339 
_refine_ls_shell.R_factor_R_free_error            ? 
_refine_ls_shell.percent_reflns_R_free            ? 
_refine_ls_shell.number_reflns_R_free             174 
_refine_ls_shell.number_reflns_all                ? 
_refine_ls_shell.R_factor_all                     ? 
# 
_struct.entry_id                  7H3Z 
_struct.title                     
;Group deposition for crystallographic fragment screening of Coxsackievirus A16 (G-10) 2A protease -- Crystal structure of Coxsackievirus A16 (G-10) 2A protease in complex with Z1216861874 (A71EV2A-x0525)
;
_struct.pdbx_model_details        ? 
_struct.pdbx_CASP_flag            ? 
_struct.pdbx_model_type_details   ? 
# 
_struct_keywords.entry_id        7H3Z 
_struct_keywords.pdbx_keywords   HYDROLASE 
_struct_keywords.text            
;Diamond Light Source, I03, ASAP, Coxsackievirus A16, crystallographic fragment screening, PanDDA, Pandda2, XChemExplorer, viral protein, HYDROLASE
;
# 
loop_
_struct_asym.id 
_struct_asym.pdbx_blank_PDB_chainid_flag 
_struct_asym.pdbx_modified 
_struct_asym.entity_id 
_struct_asym.details 
A N N 1 ? 
B N N 2 ? 
C N N 3 ? 
D N N 4 ? 
E N N 4 ? 
F N N 4 ? 
G N N 4 ? 
H N N 5 ? 
I N N 6 ? 
# 
_struct_ref.id                         1 
_struct_ref.db_name                    UNP 
_struct_ref.db_code                    POLG_CX16G 
_struct_ref.pdbx_db_accession          Q65900 
_struct_ref.pdbx_db_isoform            ? 
_struct_ref.entity_id                  1 
_struct_ref.pdbx_seq_one_letter_code   
;SGAIYVGNYRVVNRHLATHNDWANLVWEDSSRDLLVSSTTAQGCDTIARCDCQTGVYYCSSRRKHYPVSFSKPSLIFVEA
SEYYPARYQSHLMLAVGHSEPGDCGGILRCQHGVVGIVSTGGNGLVGFADVRDLLWLDEEAMEQ
;
_struct_ref.pdbx_align_begin           869 
# 
_struct_ref_seq.align_id                      1 
_struct_ref_seq.ref_id                        1 
_struct_ref_seq.pdbx_PDB_id_code              7H3Z 
_struct_ref_seq.pdbx_strand_id                A 
_struct_ref_seq.seq_align_beg                 7 
_struct_ref_seq.pdbx_seq_align_beg_ins_code   ? 
_struct_ref_seq.seq_align_end                 150 
_struct_ref_seq.pdbx_seq_align_end_ins_code   ? 
_struct_ref_seq.pdbx_db_accession             Q65900 
_struct_ref_seq.db_align_beg                  869 
_struct_ref_seq.pdbx_db_align_beg_ins_code    ? 
_struct_ref_seq.db_align_end                  1012 
_struct_ref_seq.pdbx_db_align_end_ins_code    ? 
_struct_ref_seq.pdbx_auth_seq_align_beg       7 
_struct_ref_seq.pdbx_auth_seq_align_end       150 
# 
loop_
_struct_ref_seq_dif.align_id 
_struct_ref_seq_dif.pdbx_pdb_id_code 
_struct_ref_seq_dif.mon_id 
_struct_ref_seq_dif.pdbx_pdb_strand_id 
_struct_ref_seq_dif.seq_num 
_struct_ref_seq_dif.pdbx_pdb_ins_code 
_struct_ref_seq_dif.pdbx_seq_db_name 
_struct_ref_seq_dif.pdbx_seq_db_accession_code 
_struct_ref_seq_dif.db_mon_id 
_struct_ref_seq_dif.pdbx_seq_db_seq_num 
_struct_ref_seq_dif.details 
_struct_ref_seq_dif.pdbx_auth_seq_num 
_struct_ref_seq_dif.pdbx_ordinal 
1 7H3Z GLN A 1 ? UNP Q65900 ? ? 'expression tag' 1 1 
1 7H3Z GLU A 2 ? UNP Q65900 ? ? 'expression tag' 2 2 
1 7H3Z GLN A 3 ? UNP Q65900 ? ? 'expression tag' 3 3 
1 7H3Z THR A 4 ? UNP Q65900 ? ? 'expression tag' 4 4 
1 7H3Z GLY A 5 ? UNP Q65900 ? ? 'expression tag' 5 5 
1 7H3Z GLY A 6 ? UNP Q65900 ? ? 'expression tag' 6 6 
# 
_pdbx_struct_assembly.id                   1 
_pdbx_struct_assembly.details              author_and_software_defined_assembly 
_pdbx_struct_assembly.method_details       PISA 
_pdbx_struct_assembly.oligomeric_details   monomeric 
_pdbx_struct_assembly.oligomeric_count     1 
# 
loop_
_pdbx_struct_assembly_prop.biol_id 
_pdbx_struct_assembly_prop.type 
_pdbx_struct_assembly_prop.value 
_pdbx_struct_assembly_prop.details 
1 'ABSA (A^2)' 690  ? 
1 MORE         -6   ? 
1 'SSA (A^2)'  7430 ? 
# 
_pdbx_struct_assembly_gen.assembly_id       1 
_pdbx_struct_assembly_gen.oper_expression   1 
_pdbx_struct_assembly_gen.asym_id_list      A,B,C,D,E,F,G,H,I 
# 
_pdbx_struct_oper_list.id                   1 
_pdbx_struct_oper_list.type                 'identity operation' 
_pdbx_struct_oper_list.name                 1_555 
_pdbx_struct_oper_list.symmetry_operation   x,y,z 
_pdbx_struct_oper_list.matrix[1][1]         1.0000000000 
_pdbx_struct_oper_list.matrix[1][2]         0.0000000000 
_pdbx_struct_oper_list.matrix[1][3]         0.0000000000 
_pdbx_struct_oper_list.vector[1]            0.0000000000 
_pdbx_struct_oper_list.matrix[2][1]         0.0000000000 
_pdbx_struct_oper_list.matrix[2][2]         1.0000000000 
_pdbx_struct_oper_list.matrix[2][3]         0.0000000000 
_pdbx_struct_oper_list.vector[2]            0.0000000000 
_pdbx_struct_oper_list.matrix[3][1]         0.0000000000 
_pdbx_struct_oper_list.matrix[3][2]         0.0000000000 
_pdbx_struct_oper_list.matrix[3][3]         1.0000000000 
_pdbx_struct_oper_list.vector[3]            0.0000000000 
# 
loop_
_struct_conf.conf_type_id 
_struct_conf.id 
_struct_conf.pdbx_PDB_helix_id 
_struct_conf.beg_label_comp_id 
_struct_conf.beg_label_asym_id 
_struct_conf.beg_label_seq_id 
_struct_conf.pdbx_beg_PDB_ins_code 
_struct_conf.end_label_comp_id 
_struct_conf.end_label_asym_id 
_struct_conf.end_label_seq_id 
_struct_conf.pdbx_end_PDB_ins_code 
_struct_conf.beg_auth_comp_id 
_struct_conf.beg_auth_asym_id 
_struct_conf.beg_auth_seq_id 
_struct_conf.end_auth_comp_id 
_struct_conf.end_auth_asym_id 
_struct_conf.end_auth_seq_id 
_struct_conf.pdbx_PDB_helix_class 
_struct_conf.details 
_struct_conf.pdbx_PDB_helix_length 
HELX_P HELX_P1 AA1 HIS A 21  ? ALA A 23  ? HIS A 21  ALA A 23  5 ? 3 
HELX_P HELX_P2 AA2 THR A 24  ? ASN A 30  ? THR A 24  ASN A 30  1 ? 7 
HELX_P HELX_P3 AA3 SER A 36  ? ARG A 38  ? SER A 36  ARG A 38  5 ? 3 
HELX_P HELX_P4 AA4 SER A 66  ? ARG A 69  ? SER A 66  ARG A 69  5 ? 4 
HELX_P HELX_P5 AA5 GLU A 106 ? CYS A 110 ? GLU A 106 CYS A 110 5 ? 5 
HELX_P HELX_P6 AA6 LEU A 140 ? GLU A 145 ? LEU A 140 GLU A 145 5 ? 6 
# 
_struct_conf_type.id          HELX_P 
_struct_conf_type.criteria    ? 
_struct_conf_type.reference   ? 
# 
loop_
_struct_conn.id 
_struct_conn.conn_type_id 
_struct_conn.pdbx_leaving_atom_flag 
_struct_conn.pdbx_PDB_id 
_struct_conn.ptnr1_label_asym_id 
_struct_conn.ptnr1_label_comp_id 
_struct_conn.ptnr1_label_seq_id 
_struct_conn.ptnr1_label_atom_id 
_struct_conn.pdbx_ptnr1_label_alt_id 
_struct_conn.pdbx_ptnr1_PDB_ins_code 
_struct_conn.pdbx_ptnr1_standard_comp_id 
_struct_conn.ptnr1_symmetry 
_struct_conn.ptnr2_label_asym_id 
_struct_conn.ptnr2_label_comp_id 
_struct_conn.ptnr2_label_seq_id 
_struct_conn.ptnr2_label_atom_id 
_struct_conn.pdbx_ptnr2_label_alt_id 
_struct_conn.pdbx_ptnr2_PDB_ins_code 
_struct_conn.ptnr1_auth_asym_id 
_struct_conn.ptnr1_auth_comp_id 
_struct_conn.ptnr1_auth_seq_id 
_struct_conn.ptnr2_auth_asym_id 
_struct_conn.ptnr2_auth_comp_id 
_struct_conn.ptnr2_auth_seq_id 
_struct_conn.ptnr2_symmetry 
_struct_conn.pdbx_ptnr3_label_atom_id 
_struct_conn.pdbx_ptnr3_label_seq_id 
_struct_conn.pdbx_ptnr3_label_comp_id 
_struct_conn.pdbx_ptnr3_label_asym_id 
_struct_conn.pdbx_ptnr3_label_alt_id 
_struct_conn.pdbx_ptnr3_PDB_ins_code 
_struct_conn.details 
_struct_conn.pdbx_dist_value 
_struct_conn.pdbx_value_order 
_struct_conn.pdbx_role 
metalc1 metalc ? ? A CYS 56  SG  ? ? ? 1_555 C ZN . ZN ? ? A CYS 56  A ZN 202 1_555 ? ? ? ? ? ? ? 2.312 ? ? 
metalc2 metalc ? ? A CYS 58  SG  ? ? ? 1_555 C ZN . ZN ? ? A CYS 58  A ZN 202 1_555 ? ? ? ? ? ? ? 2.309 ? ? 
metalc3 metalc ? ? A CYS 116 SG  ? ? ? 1_555 C ZN . ZN ? ? A CYS 116 A ZN 202 1_555 ? ? ? ? ? ? ? 2.290 ? ? 
metalc4 metalc ? ? A HIS 118 ND1 ? ? ? 1_555 C ZN . ZN ? ? A HIS 118 A ZN 202 1_555 ? ? ? ? ? ? ? 2.049 ? ? 
# 
_struct_conn_type.id          metalc 
_struct_conn_type.criteria    ? 
_struct_conn_type.reference   ? 
# 
loop_
_pdbx_struct_conn_angle.id 
_pdbx_struct_conn_angle.ptnr1_label_atom_id 
_pdbx_struct_conn_angle.ptnr1_label_alt_id 
_pdbx_struct_conn_angle.ptnr1_label_asym_id 
_pdbx_struct_conn_angle.ptnr1_label_comp_id 
_pdbx_struct_conn_angle.ptnr1_label_seq_id 
_pdbx_struct_conn_angle.ptnr1_auth_atom_id 
_pdbx_struct_conn_angle.ptnr1_auth_asym_id 
_pdbx_struct_conn_angle.ptnr1_auth_comp_id 
_pdbx_struct_conn_angle.ptnr1_auth_seq_id 
_pdbx_struct_conn_angle.ptnr1_PDB_ins_code 
_pdbx_struct_conn_angle.ptnr1_symmetry 
_pdbx_struct_conn_angle.ptnr2_label_atom_id 
_pdbx_struct_conn_angle.ptnr2_label_alt_id 
_pdbx_struct_conn_angle.ptnr2_label_asym_id 
_pdbx_struct_conn_angle.ptnr2_label_comp_id 
_pdbx_struct_conn_angle.ptnr2_label_seq_id 
_pdbx_struct_conn_angle.ptnr2_auth_atom_id 
_pdbx_struct_conn_angle.ptnr2_auth_asym_id 
_pdbx_struct_conn_angle.ptnr2_auth_comp_id 
_pdbx_struct_conn_angle.ptnr2_auth_seq_id 
_pdbx_struct_conn_angle.ptnr2_PDB_ins_code 
_pdbx_struct_conn_angle.ptnr2_symmetry 
_pdbx_struct_conn_angle.ptnr3_label_atom_id 
_pdbx_struct_conn_angle.ptnr3_label_alt_id 
_pdbx_struct_conn_angle.ptnr3_label_asym_id 
_pdbx_struct_conn_angle.ptnr3_label_comp_id 
_pdbx_struct_conn_angle.ptnr3_label_seq_id 
_pdbx_struct_conn_angle.ptnr3_auth_atom_id 
_pdbx_struct_conn_angle.ptnr3_auth_asym_id 
_pdbx_struct_conn_angle.ptnr3_auth_comp_id 
_pdbx_struct_conn_angle.ptnr3_auth_seq_id 
_pdbx_struct_conn_angle.ptnr3_PDB_ins_code 
_pdbx_struct_conn_angle.ptnr3_symmetry 
_pdbx_struct_conn_angle.value 
_pdbx_struct_conn_angle.value_esd 
1 SG ? A CYS 56  ? A CYS 56  ? 1_555 ZN ? C ZN . ? A ZN 202 ? 1_555 SG  ? A CYS 58  ? A CYS 58  ? 1_555 109.6 ? 
2 SG ? A CYS 56  ? A CYS 56  ? 1_555 ZN ? C ZN . ? A ZN 202 ? 1_555 SG  ? A CYS 116 ? A CYS 116 ? 1_555 106.5 ? 
3 SG ? A CYS 58  ? A CYS 58  ? 1_555 ZN ? C ZN . ? A ZN 202 ? 1_555 SG  ? A CYS 116 ? A CYS 116 ? 1_555 117.6 ? 
4 SG ? A CYS 56  ? A CYS 56  ? 1_555 ZN ? C ZN . ? A ZN 202 ? 1_555 ND1 ? A HIS 118 ? A HIS 118 ? 1_555 106.2 ? 
5 SG ? A CYS 58  ? A CYS 58  ? 1_555 ZN ? C ZN . ? A ZN 202 ? 1_555 ND1 ? A HIS 118 ? A HIS 118 ? 1_555 100.8 ? 
6 SG ? A CYS 116 ? A CYS 116 ? 1_555 ZN ? C ZN . ? A ZN 202 ? 1_555 ND1 ? A HIS 118 ? A HIS 118 ? 1_555 115.5 ? 
# 
loop_
_struct_sheet.id 
_struct_sheet.type 
_struct_sheet.number_strands 
_struct_sheet.details 
AA1 ? 4 ? 
AA2 ? 7 ? 
# 
loop_
_struct_sheet_order.sheet_id 
_struct_sheet_order.range_id_1 
_struct_sheet_order.range_id_2 
_struct_sheet_order.offset 
_struct_sheet_order.sense 
AA1 1 2 ? anti-parallel 
AA1 2 3 ? anti-parallel 
AA1 3 4 ? anti-parallel 
AA2 1 2 ? anti-parallel 
AA2 2 3 ? anti-parallel 
AA2 3 4 ? anti-parallel 
AA2 4 5 ? anti-parallel 
AA2 5 6 ? anti-parallel 
AA2 6 7 ? anti-parallel 
# 
loop_
_struct_sheet_range.sheet_id 
_struct_sheet_range.id 
_struct_sheet_range.beg_label_comp_id 
_struct_sheet_range.beg_label_asym_id 
_struct_sheet_range.beg_label_seq_id 
_struct_sheet_range.pdbx_beg_PDB_ins_code 
_struct_sheet_range.end_label_comp_id 
_struct_sheet_range.end_label_asym_id 
_struct_sheet_range.end_label_seq_id 
_struct_sheet_range.pdbx_end_PDB_ins_code 
_struct_sheet_range.beg_auth_comp_id 
_struct_sheet_range.beg_auth_asym_id 
_struct_sheet_range.beg_auth_seq_id 
_struct_sheet_range.end_auth_comp_id 
_struct_sheet_range.end_auth_asym_id 
_struct_sheet_range.end_auth_seq_id 
AA1 1 ILE A 10  ? VAL A 12  ? ILE A 10  VAL A 12  
AA1 2 TYR A 15  ? ASN A 19  ? TYR A 15  ASN A 19  
AA1 3 LEU A 40  ? SER A 44  ? LEU A 40  SER A 44  
AA1 4 LEU A 31  ? ASP A 35  ? LEU A 31  ASP A 35  
AA2 1 LYS A 70  ? SER A 75  ? LYS A 70  SER A 75  
AA2 2 THR A 60  ? CYS A 65  ? THR A 60  CYS A 65  
AA2 3 ILE A 113 ? CYS A 116 ? ILE A 113 CYS A 116 
AA2 4 GLY A 119 ? THR A 126 ? GLY A 119 THR A 126 
AA2 5 LEU A 131 ? ASP A 136 ? LEU A 131 ASP A 136 
AA2 6 ARG A 93  ? VAL A 102 ? ARG A 93  VAL A 102 
AA2 7 SER A 80  ? VAL A 84  ? SER A 80  VAL A 84  
# 
loop_
_pdbx_struct_sheet_hbond.sheet_id 
_pdbx_struct_sheet_hbond.range_id_1 
_pdbx_struct_sheet_hbond.range_id_2 
_pdbx_struct_sheet_hbond.range_1_label_atom_id 
_pdbx_struct_sheet_hbond.range_1_label_comp_id 
_pdbx_struct_sheet_hbond.range_1_label_asym_id 
_pdbx_struct_sheet_hbond.range_1_label_seq_id 
_pdbx_struct_sheet_hbond.range_1_PDB_ins_code 
_pdbx_struct_sheet_hbond.range_1_auth_atom_id 
_pdbx_struct_sheet_hbond.range_1_auth_comp_id 
_pdbx_struct_sheet_hbond.range_1_auth_asym_id 
_pdbx_struct_sheet_hbond.range_1_auth_seq_id 
_pdbx_struct_sheet_hbond.range_2_label_atom_id 
_pdbx_struct_sheet_hbond.range_2_label_comp_id 
_pdbx_struct_sheet_hbond.range_2_label_asym_id 
_pdbx_struct_sheet_hbond.range_2_label_seq_id 
_pdbx_struct_sheet_hbond.range_2_PDB_ins_code 
_pdbx_struct_sheet_hbond.range_2_auth_atom_id 
_pdbx_struct_sheet_hbond.range_2_auth_comp_id 
_pdbx_struct_sheet_hbond.range_2_auth_asym_id 
_pdbx_struct_sheet_hbond.range_2_auth_seq_id 
AA1 1 2 N ILE A 10  ? N ILE A 10  O VAL A 17  ? O VAL A 17  
AA1 2 3 N VAL A 18  ? N VAL A 18  O LEU A 41  ? O LEU A 41  
AA1 3 4 O VAL A 42  ? O VAL A 42  N TRP A 33  ? N TRP A 33  
AA2 1 2 O LYS A 70  ? O LYS A 70  N CYS A 65  ? N CYS A 65  
AA2 2 3 N VAL A 62  ? N VAL A 62  O ARG A 115 ? O ARG A 115 
AA2 3 4 N LEU A 114 ? N LEU A 114 O VAL A 121 ? O VAL A 121 
AA2 4 5 N SER A 125 ? N SER A 125 O GLY A 133 ? O GLY A 133 
AA2 5 6 O VAL A 132 ? O VAL A 132 N ALA A 101 ? N ALA A 101 
AA2 6 7 O ARG A 93  ? O ARG A 93  N VAL A 84  ? N VAL A 84  
# 
_pdbx_entry_details.entry_id                   7H3Z 
_pdbx_entry_details.compound_details           ? 
_pdbx_entry_details.source_details             ? 
_pdbx_entry_details.nonpolymer_details         ? 
_pdbx_entry_details.sequence_details           ? 
_pdbx_entry_details.has_ligand_of_interest     ? 
_pdbx_entry_details.has_protein_modification   N 
# 
loop_
_pdbx_validate_close_contact.id 
_pdbx_validate_close_contact.PDB_model_num 
_pdbx_validate_close_contact.auth_atom_id_1 
_pdbx_validate_close_contact.auth_asym_id_1 
_pdbx_validate_close_contact.auth_comp_id_1 
_pdbx_validate_close_contact.auth_seq_id_1 
_pdbx_validate_close_contact.PDB_ins_code_1 
_pdbx_validate_close_contact.label_alt_id_1 
_pdbx_validate_close_contact.auth_atom_id_2 
_pdbx_validate_close_contact.auth_asym_id_2 
_pdbx_validate_close_contact.auth_comp_id_2 
_pdbx_validate_close_contact.auth_seq_id_2 
_pdbx_validate_close_contact.PDB_ins_code_2 
_pdbx_validate_close_contact.label_alt_id_2 
_pdbx_validate_close_contact.dist 
1 1 O   A HOH 317 ? ? O A HOH 463 ? ? 2.12 
2 1 OH  A TYR 94  ? ? O A HOH 301 ? ? 2.13 
3 1 C6  A LQ3 201 ? ? O A HOH 318 ? ? 2.13 
4 1 O   A THR 46  ? ? O A HOH 302 ? ? 2.14 
5 1 CB  A CYS 50  ? ? O A HOH 317 ? ? 2.15 
6 1 O   A HOH 471 ? ? O A HOH 490 ? ? 2.15 
7 1 C1  A LQ3 201 ? ? O A HOH 318 ? ? 2.16 
8 1 OE1 A GLU 106 ? ? O A HOH 303 ? ? 2.16 
# 
loop_
_pdbx_validate_symm_contact.id 
_pdbx_validate_symm_contact.PDB_model_num 
_pdbx_validate_symm_contact.auth_atom_id_1 
_pdbx_validate_symm_contact.auth_asym_id_1 
_pdbx_validate_symm_contact.auth_comp_id_1 
_pdbx_validate_symm_contact.auth_seq_id_1 
_pdbx_validate_symm_contact.PDB_ins_code_1 
_pdbx_validate_symm_contact.label_alt_id_1 
_pdbx_validate_symm_contact.site_symmetry_1 
_pdbx_validate_symm_contact.auth_atom_id_2 
_pdbx_validate_symm_contact.auth_asym_id_2 
_pdbx_validate_symm_contact.auth_comp_id_2 
_pdbx_validate_symm_contact.auth_seq_id_2 
_pdbx_validate_symm_contact.PDB_ins_code_2 
_pdbx_validate_symm_contact.label_alt_id_2 
_pdbx_validate_symm_contact.site_symmetry_2 
_pdbx_validate_symm_contact.dist 
1 1 O3 A SO4 207 ? ? 1_555 O4 A SO4 207 ? ? 2_556 0.69 
2 1 O2 A SO4 207 ? ? 1_555 O2 A SO4 207 ? ? 2_556 1.35 
3 1 S  A SO4 207 ? ? 1_555 O3 A SO4 207 ? ? 2_556 1.65 
4 1 S  A SO4 207 ? ? 1_555 S  A SO4 207 ? ? 2_556 1.81 
5 1 S  A SO4 207 ? ? 1_555 O4 A SO4 207 ? ? 2_556 1.92 
6 1 S  A SO4 207 ? ? 1_555 O2 A SO4 207 ? ? 2_556 2.12 
7 1 O3 A SO4 207 ? ? 1_555 O3 A SO4 207 ? ? 2_556 2.14 
# 
_pdbx_validate_rmsd_bond.id                        1 
_pdbx_validate_rmsd_bond.PDB_model_num             1 
_pdbx_validate_rmsd_bond.auth_atom_id_1            CD 
_pdbx_validate_rmsd_bond.auth_asym_id_1            A 
_pdbx_validate_rmsd_bond.auth_comp_id_1            GLU 
_pdbx_validate_rmsd_bond.auth_seq_id_1             106 
_pdbx_validate_rmsd_bond.PDB_ins_code_1            ? 
_pdbx_validate_rmsd_bond.label_alt_id_1            ? 
_pdbx_validate_rmsd_bond.auth_atom_id_2            OE2 
_pdbx_validate_rmsd_bond.auth_asym_id_2            A 
_pdbx_validate_rmsd_bond.auth_comp_id_2            GLU 
_pdbx_validate_rmsd_bond.auth_seq_id_2             106 
_pdbx_validate_rmsd_bond.PDB_ins_code_2            ? 
_pdbx_validate_rmsd_bond.label_alt_id_2            ? 
_pdbx_validate_rmsd_bond.bond_value                1.185 
_pdbx_validate_rmsd_bond.bond_target_value         1.252 
_pdbx_validate_rmsd_bond.bond_deviation            -0.067 
_pdbx_validate_rmsd_bond.bond_standard_deviation   0.011 
_pdbx_validate_rmsd_bond.linker_flag               N 
# 
_pdbx_validate_rmsd_angle.id                         1 
_pdbx_validate_rmsd_angle.PDB_model_num              1 
_pdbx_validate_rmsd_angle.auth_atom_id_1             NE 
_pdbx_validate_rmsd_angle.auth_asym_id_1             A 
_pdbx_validate_rmsd_angle.auth_comp_id_1             ARG 
_pdbx_validate_rmsd_angle.auth_seq_id_1              93 
_pdbx_validate_rmsd_angle.PDB_ins_code_1             ? 
_pdbx_validate_rmsd_angle.label_alt_id_1             ? 
_pdbx_validate_rmsd_angle.auth_atom_id_2             CZ 
_pdbx_validate_rmsd_angle.auth_asym_id_2             A 
_pdbx_validate_rmsd_angle.auth_comp_id_2             ARG 
_pdbx_validate_rmsd_angle.auth_seq_id_2              93 
_pdbx_validate_rmsd_angle.PDB_ins_code_2             ? 
_pdbx_validate_rmsd_angle.label_alt_id_2             ? 
_pdbx_validate_rmsd_angle.auth_atom_id_3             NH2 
_pdbx_validate_rmsd_angle.auth_asym_id_3             A 
_pdbx_validate_rmsd_angle.auth_comp_id_3             ARG 
_pdbx_validate_rmsd_angle.auth_seq_id_3              93 
_pdbx_validate_rmsd_angle.PDB_ins_code_3             ? 
_pdbx_validate_rmsd_angle.label_alt_id_3             ? 
_pdbx_validate_rmsd_angle.angle_value                116.66 
_pdbx_validate_rmsd_angle.angle_target_value         120.30 
_pdbx_validate_rmsd_angle.angle_deviation            -3.64 
_pdbx_validate_rmsd_angle.angle_standard_deviation   0.50 
_pdbx_validate_rmsd_angle.linker_flag                N 
# 
_pdbx_validate_chiral.id              1 
_pdbx_validate_chiral.PDB_model_num   1 
_pdbx_validate_chiral.auth_atom_id    C2 
_pdbx_validate_chiral.label_alt_id    ? 
_pdbx_validate_chiral.auth_asym_id    A 
_pdbx_validate_chiral.auth_comp_id    LQ3 
_pdbx_validate_chiral.auth_seq_id     201 
_pdbx_validate_chiral.PDB_ins_code    ? 
_pdbx_validate_chiral.details         PLANAR 
_pdbx_validate_chiral.omega           . 
# 
_pdbx_distant_solvent_atoms.id                                1 
_pdbx_distant_solvent_atoms.PDB_model_num                     1 
_pdbx_distant_solvent_atoms.auth_atom_id                      O 
_pdbx_distant_solvent_atoms.label_alt_id                      ? 
_pdbx_distant_solvent_atoms.auth_asym_id                      A 
_pdbx_distant_solvent_atoms.auth_comp_id                      HOH 
_pdbx_distant_solvent_atoms.auth_seq_id                       537 
_pdbx_distant_solvent_atoms.PDB_ins_code                      ? 
_pdbx_distant_solvent_atoms.neighbor_macromolecule_distance   8.00 
_pdbx_distant_solvent_atoms.neighbor_ligand_distance          . 
# 
loop_
_pdbx_unobs_or_zero_occ_residues.id 
_pdbx_unobs_or_zero_occ_residues.PDB_model_num 
_pdbx_unobs_or_zero_occ_residues.polymer_flag 
_pdbx_unobs_or_zero_occ_residues.occupancy_flag 
_pdbx_unobs_or_zero_occ_residues.auth_asym_id 
_pdbx_unobs_or_zero_occ_residues.auth_comp_id 
_pdbx_unobs_or_zero_occ_residues.auth_seq_id 
_pdbx_unobs_or_zero_occ_residues.PDB_ins_code 
_pdbx_unobs_or_zero_occ_residues.label_asym_id 
_pdbx_unobs_or_zero_occ_residues.label_comp_id 
_pdbx_unobs_or_zero_occ_residues.label_seq_id 
1  1 Y 1 A GLN 1   ? A GLN 1   
2  1 Y 1 A GLU 2   ? A GLU 2   
3  1 Y 1 A GLN 3   ? A GLN 3   
4  1 Y 1 A THR 4   ? A THR 4   
5  1 Y 1 A GLY 5   ? A GLY 5   
6  1 Y 1 A GLY 6   ? A GLY 6   
7  1 Y 1 A ALA 147 ? A ALA 147 
8  1 Y 1 A MET 148 ? A MET 148 
9  1 Y 1 A GLU 149 ? A GLU 149 
10 1 Y 1 A GLN 150 ? A GLN 150 
# 
loop_
_chem_comp_atom.comp_id 
_chem_comp_atom.atom_id 
_chem_comp_atom.type_symbol 
_chem_comp_atom.pdbx_aromatic_flag 
_chem_comp_atom.pdbx_stereo_config 
_chem_comp_atom.pdbx_ordinal 
ALA N    N  N N 1   
ALA CA   C  N S 2   
ALA C    C  N N 3   
ALA O    O  N N 4   
ALA CB   C  N N 5   
ALA OXT  O  N N 6   
ALA H    H  N N 7   
ALA H2   H  N N 8   
ALA HA   H  N N 9   
ALA HB1  H  N N 10  
ALA HB2  H  N N 11  
ALA HB3  H  N N 12  
ALA HXT  H  N N 13  
ARG N    N  N N 14  
ARG CA   C  N S 15  
ARG C    C  N N 16  
ARG O    O  N N 17  
ARG CB   C  N N 18  
ARG CG   C  N N 19  
ARG CD   C  N N 20  
ARG NE   N  N N 21  
ARG CZ   C  N N 22  
ARG NH1  N  N N 23  
ARG NH2  N  N N 24  
ARG OXT  O  N N 25  
ARG H    H  N N 26  
ARG H2   H  N N 27  
ARG HA   H  N N 28  
ARG HB2  H  N N 29  
ARG HB3  H  N N 30  
ARG HG2  H  N N 31  
ARG HG3  H  N N 32  
ARG HD2  H  N N 33  
ARG HD3  H  N N 34  
ARG HE   H  N N 35  
ARG HH11 H  N N 36  
ARG HH12 H  N N 37  
ARG HH21 H  N N 38  
ARG HH22 H  N N 39  
ARG HXT  H  N N 40  
ASN N    N  N N 41  
ASN CA   C  N S 42  
ASN C    C  N N 43  
ASN O    O  N N 44  
ASN CB   C  N N 45  
ASN CG   C  N N 46  
ASN OD1  O  N N 47  
ASN ND2  N  N N 48  
ASN OXT  O  N N 49  
ASN H    H  N N 50  
ASN H2   H  N N 51  
ASN HA   H  N N 52  
ASN HB2  H  N N 53  
ASN HB3  H  N N 54  
ASN HD21 H  N N 55  
ASN HD22 H  N N 56  
ASN HXT  H  N N 57  
ASP N    N  N N 58  
ASP CA   C  N S 59  
ASP C    C  N N 60  
ASP O    O  N N 61  
ASP CB   C  N N 62  
ASP CG   C  N N 63  
ASP OD1  O  N N 64  
ASP OD2  O  N N 65  
ASP OXT  O  N N 66  
ASP H    H  N N 67  
ASP H2   H  N N 68  
ASP HA   H  N N 69  
ASP HB2  H  N N 70  
ASP HB3  H  N N 71  
ASP HD2  H  N N 72  
ASP HXT  H  N N 73  
CYS N    N  N N 74  
CYS CA   C  N R 75  
CYS C    C  N N 76  
CYS O    O  N N 77  
CYS CB   C  N N 78  
CYS SG   S  N N 79  
CYS OXT  O  N N 80  
CYS H    H  N N 81  
CYS H2   H  N N 82  
CYS HA   H  N N 83  
CYS HB2  H  N N 84  
CYS HB3  H  N N 85  
CYS HG   H  N N 86  
CYS HXT  H  N N 87  
DMS S    S  N N 88  
DMS O    O  N N 89  
DMS C1   C  N N 90  
DMS C2   C  N N 91  
DMS H11  H  N N 92  
DMS H12  H  N N 93  
DMS H13  H  N N 94  
DMS H21  H  N N 95  
DMS H22  H  N N 96  
DMS H23  H  N N 97  
GLN N    N  N N 98  
GLN CA   C  N S 99  
GLN C    C  N N 100 
GLN O    O  N N 101 
GLN CB   C  N N 102 
GLN CG   C  N N 103 
GLN CD   C  N N 104 
GLN OE1  O  N N 105 
GLN NE2  N  N N 106 
GLN OXT  O  N N 107 
GLN H    H  N N 108 
GLN H2   H  N N 109 
GLN HA   H  N N 110 
GLN HB2  H  N N 111 
GLN HB3  H  N N 112 
GLN HG2  H  N N 113 
GLN HG3  H  N N 114 
GLN HE21 H  N N 115 
GLN HE22 H  N N 116 
GLN HXT  H  N N 117 
GLU N    N  N N 118 
GLU CA   C  N S 119 
GLU C    C  N N 120 
GLU O    O  N N 121 
GLU CB   C  N N 122 
GLU CG   C  N N 123 
GLU CD   C  N N 124 
GLU OE1  O  N N 125 
GLU OE2  O  N N 126 
GLU OXT  O  N N 127 
GLU H    H  N N 128 
GLU H2   H  N N 129 
GLU HA   H  N N 130 
GLU HB2  H  N N 131 
GLU HB3  H  N N 132 
GLU HG2  H  N N 133 
GLU HG3  H  N N 134 
GLU HE2  H  N N 135 
GLU HXT  H  N N 136 
GLY N    N  N N 137 
GLY CA   C  N N 138 
GLY C    C  N N 139 
GLY O    O  N N 140 
GLY OXT  O  N N 141 
GLY H    H  N N 142 
GLY H2   H  N N 143 
GLY HA2  H  N N 144 
GLY HA3  H  N N 145 
GLY HXT  H  N N 146 
HIS N    N  N N 147 
HIS CA   C  N S 148 
HIS C    C  N N 149 
HIS O    O  N N 150 
HIS CB   C  N N 151 
HIS CG   C  Y N 152 
HIS ND1  N  Y N 153 
HIS CD2  C  Y N 154 
HIS CE1  C  Y N 155 
HIS NE2  N  Y N 156 
HIS OXT  O  N N 157 
HIS H    H  N N 158 
HIS H2   H  N N 159 
HIS HA   H  N N 160 
HIS HB2  H  N N 161 
HIS HB3  H  N N 162 
HIS HD1  H  N N 163 
HIS HD2  H  N N 164 
HIS HE1  H  N N 165 
HIS HE2  H  N N 166 
HIS HXT  H  N N 167 
HOH O    O  N N 168 
HOH H1   H  N N 169 
HOH H2   H  N N 170 
ILE N    N  N N 171 
ILE CA   C  N S 172 
ILE C    C  N N 173 
ILE O    O  N N 174 
ILE CB   C  N S 175 
ILE CG1  C  N N 176 
ILE CG2  C  N N 177 
ILE CD1  C  N N 178 
ILE OXT  O  N N 179 
ILE H    H  N N 180 
ILE H2   H  N N 181 
ILE HA   H  N N 182 
ILE HB   H  N N 183 
ILE HG12 H  N N 184 
ILE HG13 H  N N 185 
ILE HG21 H  N N 186 
ILE HG22 H  N N 187 
ILE HG23 H  N N 188 
ILE HD11 H  N N 189 
ILE HD12 H  N N 190 
ILE HD13 H  N N 191 
ILE HXT  H  N N 192 
LEU N    N  N N 193 
LEU CA   C  N S 194 
LEU C    C  N N 195 
LEU O    O  N N 196 
LEU CB   C  N N 197 
LEU CG   C  N N 198 
LEU CD1  C  N N 199 
LEU CD2  C  N N 200 
LEU OXT  O  N N 201 
LEU H    H  N N 202 
LEU H2   H  N N 203 
LEU HA   H  N N 204 
LEU HB2  H  N N 205 
LEU HB3  H  N N 206 
LEU HG   H  N N 207 
LEU HD11 H  N N 208 
LEU HD12 H  N N 209 
LEU HD13 H  N N 210 
LEU HD21 H  N N 211 
LEU HD22 H  N N 212 
LEU HD23 H  N N 213 
LEU HXT  H  N N 214 
LQ3 N1   N  N N 215 
LQ3 C4   C  N N 216 
LQ3 C5   C  N N 217 
LQ3 C6   C  N N 218 
LQ3 F1   F  N N 219 
LQ3 C1   C  N N 220 
LQ3 F2   F  N N 221 
LQ3 O1   O  N N 222 
LQ3 C2   C  N S 223 
LQ3 C3   C  N N 224 
LQ3 O2   O  N N 225 
LQ3 H1   H  N N 226 
LQ3 H2   H  N N 227 
LQ3 H3   H  N N 228 
LQ3 H4   H  N N 229 
LQ3 H5   H  N N 230 
LYS N    N  N N 231 
LYS CA   C  N S 232 
LYS C    C  N N 233 
LYS O    O  N N 234 
LYS CB   C  N N 235 
LYS CG   C  N N 236 
LYS CD   C  N N 237 
LYS CE   C  N N 238 
LYS NZ   N  N N 239 
LYS OXT  O  N N 240 
LYS H    H  N N 241 
LYS H2   H  N N 242 
LYS HA   H  N N 243 
LYS HB2  H  N N 244 
LYS HB3  H  N N 245 
LYS HG2  H  N N 246 
LYS HG3  H  N N 247 
LYS HD2  H  N N 248 
LYS HD3  H  N N 249 
LYS HE2  H  N N 250 
LYS HE3  H  N N 251 
LYS HZ1  H  N N 252 
LYS HZ2  H  N N 253 
LYS HZ3  H  N N 254 
LYS HXT  H  N N 255 
MET N    N  N N 256 
MET CA   C  N S 257 
MET C    C  N N 258 
MET O    O  N N 259 
MET CB   C  N N 260 
MET CG   C  N N 261 
MET SD   S  N N 262 
MET CE   C  N N 263 
MET OXT  O  N N 264 
MET H    H  N N 265 
MET H2   H  N N 266 
MET HA   H  N N 267 
MET HB2  H  N N 268 
MET HB3  H  N N 269 
MET HG2  H  N N 270 
MET HG3  H  N N 271 
MET HE1  H  N N 272 
MET HE2  H  N N 273 
MET HE3  H  N N 274 
MET HXT  H  N N 275 
PHE N    N  N N 276 
PHE CA   C  N S 277 
PHE C    C  N N 278 
PHE O    O  N N 279 
PHE CB   C  N N 280 
PHE CG   C  Y N 281 
PHE CD1  C  Y N 282 
PHE CD2  C  Y N 283 
PHE CE1  C  Y N 284 
PHE CE2  C  Y N 285 
PHE CZ   C  Y N 286 
PHE OXT  O  N N 287 
PHE H    H  N N 288 
PHE H2   H  N N 289 
PHE HA   H  N N 290 
PHE HB2  H  N N 291 
PHE HB3  H  N N 292 
PHE HD1  H  N N 293 
PHE HD2  H  N N 294 
PHE HE1  H  N N 295 
PHE HE2  H  N N 296 
PHE HZ   H  N N 297 
PHE HXT  H  N N 298 
PRO N    N  N N 299 
PRO CA   C  N S 300 
PRO C    C  N N 301 
PRO O    O  N N 302 
PRO CB   C  N N 303 
PRO CG   C  N N 304 
PRO CD   C  N N 305 
PRO OXT  O  N N 306 
PRO H    H  N N 307 
PRO HA   H  N N 308 
PRO HB2  H  N N 309 
PRO HB3  H  N N 310 
PRO HG2  H  N N 311 
PRO HG3  H  N N 312 
PRO HD2  H  N N 313 
PRO HD3  H  N N 314 
PRO HXT  H  N N 315 
SER N    N  N N 316 
SER CA   C  N S 317 
SER C    C  N N 318 
SER O    O  N N 319 
SER CB   C  N N 320 
SER OG   O  N N 321 
SER OXT  O  N N 322 
SER H    H  N N 323 
SER H2   H  N N 324 
SER HA   H  N N 325 
SER HB2  H  N N 326 
SER HB3  H  N N 327 
SER HG   H  N N 328 
SER HXT  H  N N 329 
SO4 S    S  N N 330 
SO4 O1   O  N N 331 
SO4 O2   O  N N 332 
SO4 O3   O  N N 333 
SO4 O4   O  N N 334 
THR N    N  N N 335 
THR CA   C  N S 336 
THR C    C  N N 337 
THR O    O  N N 338 
THR CB   C  N R 339 
THR OG1  O  N N 340 
THR CG2  C  N N 341 
THR OXT  O  N N 342 
THR H    H  N N 343 
THR H2   H  N N 344 
THR HA   H  N N 345 
THR HB   H  N N 346 
THR HG1  H  N N 347 
THR HG21 H  N N 348 
THR HG22 H  N N 349 
THR HG23 H  N N 350 
THR HXT  H  N N 351 
TRP N    N  N N 352 
TRP CA   C  N S 353 
TRP C    C  N N 354 
TRP O    O  N N 355 
TRP CB   C  N N 356 
TRP CG   C  Y N 357 
TRP CD1  C  Y N 358 
TRP CD2  C  Y N 359 
TRP NE1  N  Y N 360 
TRP CE2  C  Y N 361 
TRP CE3  C  Y N 362 
TRP CZ2  C  Y N 363 
TRP CZ3  C  Y N 364 
TRP CH2  C  Y N 365 
TRP OXT  O  N N 366 
TRP H    H  N N 367 
TRP H2   H  N N 368 
TRP HA   H  N N 369 
TRP HB2  H  N N 370 
TRP HB3  H  N N 371 
TRP HD1  H  N N 372 
TRP HE1  H  N N 373 
TRP HE3  H  N N 374 
TRP HZ2  H  N N 375 
TRP HZ3  H  N N 376 
TRP HH2  H  N N 377 
TRP HXT  H  N N 378 
TYR N    N  N N 379 
TYR CA   C  N S 380 
TYR C    C  N N 381 
TYR O    O  N N 382 
TYR CB   C  N N 383 
TYR CG   C  Y N 384 
TYR CD1  C  Y N 385 
TYR CD2  C  Y N 386 
TYR CE1  C  Y N 387 
TYR CE2  C  Y N 388 
TYR CZ   C  Y N 389 
TYR OH   O  N N 390 
TYR OXT  O  N N 391 
TYR H    H  N N 392 
TYR H2   H  N N 393 
TYR HA   H  N N 394 
TYR HB2  H  N N 395 
TYR HB3  H  N N 396 
TYR HD1  H  N N 397 
TYR HD2  H  N N 398 
TYR HE1  H  N N 399 
TYR HE2  H  N N 400 
TYR HH   H  N N 401 
TYR HXT  H  N N 402 
VAL N    N  N N 403 
VAL CA   C  N S 404 
VAL C    C  N N 405 
VAL O    O  N N 406 
VAL CB   C  N N 407 
VAL CG1  C  N N 408 
VAL CG2  C  N N 409 
VAL OXT  O  N N 410 
VAL H    H  N N 411 
VAL H2   H  N N 412 
VAL HA   H  N N 413 
VAL HB   H  N N 414 
VAL HG11 H  N N 415 
VAL HG12 H  N N 416 
VAL HG13 H  N N 417 
VAL HG21 H  N N 418 
VAL HG22 H  N N 419 
VAL HG23 H  N N 420 
VAL HXT  H  N N 421 
ZN  ZN   ZN N N 422 
# 
loop_
_chem_comp_bond.comp_id 
_chem_comp_bond.atom_id_1 
_chem_comp_bond.atom_id_2 
_chem_comp_bond.value_order 
_chem_comp_bond.pdbx_aromatic_flag 
_chem_comp_bond.pdbx_stereo_config 
_chem_comp_bond.pdbx_ordinal 
ALA N   CA   sing N N 1   
ALA N   H    sing N N 2   
ALA N   H2   sing N N 3   
ALA CA  C    sing N N 4   
ALA CA  CB   sing N N 5   
ALA CA  HA   sing N N 6   
ALA C   O    doub N N 7   
ALA C   OXT  sing N N 8   
ALA CB  HB1  sing N N 9   
ALA CB  HB2  sing N N 10  
ALA CB  HB3  sing N N 11  
ALA OXT HXT  sing N N 12  
ARG N   CA   sing N N 13  
ARG N   H    sing N N 14  
ARG N   H2   sing N N 15  
ARG CA  C    sing N N 16  
ARG CA  CB   sing N N 17  
ARG CA  HA   sing N N 18  
ARG C   O    doub N N 19  
ARG C   OXT  sing N N 20  
ARG CB  CG   sing N N 21  
ARG CB  HB2  sing N N 22  
ARG CB  HB3  sing N N 23  
ARG CG  CD   sing N N 24  
ARG CG  HG2  sing N N 25  
ARG CG  HG3  sing N N 26  
ARG CD  NE   sing N N 27  
ARG CD  HD2  sing N N 28  
ARG CD  HD3  sing N N 29  
ARG NE  CZ   sing N N 30  
ARG NE  HE   sing N N 31  
ARG CZ  NH1  sing N N 32  
ARG CZ  NH2  doub N N 33  
ARG NH1 HH11 sing N N 34  
ARG NH1 HH12 sing N N 35  
ARG NH2 HH21 sing N N 36  
ARG NH2 HH22 sing N N 37  
ARG OXT HXT  sing N N 38  
ASN N   CA   sing N N 39  
ASN N   H    sing N N 40  
ASN N   H2   sing N N 41  
ASN CA  C    sing N N 42  
ASN CA  CB   sing N N 43  
ASN CA  HA   sing N N 44  
ASN C   O    doub N N 45  
ASN C   OXT  sing N N 46  
ASN CB  CG   sing N N 47  
ASN CB  HB2  sing N N 48  
ASN CB  HB3  sing N N 49  
ASN CG  OD1  doub N N 50  
ASN CG  ND2  sing N N 51  
ASN ND2 HD21 sing N N 52  
ASN ND2 HD22 sing N N 53  
ASN OXT HXT  sing N N 54  
ASP N   CA   sing N N 55  
ASP N   H    sing N N 56  
ASP N   H2   sing N N 57  
ASP CA  C    sing N N 58  
ASP CA  CB   sing N N 59  
ASP CA  HA   sing N N 60  
ASP C   O    doub N N 61  
ASP C   OXT  sing N N 62  
ASP CB  CG   sing N N 63  
ASP CB  HB2  sing N N 64  
ASP CB  HB3  sing N N 65  
ASP CG  OD1  doub N N 66  
ASP CG  OD2  sing N N 67  
ASP OD2 HD2  sing N N 68  
ASP OXT HXT  sing N N 69  
CYS N   CA   sing N N 70  
CYS N   H    sing N N 71  
CYS N   H2   sing N N 72  
CYS CA  C    sing N N 73  
CYS CA  CB   sing N N 74  
CYS CA  HA   sing N N 75  
CYS C   O    doub N N 76  
CYS C   OXT  sing N N 77  
CYS CB  SG   sing N N 78  
CYS CB  HB2  sing N N 79  
CYS CB  HB3  sing N N 80  
CYS SG  HG   sing N N 81  
CYS OXT HXT  sing N N 82  
DMS S   O    doub N N 83  
DMS S   C1   sing N N 84  
DMS S   C2   sing N N 85  
DMS C1  H11  sing N N 86  
DMS C1  H12  sing N N 87  
DMS C1  H13  sing N N 88  
DMS C2  H21  sing N N 89  
DMS C2  H22  sing N N 90  
DMS C2  H23  sing N N 91  
GLN N   CA   sing N N 92  
GLN N   H    sing N N 93  
GLN N   H2   sing N N 94  
GLN CA  C    sing N N 95  
GLN CA  CB   sing N N 96  
GLN CA  HA   sing N N 97  
GLN C   O    doub N N 98  
GLN C   OXT  sing N N 99  
GLN CB  CG   sing N N 100 
GLN CB  HB2  sing N N 101 
GLN CB  HB3  sing N N 102 
GLN CG  CD   sing N N 103 
GLN CG  HG2  sing N N 104 
GLN CG  HG3  sing N N 105 
GLN CD  OE1  doub N N 106 
GLN CD  NE2  sing N N 107 
GLN NE2 HE21 sing N N 108 
GLN NE2 HE22 sing N N 109 
GLN OXT HXT  sing N N 110 
GLU N   CA   sing N N 111 
GLU N   H    sing N N 112 
GLU N   H2   sing N N 113 
GLU CA  C    sing N N 114 
GLU CA  CB   sing N N 115 
GLU CA  HA   sing N N 116 
GLU C   O    doub N N 117 
GLU C   OXT  sing N N 118 
GLU CB  CG   sing N N 119 
GLU CB  HB2  sing N N 120 
GLU CB  HB3  sing N N 121 
GLU CG  CD   sing N N 122 
GLU CG  HG2  sing N N 123 
GLU CG  HG3  sing N N 124 
GLU CD  OE1  doub N N 125 
GLU CD  OE2  sing N N 126 
GLU OE2 HE2  sing N N 127 
GLU OXT HXT  sing N N 128 
GLY N   CA   sing N N 129 
GLY N   H    sing N N 130 
GLY N   H2   sing N N 131 
GLY CA  C    sing N N 132 
GLY CA  HA2  sing N N 133 
GLY CA  HA3  sing N N 134 
GLY C   O    doub N N 135 
GLY C   OXT  sing N N 136 
GLY OXT HXT  sing N N 137 
HIS N   CA   sing N N 138 
HIS N   H    sing N N 139 
HIS N   H2   sing N N 140 
HIS CA  C    sing N N 141 
HIS CA  CB   sing N N 142 
HIS CA  HA   sing N N 143 
HIS C   O    doub N N 144 
HIS C   OXT  sing N N 145 
HIS CB  CG   sing N N 146 
HIS CB  HB2  sing N N 147 
HIS CB  HB3  sing N N 148 
HIS CG  ND1  sing Y N 149 
HIS CG  CD2  doub Y N 150 
HIS ND1 CE1  doub Y N 151 
HIS ND1 HD1  sing N N 152 
HIS CD2 NE2  sing Y N 153 
HIS CD2 HD2  sing N N 154 
HIS CE1 NE2  sing Y N 155 
HIS CE1 HE1  sing N N 156 
HIS NE2 HE2  sing N N 157 
HIS OXT HXT  sing N N 158 
HOH O   H1   sing N N 159 
HOH O   H2   sing N N 160 
ILE N   CA   sing N N 161 
ILE N   H    sing N N 162 
ILE N   H2   sing N N 163 
ILE CA  C    sing N N 164 
ILE CA  CB   sing N N 165 
ILE CA  HA   sing N N 166 
ILE C   O    doub N N 167 
ILE C   OXT  sing N N 168 
ILE CB  CG1  sing N N 169 
ILE CB  CG2  sing N N 170 
ILE CB  HB   sing N N 171 
ILE CG1 CD1  sing N N 172 
ILE CG1 HG12 sing N N 173 
ILE CG1 HG13 sing N N 174 
ILE CG2 HG21 sing N N 175 
ILE CG2 HG22 sing N N 176 
ILE CG2 HG23 sing N N 177 
ILE CD1 HD11 sing N N 178 
ILE CD1 HD12 sing N N 179 
ILE CD1 HD13 sing N N 180 
ILE OXT HXT  sing N N 181 
LEU N   CA   sing N N 182 
LEU N   H    sing N N 183 
LEU N   H2   sing N N 184 
LEU CA  C    sing N N 185 
LEU CA  CB   sing N N 186 
LEU CA  HA   sing N N 187 
LEU C   O    doub N N 188 
LEU C   OXT  sing N N 189 
LEU CB  CG   sing N N 190 
LEU CB  HB2  sing N N 191 
LEU CB  HB3  sing N N 192 
LEU CG  CD1  sing N N 193 
LEU CG  CD2  sing N N 194 
LEU CG  HG   sing N N 195 
LEU CD1 HD11 sing N N 196 
LEU CD1 HD12 sing N N 197 
LEU CD1 HD13 sing N N 198 
LEU CD2 HD21 sing N N 199 
LEU CD2 HD22 sing N N 200 
LEU CD2 HD23 sing N N 201 
LEU OXT HXT  sing N N 202 
LQ3 F1  C1   sing N N 203 
LQ3 C1  F2   sing N N 204 
LQ3 C1  O1   sing N N 205 
LQ3 C3  C4   doub N N 206 
LQ3 C3  C2   sing N N 207 
LQ3 C4  C5   sing N N 208 
LQ3 O1  C2   sing N N 209 
LQ3 C2  C6   sing N N 210 
LQ3 C5  O2   doub N N 211 
LQ3 C5  N1   sing N N 212 
LQ3 C6  N1   doub N N 213 
LQ3 C4  H1   sing N N 214 
LQ3 C6  H2   sing N N 215 
LQ3 C1  H3   sing N N 216 
LQ3 C2  H4   sing N N 217 
LQ3 C3  H5   sing N N 218 
LYS N   CA   sing N N 219 
LYS N   H    sing N N 220 
LYS N   H2   sing N N 221 
LYS CA  C    sing N N 222 
LYS CA  CB   sing N N 223 
LYS CA  HA   sing N N 224 
LYS C   O    doub N N 225 
LYS C   OXT  sing N N 226 
LYS CB  CG   sing N N 227 
LYS CB  HB2  sing N N 228 
LYS CB  HB3  sing N N 229 
LYS CG  CD   sing N N 230 
LYS CG  HG2  sing N N 231 
LYS CG  HG3  sing N N 232 
LYS CD  CE   sing N N 233 
LYS CD  HD2  sing N N 234 
LYS CD  HD3  sing N N 235 
LYS CE  NZ   sing N N 236 
LYS CE  HE2  sing N N 237 
LYS CE  HE3  sing N N 238 
LYS NZ  HZ1  sing N N 239 
LYS NZ  HZ2  sing N N 240 
LYS NZ  HZ3  sing N N 241 
LYS OXT HXT  sing N N 242 
MET N   CA   sing N N 243 
MET N   H    sing N N 244 
MET N   H2   sing N N 245 
MET CA  C    sing N N 246 
MET CA  CB   sing N N 247 
MET CA  HA   sing N N 248 
MET C   O    doub N N 249 
MET C   OXT  sing N N 250 
MET CB  CG   sing N N 251 
MET CB  HB2  sing N N 252 
MET CB  HB3  sing N N 253 
MET CG  SD   sing N N 254 
MET CG  HG2  sing N N 255 
MET CG  HG3  sing N N 256 
MET SD  CE   sing N N 257 
MET CE  HE1  sing N N 258 
MET CE  HE2  sing N N 259 
MET CE  HE3  sing N N 260 
MET OXT HXT  sing N N 261 
PHE N   CA   sing N N 262 
PHE N   H    sing N N 263 
PHE N   H2   sing N N 264 
PHE CA  C    sing N N 265 
PHE CA  CB   sing N N 266 
PHE CA  HA   sing N N 267 
PHE C   O    doub N N 268 
PHE C   OXT  sing N N 269 
PHE CB  CG   sing N N 270 
PHE CB  HB2  sing N N 271 
PHE CB  HB3  sing N N 272 
PHE CG  CD1  doub Y N 273 
PHE CG  CD2  sing Y N 274 
PHE CD1 CE1  sing Y N 275 
PHE CD1 HD1  sing N N 276 
PHE CD2 CE2  doub Y N 277 
PHE CD2 HD2  sing N N 278 
PHE CE1 CZ   doub Y N 279 
PHE CE1 HE1  sing N N 280 
PHE CE2 CZ   sing Y N 281 
PHE CE2 HE2  sing N N 282 
PHE CZ  HZ   sing N N 283 
PHE OXT HXT  sing N N 284 
PRO N   CA   sing N N 285 
PRO N   CD   sing N N 286 
PRO N   H    sing N N 287 
PRO CA  C    sing N N 288 
PRO CA  CB   sing N N 289 
PRO CA  HA   sing N N 290 
PRO C   O    doub N N 291 
PRO C   OXT  sing N N 292 
PRO CB  CG   sing N N 293 
PRO CB  HB2  sing N N 294 
PRO CB  HB3  sing N N 295 
PRO CG  CD   sing N N 296 
PRO CG  HG2  sing N N 297 
PRO CG  HG3  sing N N 298 
PRO CD  HD2  sing N N 299 
PRO CD  HD3  sing N N 300 
PRO OXT HXT  sing N N 301 
SER N   CA   sing N N 302 
SER N   H    sing N N 303 
SER N   H2   sing N N 304 
SER CA  C    sing N N 305 
SER CA  CB   sing N N 306 
SER CA  HA   sing N N 307 
SER C   O    doub N N 308 
SER C   OXT  sing N N 309 
SER CB  OG   sing N N 310 
SER CB  HB2  sing N N 311 
SER CB  HB3  sing N N 312 
SER OG  HG   sing N N 313 
SER OXT HXT  sing N N 314 
SO4 S   O1   doub N N 315 
SO4 S   O2   doub N N 316 
SO4 S   O3   sing N N 317 
SO4 S   O4   sing N N 318 
THR N   CA   sing N N 319 
THR N   H    sing N N 320 
THR N   H2   sing N N 321 
THR CA  C    sing N N 322 
THR CA  CB   sing N N 323 
THR CA  HA   sing N N 324 
THR C   O    doub N N 325 
THR C   OXT  sing N N 326 
THR CB  OG1  sing N N 327 
THR CB  CG2  sing N N 328 
THR CB  HB   sing N N 329 
THR OG1 HG1  sing N N 330 
THR CG2 HG21 sing N N 331 
THR CG2 HG22 sing N N 332 
THR CG2 HG23 sing N N 333 
THR OXT HXT  sing N N 334 
TRP N   CA   sing N N 335 
TRP N   H    sing N N 336 
TRP N   H2   sing N N 337 
TRP CA  C    sing N N 338 
TRP CA  CB   sing N N 339 
TRP CA  HA   sing N N 340 
TRP C   O    doub N N 341 
TRP C   OXT  sing N N 342 
TRP CB  CG   sing N N 343 
TRP CB  HB2  sing N N 344 
TRP CB  HB3  sing N N 345 
TRP CG  CD1  doub Y N 346 
TRP CG  CD2  sing Y N 347 
TRP CD1 NE1  sing Y N 348 
TRP CD1 HD1  sing N N 349 
TRP CD2 CE2  doub Y N 350 
TRP CD2 CE3  sing Y N 351 
TRP NE1 CE2  sing Y N 352 
TRP NE1 HE1  sing N N 353 
TRP CE2 CZ2  sing Y N 354 
TRP CE3 CZ3  doub Y N 355 
TRP CE3 HE3  sing N N 356 
TRP CZ2 CH2  doub Y N 357 
TRP CZ2 HZ2  sing N N 358 
TRP CZ3 CH2  sing Y N 359 
TRP CZ3 HZ3  sing N N 360 
TRP CH2 HH2  sing N N 361 
TRP OXT HXT  sing N N 362 
TYR N   CA   sing N N 363 
TYR N   H    sing N N 364 
TYR N   H2   sing N N 365 
TYR CA  C    sing N N 366 
TYR CA  CB   sing N N 367 
TYR CA  HA   sing N N 368 
TYR C   O    doub N N 369 
TYR C   OXT  sing N N 370 
TYR CB  CG   sing N N 371 
TYR CB  HB2  sing N N 372 
TYR CB  HB3  sing N N 373 
TYR CG  CD1  doub Y N 374 
TYR CG  CD2  sing Y N 375 
TYR CD1 CE1  sing Y N 376 
TYR CD1 HD1  sing N N 377 
TYR CD2 CE2  doub Y N 378 
TYR CD2 HD2  sing N N 379 
TYR CE1 CZ   doub Y N 380 
TYR CE1 HE1  sing N N 381 
TYR CE2 CZ   sing Y N 382 
TYR CE2 HE2  sing N N 383 
TYR CZ  OH   sing N N 384 
TYR OH  HH   sing N N 385 
TYR OXT HXT  sing N N 386 
VAL N   CA   sing N N 387 
VAL N   H    sing N N 388 
VAL N   H2   sing N N 389 
VAL CA  C    sing N N 390 
VAL CA  CB   sing N N 391 
VAL CA  HA   sing N N 392 
VAL C   O    doub N N 393 
VAL C   OXT  sing N N 394 
VAL CB  CG1  sing N N 395 
VAL CB  CG2  sing N N 396 
VAL CB  HB   sing N N 397 
VAL CG1 HG11 sing N N 398 
VAL CG1 HG12 sing N N 399 
VAL CG1 HG13 sing N N 400 
VAL CG2 HG21 sing N N 401 
VAL CG2 HG22 sing N N 402 
VAL CG2 HG23 sing N N 403 
VAL OXT HXT  sing N N 404 
# 
_pdbx_audit_support.funding_organization   
'National Institutes of Health/National Institute Of Allergy and Infectious Diseases (NIH/NIAID)' 
_pdbx_audit_support.country                'United States' 
_pdbx_audit_support.grant_number           U19AI171399 
_pdbx_audit_support.ordinal                1 
# 
_pdbx_deposit_group.group_id            G_1002288 
_pdbx_deposit_group.group_description   'Crystallographic fragment screening of Coxsackievirus A16 (G-10) 2A protease' 
_pdbx_deposit_group.group_title         
'Group deposition for crystallographic fragment screening of Coxsackievirus A16 (G-10) 2A protease' 
_pdbx_deposit_group.group_type          'changed state' 
# 
_atom_sites.entry_id                    7H3Z 
_atom_sites.fract_transf_matrix[1][1]   0.00058536 
_atom_sites.fract_transf_matrix[1][2]   0.01132453 
_atom_sites.fract_transf_matrix[1][3]   -0.00273654 
_atom_sites.fract_transf_matrix[2][1]   0.01342959 
_atom_sites.fract_transf_matrix[2][2]   -0.00335473 
_atom_sites.fract_transf_matrix[2][3]   -0.01101008 
_atom_sites.fract_transf_matrix[3][1]   -0.01986969 
_atom_sites.fract_transf_matrix[3][2]   -0.00177237 
_atom_sites.fract_transf_matrix[3][3]   -0.02369609 
_atom_sites.fract_transf_vector[1]      0.185031 
_atom_sites.fract_transf_vector[2]      0.124764 
_atom_sites.fract_transf_vector[3]      0.447222 
# 
loop_
_atom_type.symbol 
C  
F  
N  
O  
S  
ZN 
# 
loop_
_atom_site.group_PDB 
_atom_site.id 
_atom_site.type_symbol 
_atom_site.label_atom_id 
_atom_site.label_alt_id 
_atom_site.label_comp_id 
_atom_site.label_asym_id 
_atom_site.label_entity_id 
_atom_site.label_seq_id 
_atom_site.pdbx_PDB_ins_code 
_atom_site.Cartn_x 
_atom_site.Cartn_y 
_atom_site.Cartn_z 
_atom_site.occupancy 
_atom_site.B_iso_or_equiv 
_atom_site.pdbx_formal_charge 
_atom_site.auth_seq_id 
_atom_site.auth_comp_id 
_atom_site.auth_asym_id 
_atom_site.auth_atom_id 
_atom_site.pdbx_PDB_model_num 
ATOM   1    N  N   . SER A 1 7   ? -6.599  2.902   -8.093  1.00 16.53 ? 7   SER A N   1 
ATOM   2    C  CA  . SER A 1 7   ? -5.872  4.090   -7.752  1.00 16.31 ? 7   SER A CA  1 
ATOM   3    C  C   . SER A 1 7   ? -6.086  4.426   -6.277  1.00 15.92 ? 7   SER A C   1 
ATOM   4    O  O   . SER A 1 7   ? -7.016  3.906   -5.629  1.00 17.81 ? 7   SER A O   1 
ATOM   5    C  CB  . SER A 1 7   ? -6.281  5.235   -8.642  1.00 19.79 ? 7   SER A CB  1 
ATOM   6    O  OG  . SER A 1 7   ? -7.642  5.494   -8.408  1.00 22.67 ? 7   SER A OG  1 
ATOM   7    N  N   . GLY A 1 8   ? -5.214  5.264   -5.761  1.00 14.96 ? 8   GLY A N   1 
ATOM   8    C  CA  . GLY A 1 8   ? -5.317  5.767   -4.396  1.00 14.55 ? 8   GLY A CA  1 
ATOM   9    C  C   . GLY A 1 8   ? -3.967  6.066   -3.788  1.00 13.76 ? 8   GLY A C   1 
ATOM   10   O  O   . GLY A 1 8   ? -2.967  5.526   -4.205  1.00 15.76 ? 8   GLY A O   1 
ATOM   11   N  N   . ALA A 1 9   ? -3.972  6.886   -2.758  1.00 13.13 ? 9   ALA A N   1 
ATOM   12   C  CA  . ALA A 1 9   ? -2.763  7.350   -2.085  1.00 12.65 ? 9   ALA A CA  1 
ATOM   13   C  C   . ALA A 1 9   ? -3.010  7.445   -0.589  1.00 12.25 ? 9   ALA A C   1 
ATOM   14   O  O   . ALA A 1 9   ? -4.176  7.607   -0.162  1.00 13.73 ? 9   ALA A O   1 
ATOM   15   C  CB  . ALA A 1 9   ? -2.262  8.665   -2.632  1.00 13.94 ? 9   ALA A CB  1 
ATOM   16   N  N   . ILE A 1 10  ? -1.927  7.503   0.148   1.00 12.57 ? 10  ILE A N   1 
ATOM   17   C  CA  . ILE A 1 10  ? -1.915  7.922   1.568   1.00 13.27 ? 10  ILE A CA  1 
ATOM   18   C  C   . ILE A 1 10  ? -1.347  9.331   1.623   1.00 14.73 ? 10  ILE A C   1 
ATOM   19   O  O   . ILE A 1 10  ? -0.292  9.563   1.020   1.00 14.88 ? 10  ILE A O   1 
ATOM   20   C  CB  . ILE A 1 10  ? -1.084  6.965   2.459   1.00 12.71 ? 10  ILE A CB  1 
ATOM   21   C  CG1 . ILE A 1 10  ? -1.443  5.487   2.272   1.00 13.90 ? 10  ILE A CG1 1 
ATOM   22   C  CG2 . ILE A 1 10  ? -1.282  7.363   3.911   1.00 14.09 ? 10  ILE A CG2 1 
ATOM   23   C  CD1 . ILE A 1 10  ? -0.401  4.543   2.808   1.00 13.42 ? 10  ILE A CD1 1 
ATOM   24   N  N   . TYR A 1 11  ? -1.957  10.195  2.423   1.00 15.87 ? 11  TYR A N   1 
ATOM   25   C  CA  . TYR A 1 11  ? -1.538  11.601  2.576   1.00 17.85 ? 11  TYR A CA  1 
ATOM   26   C  C   . TYR A 1 11  ? -1.245  11.783  4.053   1.00 16.56 ? 11  TYR A C   1 
ATOM   27   O  O   . TYR A 1 11  ? -2.216  11.960  4.805   1.00 18.12 ? 11  TYR A O   1 
ATOM   28   C  CB  . TYR A 1 11  ? -2.593  12.581  2.056   1.00 18.16 ? 11  TYR A CB  1 
ATOM   29   C  CG  . TYR A 1 11  ? -2.757  12.466  0.561   1.00 17.89 ? 11  TYR A CG  1 
ATOM   30   C  CD1 . TYR A 1 11  ? -1.876  13.100  -0.297  1.00 18.68 ? 11  TYR A CD1 1 
ATOM   31   C  CD2 . TYR A 1 11  ? -3.792  11.773  0.009   1.00 18.70 ? 11  TYR A CD2 1 
ATOM   32   C  CE1 . TYR A 1 11  ? -1.976  12.959  -1.671  1.00 16.93 ? 11  TYR A CE1 1 
ATOM   33   C  CE2 . TYR A 1 11  ? -3.931  11.631  -1.365  1.00 19.63 ? 11  TYR A CE2 1 
ATOM   34   C  CZ  . TYR A 1 11  ? -3.024  12.251  -2.210  1.00 17.33 ? 11  TYR A CZ  1 
ATOM   35   O  OH  . TYR A 1 11  ? -3.185  12.097  -3.579  1.00 18.77 ? 11  TYR A OH  1 
ATOM   36   N  N   . VAL A 1 12  ? 0.006   11.765  4.386   1.00 16.31 ? 12  VAL A N   1 
ATOM   37   C  CA  . VAL A 1 12  ? 0.482   11.924  5.785   1.00 16.81 ? 12  VAL A CA  1 
ATOM   38   C  C   . VAL A 1 12  ? 1.503   13.057  5.843   1.00 19.56 ? 12  VAL A C   1 
ATOM   39   O  O   . VAL A 1 12  ? 2.522   13.046  5.137   1.00 19.38 ? 12  VAL A O   1 
ATOM   40   C  CB  . VAL A 1 12  ? 1.002   10.591  6.364   1.00 16.99 ? 12  VAL A CB  1 
ATOM   41   C  CG1 . VAL A 1 12  ? 2.115   9.934   5.579   1.00 15.63 ? 12  VAL A CG1 1 
ATOM   42   C  CG2 . VAL A 1 12  ? 1.407   10.789  7.795   1.00 17.30 ? 12  VAL A CG2 1 
ATOM   43   N  N   . GLY A 1 13  ? 1.308   14.014  6.760   1.00 21.50 ? 13  GLY A N   1 
ATOM   44   C  CA  . GLY A 1 13  ? 2.129   15.226  6.752   1.00 22.72 ? 13  GLY A CA  1 
ATOM   45   C  C   . GLY A 1 13  ? 2.192   15.832  5.342   1.00 17.87 ? 13  GLY A C   1 
ATOM   46   O  O   . GLY A 1 13  ? 1.121   16.039  4.774   1.00 21.02 ? 13  GLY A O   1 
ATOM   47   N  N   . ASN A 1 14  ? 3.421   16.018  4.899   1.00 21.35 ? 14  ASN A N   1 
ATOM   48   C  CA  . ASN A 1 14  ? 3.713   16.611  3.576   1.00 24.10 ? 14  ASN A CA  1 
ATOM   49   C  C   . ASN A 1 14  ? 4.264   15.519  2.664   1.00 23.82 ? 14  ASN A C   1 
ATOM   50   O  O   . ASN A 1 14  ? 5.226   15.765  1.886   1.00 22.33 ? 14  ASN A O   1 
ATOM   51   C  CB  . ASN A 1 14  ? 4.563   17.873  3.720   1.00 26.33 ? 14  ASN A CB  1 
ATOM   52   C  CG  . ASN A 1 14  ? 3.735   19.049  4.218   1.00 28.59 ? 14  ASN A CG  1 
ATOM   53   O  OD1 . ASN A 1 14  ? 3.128   19.786  3.448   1.00 33.00 ? 14  ASN A OD1 1 
ATOM   54   N  ND2 . ASN A 1 14  ? 3.587   19.158  5.526   1.00 26.17 ? 14  ASN A ND2 1 
ATOM   55   N  N   . TYR A 1 15  ? 3.726   14.304  2.841   1.00 21.03 ? 15  TYR A N   1 
ATOM   56   C  CA  . TYR A 1 15  ? 4.084   13.132  2.015   1.00 18.06 ? 15  TYR A CA  1 
ATOM   57   C  C   . TYR A 1 15  ? 2.825   12.579  1.355   1.00 15.42 ? 15  TYR A C   1 
ATOM   58   O  O   . TYR A 1 15  ? 1.701   12.557  1.873   1.00 16.24 ? 15  TYR A O   1 
ATOM   59   C  CB  . TYR A 1 15  ? 4.736   12.025  2.855   1.00 18.39 ? 15  TYR A CB  1 
ATOM   60   C  CG  . TYR A 1 15  ? 5.996   12.446  3.558   1.00 18.83 ? 15  TYR A CG  1 
ATOM   61   C  CD1 . TYR A 1 15  ? 7.111   12.870  2.857   1.00 19.68 ? 15  TYR A CD1 1 
ATOM   62   C  CD2 . TYR A 1 15  ? 6.103   12.370  4.950   1.00 20.33 ? 15  TYR A CD2 1 
ATOM   63   C  CE1 . TYR A 1 15  ? 8.294   13.240  3.481   1.00 22.02 ? 15  TYR A CE1 1 
ATOM   64   C  CE2 . TYR A 1 15  ? 7.277   12.724  5.579   1.00 19.85 ? 15  TYR A CE2 1 
ATOM   65   C  CZ  . TYR A 1 15  ? 8.378   13.151  4.861   1.00 22.92 ? 15  TYR A CZ  1 
ATOM   66   O  OH  . TYR A 1 15  ? 9.534   13.513  5.486   1.00 28.92 ? 15  TYR A OH  1 
ATOM   67   N  N   . ARG A 1 16  ? 3.034   12.086  0.122   1.00 15.07 ? 16  ARG A N   1 
ATOM   68   C  CA  . ARG A 1 16  ? 2.045   11.363  -0.677  1.00 14.88 ? 16  ARG A CA  1 
ATOM   69   C  C   . ARG A 1 16  ? 2.646   9.997   -0.964  1.00 14.23 ? 16  ARG A C   1 
ATOM   70   O  O   . ARG A 1 16  ? 3.763   9.916   -1.506  1.00 14.85 ? 16  ARG A O   1 
ATOM   71   C  CB  . ARG A 1 16  ? 1.722   12.080  -1.997  1.00 15.16 ? 16  ARG A CB  1 
ATOM   72   C  CG  . ARG A 1 16  ? 1.010   11.228  -3.039  1.00 15.60 ? 16  ARG A CG  1 
ATOM   73   C  CD  . ARG A 1 16  ? 0.615   12.130  -4.224  1.00 16.21 ? 16  ARG A CD  1 
ATOM   74   N  NE  . ARG A 1 16  ? 0.680   11.465  -5.518  1.00 15.36 ? 16  ARG A NE  1 
ATOM   75   C  CZ  . ARG A 1 16  ? -0.281  10.809  -6.095  1.00 14.60 ? 16  ARG A CZ  1 
ATOM   76   N  NH1 . ARG A 1 16  ? -1.481  10.702  -5.539  1.00 16.21 ? 16  ARG A NH1 1 
ATOM   77   N  NH2 . ARG A 1 16  ? -0.054  10.246  -7.266  1.00 15.99 ? 16  ARG A NH2 1 
ATOM   78   N  N   . VAL A 1 17  ? 1.970   8.943   -0.501  1.00 12.24 ? 17  VAL A N   1 
ATOM   79   C  CA  . VAL A 1 17  ? 2.433   7.542   -0.640  1.00 11.72 ? 17  VAL A CA  1 
ATOM   80   C  C   . VAL A 1 17  ? 1.552   6.874   -1.668  1.00 11.84 ? 17  VAL A C   1 
ATOM   81   O  O   . VAL A 1 17  ? 0.328   6.775   -1.493  1.00 12.31 ? 17  VAL A O   1 
ATOM   82   C  CB  . VAL A 1 17  ? 2.370   6.755   0.677   1.00 11.85 ? 17  VAL A CB  1 
ATOM   83   C  CG1 . VAL A 1 17  ? 3.040   5.394   0.462   1.00 12.95 ? 17  VAL A CG1 1 
ATOM   84   C  CG2 . VAL A 1 17  ? 2.950   7.562   1.815   1.00 12.35 ? 17  VAL A CG2 1 
ATOM   85   N  N   . VAL A 1 18  ? 2.165   6.438   -2.754  1.00 12.30 ? 18  VAL A N   1 
ATOM   86   C  CA  . VAL A 1 18  ? 1.464   5.798   -3.874  1.00 11.92 ? 18  VAL A CA  1 
ATOM   87   C  C   . VAL A 1 18  ? 2.142   4.495   -4.242  1.00 10.47 ? 18  VAL A C   1 
ATOM   88   O  O   . VAL A 1 18  ? 3.293   4.242   -3.915  1.00 11.47 ? 18  VAL A O   1 
ATOM   89   C  CB  . VAL A 1 18  ? 1.391   6.725   -5.103  1.00 12.91 ? 18  VAL A CB  1 
ATOM   90   C  CG1 . VAL A 1 18  ? 0.429   7.855   -4.805  1.00 16.70 ? 18  VAL A CG1 1 
ATOM   91   C  CG2 . VAL A 1 18  ? 2.739   7.199   -5.630  1.00 13.60 ? 18  VAL A CG2 1 
ATOM   92   N  N   . ASN A 1 19  ? 1.378   3.668   -4.951  1.00 10.54 ? 19  ASN A N   1 
ATOM   93   C  CA  . ASN A 1 19  ? 2.033   2.514   -5.608  1.00 11.04 ? 19  ASN A CA  1 
ATOM   94   C  C   . ASN A 1 19  ? 3.094   3.035   -6.565  1.00 11.00 ? 19  ASN A C   1 
ATOM   95   O  O   . ASN A 1 19  ? 2.783   3.909   -7.387  1.00 11.37 ? 19  ASN A O   1 
ATOM   96   C  CB  . ASN A 1 19  ? 1.044   1.674   -6.389  1.00 10.96 ? 19  ASN A CB  1 
ATOM   97   C  CG  . ASN A 1 19  ? -0.020  1.060   -5.518  1.00 10.58 ? 19  ASN A CG  1 
ATOM   98   O  OD1 . ASN A 1 19  ? -1.086  1.621   -5.369  1.00 11.50 ? 19  ASN A OD1 1 
ATOM   99   N  ND2 . ASN A 1 19  ? 0.255   -0.104  -4.978  1.00 11.75 ? 19  ASN A ND2 1 
ATOM   100  N  N   . ARG A 1 20  ? 4.295   2.494   -6.498  1.00 10.88 ? 20  ARG A N   1 
ATOM   101  C  CA  . ARG A 1 20  ? 5.368   2.965   -7.397  1.00 11.74 ? 20  ARG A CA  1 
ATOM   102  C  C   . ARG A 1 20  ? 4.923   2.861   -8.853  1.00 12.62 ? 20  ARG A C   1 
ATOM   103  O  O   . ARG A 1 20  ? 5.214   3.803   -9.646  1.00 11.79 ? 20  ARG A O   1 
ATOM   104  C  CB  . ARG A 1 20  ? 6.647   2.167   -7.197  1.00 11.73 ? 20  ARG A CB  1 
ATOM   105  C  CG  . ARG A 1 20  ? 7.872   2.758   -7.894  1.00 12.59 ? 20  ARG A CG  1 
ATOM   106  C  CD  . ARG A 1 20  ? 9.071   1.887   -7.650  1.00 13.70 ? 20  ARG A CD  1 
ATOM   107  N  NE  . ARG A 1 20  ? 10.326  2.319   -8.254  1.00 14.88 ? 20  ARG A NE  1 
ATOM   108  C  CZ  . ARG A 1 20  ? 10.681  2.105   -9.501  1.00 14.10 ? 20  ARG A CZ  1 
ATOM   109  N  NH1 . ARG A 1 20  ? 9.885   1.507   -10.368 1.00 16.85 ? 20  ARG A NH1 1 
ATOM   110  N  NH2 . ARG A 1 20  ? 11.900  2.470   -9.890  1.00 16.96 ? 20  ARG A NH2 1 
ATOM   111  N  N   . HIS A 1 21  ? 4.177   1.824   -9.213  1.00 11.87 ? 21  HIS A N   1 
ATOM   112  C  CA  . HIS A 1 21  ? 3.807   1.604   -10.631 1.00 12.16 ? 21  HIS A CA  1 
ATOM   113  C  C   . HIS A 1 21  ? 2.764   2.613   -11.071 1.00 11.81 ? 21  HIS A C   1 
ATOM   114  O  O   . HIS A 1 21  ? 2.537   2.694   -12.288 1.00 13.54 ? 21  HIS A O   1 
ATOM   115  C  CB  . HIS A 1 21  ? 3.417   0.147   -10.914 1.00 12.50 ? 21  HIS A CB  1 
ATOM   116  C  CG  . HIS A 1 21  ? 2.089   -0.232  -10.341 1.00 12.73 ? 21  HIS A CG  1 
ATOM   117  N  ND1 . HIS A 1 21  ? 1.930   -0.738  -9.053  1.00 12.45 ? 21  HIS A ND1 1 
ATOM   118  C  CD2 . HIS A 1 21  ? 0.863   -0.251  -10.915 1.00 13.42 ? 21  HIS A CD2 1 
ATOM   119  C  CE1 . HIS A 1 21  ? 0.654   -1.029  -8.893  1.00 12.64 ? 21  HIS A CE1 1 
ATOM   120  N  NE2 . HIS A 1 21  ? -0.024  -0.729  -9.973  1.00 13.83 ? 21  HIS A NE2 1 
ATOM   121  N  N   . LEU A 1 22  ? 2.115   3.347   -10.194 1.00 10.78 ? 22  LEU A N   1 
ATOM   122  C  CA  . LEU A 1 22  ? 1.114   4.376   -10.520 1.00 11.51 ? 22  LEU A CA  1 
ATOM   123  C  C   . LEU A 1 22  ? 1.652   5.768   -10.260 1.00 11.98 ? 22  LEU A C   1 
ATOM   124  O  O   . LEU A 1 22  ? 0.871   6.727   -10.458 1.00 13.42 ? 22  LEU A O   1 
ATOM   125  C  CB  . LEU A 1 22  ? -0.136  4.140   -9.681  1.00 12.04 ? 22  LEU A CB  1 
ATOM   126  C  CG  . LEU A 1 22  ? -0.851  2.824   -9.959  1.00 12.26 ? 22  LEU A CG  1 
ATOM   127  C  CD1 . LEU A 1 22  ? -2.126  2.684   -9.125  1.00 12.57 ? 22  LEU A CD1 1 
ATOM   128  C  CD2 . LEU A 1 22  ? -1.234  2.685   -11.456 1.00 14.04 ? 22  LEU A CD2 1 
ATOM   129  N  N   . ALA A 1 23  ? 2.920   5.919   -9.887  1.00 11.34 ? 23  ALA A N   1 
ATOM   130  C  CA  . ALA A 1 23  ? 3.494   7.261   -9.642  1.00 12.30 ? 23  ALA A CA  1 
ATOM   131  C  C   . ALA A 1 23  ? 3.440   8.072   -10.932 1.00 12.16 ? 23  ALA A C   1 
ATOM   132  O  O   . ALA A 1 23  ? 3.656   7.500   -12.019 1.00 14.37 ? 23  ALA A O   1 
ATOM   133  C  CB  . ALA A 1 23  ? 4.894   7.126   -9.101  1.00 12.78 ? 23  ALA A CB  1 
ATOM   134  N  N   . THR A 1 24  ? 3.218   9.352   -10.801 1.00 12.80 ? 24  THR A N   1 
ATOM   135  C  CA  . THR A 1 24  ? 3.110   10.269  -11.946 1.00 13.32 ? 24  THR A CA  1 
ATOM   136  C  C   . THR A 1 24  ? 4.454   10.926  -12.179 1.00 14.01 ? 24  THR A C   1 
ATOM   137  O  O   . THR A 1 24  ? 5.382   10.810  -11.385 1.00 12.94 ? 24  THR A O   1 
ATOM   138  C  CB  . THR A 1 24  ? 2.055   11.344  -11.668 1.00 13.24 ? 24  THR A CB  1 
ATOM   139  O  OG1 . THR A 1 24  ? 2.479   12.166  -10.591 1.00 14.94 ? 24  THR A OG1 1 
ATOM   140  C  CG2 . THR A 1 24  ? 0.682   10.772  -11.410 1.00 15.56 ? 24  THR A CG2 1 
ATOM   141  N  N   . HIS A 1 25  ? 4.563   11.657  -13.307 1.00 13.46 ? 25  HIS A N   1 
ATOM   142  C  CA  . HIS A 1 25  ? 5.782   12.458  -13.517 1.00 15.55 ? 25  HIS A CA  1 
ATOM   143  C  C   . HIS A 1 25  ? 5.964   13.451  -12.363 1.00 14.93 ? 25  HIS A C   1 
ATOM   144  O  O   . HIS A 1 25  ? 7.086   13.616  -11.913 1.00 14.96 ? 25  HIS A O   1 
ATOM   145  C  CB  . HIS A 1 25  ? 5.769   13.141  -14.903 1.00 16.92 ? 25  HIS A CB  1 
ATOM   146  C  CG  . HIS A 1 25  ? 6.745   14.278  -14.969 1.00 19.24 ? 25  HIS A CG  1 
ATOM   147  N  ND1 . HIS A 1 25  ? 8.103   14.091  -15.171 1.00 20.62 ? 25  HIS A ND1 1 
ATOM   148  C  CD2 . HIS A 1 25  ? 6.603   15.618  -14.706 1.00 22.76 ? 25  HIS A CD2 1 
ATOM   149  C  CE1 . HIS A 1 25  ? 8.721   15.241  -15.170 1.00 22.59 ? 25  HIS A CE1 1 
ATOM   150  N  NE2 . HIS A 1 25  ? 7.838   16.196  -14.833 1.00 24.80 ? 25  HIS A NE2 1 
ATOM   151  N  N   . ASN A 1 26  ? 4.894   14.070  -11.881 1.00 15.07 ? 26  ASN A N   1 
ATOM   152  C  CA  . ASN A 1 26  ? 5.013   15.037  -10.775 1.00 15.91 ? 26  ASN A CA  1 
ATOM   153  C  C   . ASN A 1 26  ? 5.523   14.326  -9.504  1.00 14.63 ? 26  ASN A C   1 
ATOM   154  O  O   . ASN A 1 26  ? 6.322   14.881  -8.765  1.00 15.31 ? 26  ASN A O   1 
ATOM   155  C  CB  . ASN A 1 26  ? 3.679   15.716  -10.482 1.00 18.38 ? 26  ASN A CB  1 
ATOM   156  C  CG  . ASN A 1 26  ? 3.851   16.790  -9.429  1.00 24.26 ? 26  ASN A CG  1 
ATOM   157  O  OD1 . ASN A 1 26  ? 4.410   17.845  -9.720  1.00 29.48 ? 26  ASN A OD1 1 
ATOM   158  N  ND2 . ASN A 1 26  ? 3.516   16.501  -8.182  1.00 27.44 ? 26  ASN A ND2 1 
ATOM   159  N  N   . ASP A 1 27  ? 5.069   13.097  -9.271  1.00 14.65 ? 27  ASP A N   1 
ATOM   160  C  CA  . ASP A 1 27  ? 5.611   12.324  -8.126  1.00 12.60 ? 27  ASP A CA  1 
ATOM   161  C  C   . ASP A 1 27  ? 7.115   12.171  -8.266  1.00 11.63 ? 27  ASP A C   1 
ATOM   162  O  O   . ASP A 1 27  ? 7.868   12.405  -7.298  1.00 13.00 ? 27  ASP A O   1 
ATOM   163  C  CB  . ASP A 1 27  ? 4.995   10.939  -7.954  1.00 12.95 ? 27  ASP A CB  1 
ATOM   164  C  CG  . ASP A 1 27  ? 3.557   10.999  -7.506  1.00 14.03 ? 27  ASP A CG  1 
ATOM   165  O  OD1 . ASP A 1 27  ? 3.257   11.807  -6.616  1.00 15.41 ? 27  ASP A OD1 1 
ATOM   166  O  OD2 . ASP A 1 27  ? 2.723   10.238  -8.039  1.00 13.06 ? 27  ASP A OD2 1 
ATOM   167  N  N   . TRP A 1 28  ? 7.600   11.707  -9.413  1.00 13.06 ? 28  TRP A N   1 
ATOM   168  C  CA  . TRP A 1 28  ? 9.036   11.460  -9.667  1.00 13.08 ? 28  TRP A CA  1 
ATOM   169  C  C   . TRP A 1 28  ? 9.811   12.785  -9.597  1.00 11.87 ? 28  TRP A C   1 
ATOM   170  O  O   . TRP A 1 28  ? 10.944  12.763  -9.165  1.00 13.84 ? 28  TRP A O   1 
ATOM   171  C  CB  . TRP A 1 28  ? 9.235   10.788  -11.020 1.00 13.22 ? 28  TRP A CB  1 
ATOM   172  C  CG  . TRP A 1 28  ? 8.975   9.313   -10.965 1.00 12.63 ? 28  TRP A CG  1 
ATOM   173  C  CD1 . TRP A 1 28  ? 7.883   8.626   -11.411 1.00 12.89 ? 28  TRP A CD1 1 
ATOM   174  C  CD2 . TRP A 1 28  ? 9.894   8.350   -10.444 1.00 12.22 ? 28  TRP A CD2 1 
ATOM   175  N  NE1 . TRP A 1 28  ? 8.055   7.275   -11.193 1.00 12.06 ? 28  TRP A NE1 1 
ATOM   176  C  CE2 . TRP A 1 28  ? 9.284   7.087   -10.613 1.00 11.53 ? 28  TRP A CE2 1 
ATOM   177  C  CE3 . TRP A 1 28  ? 11.169  8.424   -9.869  1.00 13.14 ? 28  TRP A CE3 1 
ATOM   178  C  CZ2 . TRP A 1 28  ? 9.921   5.919   -10.220 1.00 13.01 ? 28  TRP A CZ2 1 
ATOM   179  C  CZ3 . TRP A 1 28  ? 11.775  7.259   -9.477  1.00 13.22 ? 28  TRP A CZ3 1 
ATOM   180  C  CH2 . TRP A 1 28  ? 11.155  6.031   -9.637  1.00 12.51 ? 28  TRP A CH2 1 
ATOM   181  N  N   . ALA A 1 29  ? 9.196   13.897  -9.993  1.00 12.54 ? 29  ALA A N   1 
ATOM   182  C  CA  . ALA A 1 29  ? 9.862   15.225  -9.974  1.00 14.11 ? 29  ALA A CA  1 
ATOM   183  C  C   . ALA A 1 29  ? 9.932   15.792  -8.570  1.00 16.39 ? 29  ALA A C   1 
ATOM   184  O  O   . ALA A 1 29  ? 10.618  16.799  -8.352  1.00 16.47 ? 29  ALA A O   1 
ATOM   185  C  CB  . ALA A 1 29  ? 9.136   16.157  -10.923 1.00 14.80 ? 29  ALA A CB  1 
ATOM   186  N  N   . ASN A 1 30  ? 9.174   15.225  -7.632  1.00 17.25 ? 30  ASN A N   1 
ATOM   187  C  CA  . ASN A 1 30  ? 9.126   15.685  -6.226  1.00 16.33 ? 30  ASN A CA  1 
ATOM   188  C  C   . ASN A 1 30  ? 9.420   14.488  -5.324  1.00 15.98 ? 30  ASN A C   1 
ATOM   189  O  O   . ASN A 1 30  ? 8.763   14.315  -4.264  1.00 16.57 ? 30  ASN A O   1 
ATOM   190  C  CB  . ASN A 1 30  ? 7.778   16.335  -5.966  1.00 17.61 ? 30  ASN A CB  1 
ATOM   191  C  CG  . ASN A 1 30  ? 7.623   17.636  -6.732  1.00 18.85 ? 30  ASN A CG  1 
ATOM   192  O  OD1 . ASN A 1 30  ? 8.115   18.669  -6.303  1.00 22.05 ? 30  ASN A OD1 1 
ATOM   193  N  ND2 . ASN A 1 30  ? 6.956   17.591  -7.852  1.00 21.01 ? 30  ASN A ND2 1 
ATOM   194  N  N   . LEU A 1 31  ? 10.355  13.644  -5.720  1.00 16.34 ? 31  LEU A N   1 
ATOM   195  C  CA  . LEU A 1 31  ? 10.568  12.331  -5.084  1.00 16.39 ? 31  LEU A CA  1 
ATOM   196  C  C   . LEU A 1 31  ? 11.157  12.523  -3.692  1.00 17.66 ? 31  LEU A C   1 
ATOM   197  O  O   . LEU A 1 31  ? 12.155  13.257  -3.524  1.00 17.97 ? 31  LEU A O   1 
ATOM   198  C  CB  . LEU A 1 31  ? 11.532  11.523  -5.930  1.00 14.95 ? 31  LEU A CB  1 
ATOM   199  C  CG  . LEU A 1 31  ? 11.835  10.111  -5.441  1.00 15.52 ? 31  LEU A CG  1 
ATOM   200  C  CD1 . LEU A 1 31  ? 10.584  9.242   -5.408  1.00 17.46 ? 31  LEU A CD1 1 
ATOM   201  C  CD2 . LEU A 1 31  ? 12.891  9.472   -6.285  1.00 15.74 ? 31  LEU A CD2 1 
ATOM   202  N  N   . VAL A 1 32  ? 10.613  11.770  -2.733  1.00 16.74 ? 32  VAL A N   1 
ATOM   203  C  CA  . VAL A 1 32  ? 11.242  11.599  -1.399  1.00 17.00 ? 32  VAL A CA  1 
ATOM   204  C  C   . VAL A 1 32  ? 11.959  10.264  -1.297  1.00 17.53 ? 32  VAL A C   1 
ATOM   205  O  O   . VAL A 1 32  ? 13.113  10.196  -0.851  1.00 19.45 ? 32  VAL A O   1 
ATOM   206  C  CB  . VAL A 1 32  ? 10.159  11.785  -0.328  1.00 17.97 ? 32  VAL A CB  1 
ATOM   207  C  CG1 . VAL A 1 32  ? 10.689  11.451  1.046   1.00 18.46 ? 32  VAL A CG1 1 
ATOM   208  C  CG2 . VAL A 1 32  ? 9.580   13.177  -0.397  1.00 18.74 ? 32  VAL A CG2 1 
ATOM   209  N  N   . TRP A 1 33  ? 11.304  9.188   -1.709  1.00 14.47 ? 33  TRP A N   1 
ATOM   210  C  CA  . TRP A 1 33  ? 11.825  7.818   -1.514  1.00 14.84 ? 33  TRP A CA  1 
ATOM   211  C  C   . TRP A 1 33  ? 11.064  6.885   -2.443  1.00 13.80 ? 33  TRP A C   1 
ATOM   212  O  O   . TRP A 1 33  ? 9.855   7.111   -2.615  1.00 14.51 ? 33  TRP A O   1 
ATOM   213  C  CB  . TRP A 1 33  ? 11.702  7.433   -0.040  1.00 16.02 ? 33  TRP A CB  1 
ATOM   214  C  CG  . TRP A 1 33  ? 11.949  6.004   0.276   1.00 15.64 ? 33  TRP A CG  1 
ATOM   215  C  CD1 . TRP A 1 33  ? 13.145  5.414   0.492   1.00 18.19 ? 33  TRP A CD1 1 
ATOM   216  C  CD2 . TRP A 1 33  ? 10.969  4.954   0.399   1.00 15.19 ? 33  TRP A CD2 1 
ATOM   217  N  NE1 . TRP A 1 33  ? 12.987  4.070   0.766   1.00 19.61 ? 33  TRP A NE1 1 
ATOM   218  C  CE2 . TRP A 1 33  ? 11.654  3.756   0.687   1.00 16.78 ? 33  TRP A CE2 1 
ATOM   219  C  CE3 . TRP A 1 33  ? 9.588   4.914   0.274   1.00 15.16 ? 33  TRP A CE3 1 
ATOM   220  C  CZ2 . TRP A 1 33  ? 10.995  2.561   0.964   1.00 16.46 ? 33  TRP A CZ2 1 
ATOM   221  C  CZ3 . TRP A 1 33  ? 8.928   3.722   0.517   1.00 15.40 ? 33  TRP A CZ3 1 
ATOM   222  C  CH2 . TRP A 1 33  ? 9.631   2.571   0.839   1.00 14.91 ? 33  TRP A CH2 1 
ATOM   223  N  N   . GLU A 1 34  ? 11.727  5.887   -2.969  1.00 13.40 ? 34  GLU A N   1 
ATOM   224  C  CA  . GLU A 1 34  ? 11.005  4.851   -3.745  1.00 13.89 ? 34  GLU A CA  1 
ATOM   225  C  C   . GLU A 1 34  ? 11.701  3.516   -3.599  1.00 14.33 ? 34  GLU A C   1 
ATOM   226  O  O   . GLU A 1 34  ? 12.944  3.485   -3.390  1.00 15.81 ? 34  GLU A O   1 
ATOM   227  C  CB  . GLU A 1 34  ? 10.819  5.219   -5.218  1.00 14.17 ? 34  GLU A CB  1 
ATOM   228  C  CG  . GLU A 1 34  ? 12.138  5.543   -5.919  1.00 14.64 ? 34  GLU A CG  1 
ATOM   229  C  CD  . GLU A 1 34  ? 12.947  4.389   -6.493  1.00 15.97 ? 34  GLU A CD  1 
ATOM   230  O  OE1 . GLU A 1 34  ? 14.182  4.541   -6.667  1.00 17.51 ? 34  GLU A OE1 1 
ATOM   231  O  OE2 . GLU A 1 34  ? 12.379  3.341   -6.670  1.00 16.54 ? 34  GLU A OE2 1 
ATOM   232  N  N   . ASP A 1 35  ? 10.946  2.432   -3.716  1.00 14.38 ? 35  ASP A N   1 
ATOM   233  C  CA  . ASP A 1 35  ? 11.487  1.063   -3.585  1.00 14.41 ? 35  ASP A CA  1 
ATOM   234  C  C   . ASP A 1 35  ? 10.663  0.159   -4.482  1.00 15.18 ? 35  ASP A C   1 
ATOM   235  O  O   . ASP A 1 35  ? 9.481   -0.092  -4.180  1.00 14.56 ? 35  ASP A O   1 
ATOM   236  C  CB  . ASP A 1 35  ? 11.481  0.659   -2.112  1.00 14.76 ? 35  ASP A CB  1 
ATOM   237  C  CG  . ASP A 1 35  ? 12.032  -0.708  -1.848  1.00 16.04 ? 35  ASP A CG  1 
ATOM   238  O  OD1 . ASP A 1 35  ? 11.747  -1.625  -2.627  1.00 17.89 ? 35  ASP A OD1 1 
ATOM   239  O  OD2 . ASP A 1 35  ? 12.702  -0.817  -0.787  1.00 22.20 ? 35  ASP A OD2 1 
ATOM   240  N  N   A SER A 1 36  ? 11.228  -0.287  -5.606  0.25 15.53 ? 36  SER A N   1 
ATOM   241  N  N   B SER A 1 36  ? 11.228  -0.287  -5.606  0.25 15.53 ? 36  SER A N   1 
ATOM   242  C  CA  A SER A 1 36  ? 10.542  -1.154  -6.590  0.25 15.15 ? 36  SER A CA  1 
ATOM   243  C  CA  B SER A 1 36  ? 10.521  -1.142  -6.582  0.25 16.67 ? 36  SER A CA  1 
ATOM   244  C  C   A SER A 1 36  ? 10.130  -2.464  -5.918  0.25 14.62 ? 36  SER A C   1 
ATOM   245  C  C   B SER A 1 36  ? 10.130  -2.464  -5.918  0.25 14.62 ? 36  SER A C   1 
ATOM   246  O  O   A SER A 1 36  ? 9.042   -2.957  -6.209  0.25 14.79 ? 36  SER A O   1 
ATOM   247  O  O   B SER A 1 36  ? 9.042   -2.957  -6.209  0.25 14.79 ? 36  SER A O   1 
ATOM   248  C  CB  A SER A 1 36  ? 11.440  -1.467  -7.771  0.25 14.90 ? 36  SER A CB  1 
ATOM   249  C  CB  B SER A 1 36  ? 11.390  -1.404  -7.782  0.25 18.45 ? 36  SER A CB  1 
ATOM   250  O  OG  A SER A 1 36  ? 10.837  -2.433  -8.621  0.25 14.27 ? 36  SER A OG  1 
ATOM   251  O  OG  B SER A 1 36  ? 12.749  -1.434  -7.392  0.25 22.76 ? 36  SER A OG  1 
ATOM   252  N  N   . SER A 1 37  ? 11.012  -3.006  -5.082  1.00 15.11 ? 37  SER A N   1 
ATOM   253  C  CA  . SER A 1 37  ? 10.748  -4.320  -4.449  1.00 14.61 ? 37  SER A CA  1 
ATOM   254  C  C   . SER A 1 37  ? 9.480   -4.250  -3.598  1.00 14.91 ? 37  SER A C   1 
ATOM   255  O  O   . SER A 1 37  ? 8.808   -5.259  -3.477  1.00 16.02 ? 37  SER A O   1 
ATOM   256  C  CB  . SER A 1 37  ? 11.883  -4.843  -3.625  1.00 16.60 ? 37  SER A CB  1 
ATOM   257  O  OG  . SER A 1 37  ? 12.008  -4.148  -2.417  1.00 20.54 ? 37  SER A OG  1 
ATOM   258  N  N   . ARG A 1 38  ? 9.132   -3.083  -3.092  1.00 12.77 ? 38  ARG A N   1 
ATOM   259  C  CA  . ARG A 1 38  ? 7.941   -2.860  -2.231  1.00 12.35 ? 38  ARG A CA  1 
ATOM   260  C  C   . ARG A 1 38  ? 6.747   -2.333  -3.026  1.00 11.80 ? 38  ARG A C   1 
ATOM   261  O  O   . ARG A 1 38  ? 5.686   -2.175  -2.426  1.00 12.49 ? 38  ARG A O   1 
ATOM   262  C  CB  . ARG A 1 38  ? 8.295   -1.899  -1.090  1.00 14.00 ? 38  ARG A CB  1 
ATOM   263  C  CG  . ARG A 1 38  ? 9.355   -2.429  -0.148  1.00 14.25 ? 38  ARG A CG  1 
ATOM   264  C  CD  . ARG A 1 38  ? 9.606   -1.424  0.935   1.00 13.73 ? 38  ARG A CD  1 
ATOM   265  N  NE  . ARG A 1 38  ? 8.487   -1.219  1.835   1.00 12.08 ? 38  ARG A NE  1 
ATOM   266  C  CZ  . ARG A 1 38  ? 8.591   -0.988  3.143   1.00 12.10 ? 38  ARG A CZ  1 
ATOM   267  N  NH1 . ARG A 1 38  ? 9.789   -0.857  3.716   1.00 13.44 ? 38  ARG A NH1 1 
ATOM   268  N  NH2 . ARG A 1 38  ? 7.503   -0.927  3.910   1.00 12.68 ? 38  ARG A NH2 1 
ATOM   269  N  N   . ASP A 1 39  ? 6.949   -1.917  -4.274  1.00 12.17 ? 39  ASP A N   1 
ATOM   270  C  CA  . ASP A 1 39  ? 5.906   -1.226  -5.058  1.00 11.04 ? 39  ASP A CA  1 
ATOM   271  C  C   . ASP A 1 39  ? 5.511   0.082   -4.372  1.00 10.53 ? 39  ASP A C   1 
ATOM   272  O  O   . ASP A 1 39  ? 4.335   0.410   -4.426  1.00 11.47 ? 39  ASP A O   1 
ATOM   273  C  CB  . ASP A 1 39  ? 4.705   -2.129  -5.380  1.00 11.33 ? 39  ASP A CB  1 
ATOM   274  C  CG  . ASP A 1 39  ? 3.700   -1.470  -6.292  1.00 12.52 ? 39  ASP A CG  1 
ATOM   275  O  OD1 . ASP A 1 39  ? 4.141   -0.710  -7.229  1.00 12.31 ? 39  ASP A OD1 1 
ATOM   276  O  OD2 . ASP A 1 39  ? 2.494   -1.663  -6.108  1.00 12.57 ? 39  ASP A OD2 1 
ATOM   277  N  N   . LEU A 1 40  ? 6.440   0.837   -3.740  1.00 11.39 ? 40  LEU A N   1 
ATOM   278  C  CA  . LEU A 1 40  ? 6.079   2.111   -3.098  1.00 11.61 ? 40  LEU A CA  1 
ATOM   279  C  C   . LEU A 1 40  ? 6.923   3.259   -3.630  1.00 10.58 ? 40  LEU A C   1 
ATOM   280  O  O   . LEU A 1 40  ? 8.096   3.089   -3.908  1.00 11.66 ? 40  LEU A O   1 
ATOM   281  C  CB  . LEU A 1 40  ? 6.269   1.996   -1.591  1.00 11.73 ? 40  LEU A CB  1 
ATOM   282  C  CG  . LEU A 1 40  ? 5.306   1.127   -0.791  1.00 11.88 ? 40  LEU A CG  1 
ATOM   283  C  CD1 . LEU A 1 40  ? 5.664   1.191   0.699   1.00 12.34 ? 40  LEU A CD1 1 
ATOM   284  C  CD2 . LEU A 1 40  ? 3.870   1.599   -0.955  1.00 11.77 ? 40  LEU A CD2 1 
ATOM   285  N  N   . LEU A 1 41  ? 6.276   4.399   -3.647  1.00 11.13 ? 41  LEU A N   1 
ATOM   286  C  CA  . LEU A 1 41  ? 6.942   5.673   -3.933  1.00 11.47 ? 41  LEU A CA  1 
ATOM   287  C  C   . LEU A 1 41  ? 6.282   6.726   -3.054  1.00 11.69 ? 41  LEU A C   1 
ATOM   288  O  O   . LEU A 1 41  ? 5.058   6.749   -2.879  1.00 12.12 ? 41  LEU A O   1 
ATOM   289  C  CB  . LEU A 1 41  ? 6.868   5.970   -5.433  1.00 12.36 ? 41  LEU A CB  1 
ATOM   290  C  CG  . LEU A 1 41  ? 7.552   7.266   -5.888  1.00 12.62 ? 41  LEU A CG  1 
ATOM   291  C  CD1 . LEU A 1 41  ? 8.119   7.152   -7.281  1.00 13.17 ? 41  LEU A CD1 1 
ATOM   292  C  CD2 . LEU A 1 41  ? 6.624   8.438   -5.788  1.00 12.43 ? 41  LEU A CD2 1 
ATOM   293  N  N   . VAL A 1 42  ? 7.132   7.613   -2.548  1.00 11.84 ? 42  VAL A N   1 
ATOM   294  C  CA  . VAL A 1 42  ? 6.690   8.750   -1.710  1.00 13.15 ? 42  VAL A CA  1 
ATOM   295  C  C   . VAL A 1 42  ? 7.187   10.034  -2.376  1.00 13.13 ? 42  VAL A C   1 
ATOM   296  O  O   . VAL A 1 42  ? 8.410   10.093  -2.639  1.00 14.01 ? 42  VAL A O   1 
ATOM   297  C  CB  . VAL A 1 42  ? 7.192   8.636   -0.271  1.00 13.76 ? 42  VAL A CB  1 
ATOM   298  C  CG1 . VAL A 1 42  ? 6.717   9.811   0.556   1.00 15.50 ? 42  VAL A CG1 1 
ATOM   299  C  CG2 . VAL A 1 42  ? 6.739   7.299   0.312   1.00 13.32 ? 42  VAL A CG2 1 
ATOM   300  N  N   . SER A 1 43  ? 6.276   10.970  -2.563  1.00 14.00 ? 43  SER A N   1 
ATOM   301  C  CA  . SER A 1 43  ? 6.595   12.328  -3.071  1.00 14.02 ? 43  SER A CA  1 
ATOM   302  C  C   . SER A 1 43  ? 6.205   13.357  -2.016  1.00 17.99 ? 43  SER A C   1 
ATOM   303  O  O   . SER A 1 43  ? 5.396   13.040  -1.076  1.00 16.60 ? 43  SER A O   1 
ATOM   304  C  CB  . SER A 1 43  ? 5.934   12.524  -4.419  1.00 15.15 ? 43  SER A CB  1 
ATOM   305  O  OG  . SER A 1 43  ? 4.541   12.448  -4.332  1.00 15.57 ? 43  SER A OG  1 
ATOM   306  N  N   . SER A 1 44  ? 6.731   14.576  -2.181  1.00 17.81 ? 44  SER A N   1 
ATOM   307  C  CA  . SER A 1 44  ? 6.411   15.724  -1.296  1.00 20.29 ? 44  SER A CA  1 
ATOM   308  C  C   . SER A 1 44  ? 5.109   16.394  -1.721  1.00 20.38 ? 44  SER A C   1 
ATOM   309  O  O   . SER A 1 44  ? 4.794   16.433  -2.934  1.00 21.59 ? 44  SER A O   1 
ATOM   310  C  CB  . SER A 1 44  ? 7.541   16.685  -1.260  1.00 21.24 ? 44  SER A CB  1 
ATOM   311  O  OG  . SER A 1 44  ? 7.747   17.222  -2.561  1.00 23.74 ? 44  SER A OG  1 
ATOM   312  N  N   . THR A 1 45  ? 4.336   16.926  -0.774  1.00 21.34 ? 45  THR A N   1 
ATOM   313  C  CA  . THR A 1 45  ? 3.075   17.659  -1.014  1.00 22.94 ? 45  THR A CA  1 
ATOM   314  C  C   . THR A 1 45  ? 3.193   19.106  -0.473  1.00 26.38 ? 45  THR A C   1 
ATOM   315  O  O   . THR A 1 45  ? 4.018   19.340  0.423   1.00 26.00 ? 45  THR A O   1 
ATOM   316  C  CB  . THR A 1 45  ? 1.879   17.005  -0.329  1.00 23.68 ? 45  THR A CB  1 
ATOM   317  O  OG1 . THR A 1 45  ? 2.142   17.139  1.074   1.00 24.99 ? 45  THR A OG1 1 
ATOM   318  C  CG2 . THR A 1 45  ? 1.736   15.543  -0.687  1.00 23.41 ? 45  THR A CG2 1 
ATOM   319  N  N   . THR A 1 46  ? 2.367   20.005  -0.984  1.00 30.12 ? 46  THR A N   1 
ATOM   320  C  CA  . THR A 1 46  ? 2.319   21.395  -0.468  1.00 31.56 ? 46  THR A CA  1 
ATOM   321  C  C   . THR A 1 46  ? 1.384   21.411  0.752   1.00 30.41 ? 46  THR A C   1 
ATOM   322  O  O   . THR A 1 46  ? 1.786   21.973  1.766   1.00 35.43 ? 46  THR A O   1 
ATOM   323  C  CB  . THR A 1 46  ? 2.036   22.376  -1.617  1.00 29.72 ? 46  THR A CB  1 
ATOM   324  O  OG1 . THR A 1 46  ? 0.838   22.023  -2.302  1.00 37.14 ? 46  THR A OG1 1 
ATOM   325  C  CG2 . THR A 1 46  ? 3.139   22.369  -2.651  1.00 35.69 ? 46  THR A CG2 1 
ATOM   326  N  N   . ALA A 1 47  ? 0.206   20.803  0.663   1.00 31.75 ? 47  ALA A N   1 
ATOM   327  C  CA  . ALA A 1 47  ? -0.825  20.789  1.737   1.00 27.91 ? 47  ALA A CA  1 
ATOM   328  C  C   . ALA A 1 47  ? -0.617  19.559  2.622   1.00 29.39 ? 47  ALA A C   1 
ATOM   329  O  O   . ALA A 1 47  ? -0.291  18.488  2.063   1.00 30.80 ? 47  ALA A O   1 
ATOM   330  C  CB  . ALA A 1 47  ? -2.194  20.800  1.136   1.00 30.22 ? 47  ALA A CB  1 
ATOM   331  N  N   . GLN A 1 48  ? -0.804  19.704  3.939   1.00 25.50 ? 48  GLN A N   1 
ATOM   332  C  CA  . GLN A 1 48  ? -0.838  18.563  4.893   1.00 25.70 ? 48  GLN A CA  1 
ATOM   333  C  C   . GLN A 1 48  ? -2.026  17.615  4.643   1.00 21.12 ? 48  GLN A C   1 
ATOM   334  O  O   . GLN A 1 48  ? -3.120  18.012  4.230   1.00 23.25 ? 48  GLN A O   1 
ATOM   335  C  CB  . GLN A 1 48  ? -0.847  19.082  6.320   1.00 26.47 ? 48  GLN A CB  1 
ATOM   336  C  CG  . GLN A 1 48  ? 0.374   19.927  6.632   1.00 33.29 ? 48  GLN A CG  1 
ATOM   337  C  CD  . GLN A 1 48  ? 0.810   19.656  8.039   1.00 44.61 ? 48  GLN A CD  1 
ATOM   338  O  OE1 . GLN A 1 48  ? 0.457   20.390  8.955   1.00 53.33 ? 48  GLN A OE1 1 
ATOM   339  N  NE2 . GLN A 1 48  ? 1.528   18.554  8.219   1.00 47.90 ? 48  GLN A NE2 1 
ATOM   340  N  N   . GLY A 1 49  ? -1.773  16.321  4.882   1.00 24.97 ? 49  GLY A N   1 
ATOM   341  C  CA  . GLY A 1 49  ? -2.755  15.264  4.620   1.00 24.11 ? 49  GLY A CA  1 
ATOM   342  C  C   . GLY A 1 49  ? -3.503  14.809  5.864   1.00 19.72 ? 49  GLY A C   1 
ATOM   343  O  O   . GLY A 1 49  ? -3.084  15.189  6.982   1.00 22.54 ? 49  GLY A O   1 
ATOM   344  N  N   . CYS A 1 50  ? -4.581  14.070  5.649   1.00 20.94 ? 50  CYS A N   1 
ATOM   345  C  CA  . CYS A 1 50  ? -5.619  13.746  6.643   1.00 20.38 ? 50  CYS A CA  1 
ATOM   346  C  C   . CYS A 1 50  ? -5.249  12.404  7.301   1.00 19.20 ? 50  CYS A C   1 
ATOM   347  O  O   . CYS A 1 50  ? -5.941  12.070  8.255   1.00 20.60 ? 50  CYS A O   1 
ATOM   348  C  CB  . CYS A 1 50  ? -7.042  13.621  6.070   1.00 21.96 ? 50  CYS A CB  1 
ATOM   349  S  SG  . CYS A 1 50  ? -7.938  15.138  5.584   1.00 28.33 ? 50  CYS A SG  1 
ATOM   350  N  N   . ASP A 1 51  ? -4.244  11.671  6.810   1.00 17.42 ? 51  ASP A N   1 
ATOM   351  C  CA  . ASP A 1 51  ? -4.053  10.267  7.276   1.00 15.78 ? 51  ASP A CA  1 
ATOM   352  C  C   . ASP A 1 51  ? -3.037  10.173  8.408   1.00 15.39 ? 51  ASP A C   1 
ATOM   353  O  O   . ASP A 1 51  ? -2.029  10.885  8.460   1.00 16.08 ? 51  ASP A O   1 
ATOM   354  C  CB  . ASP A 1 51  ? -3.671  9.336   6.116   1.00 16.18 ? 51  ASP A CB  1 
ATOM   355  C  CG  . ASP A 1 51  ? -4.704  9.267   5.026   1.00 17.01 ? 51  ASP A CG  1 
ATOM   356  O  OD1 . ASP A 1 51  ? -5.881  9.273   5.318   1.00 20.59 ? 51  ASP A OD1 1 
ATOM   357  O  OD2 . ASP A 1 51  ? -4.301  9.249   3.849   1.00 18.44 ? 51  ASP A OD2 1 
ATOM   358  N  N   . THR A 1 52  ? -3.330  9.202   9.282   1.00 14.66 ? 52  THR A N   1 
ATOM   359  C  CA  . THR A 1 52  ? -2.455  8.756   10.380  1.00 14.36 ? 52  THR A CA  1 
ATOM   360  C  C   . THR A 1 52  ? -1.978  7.344   10.057  1.00 11.97 ? 52  THR A C   1 
ATOM   361  O  O   . THR A 1 52  ? -2.795  6.501   9.717   1.00 13.83 ? 52  THR A O   1 
ATOM   362  C  CB  . THR A 1 52  ? -3.208  8.728   11.704  1.00 14.55 ? 52  THR A CB  1 
ATOM   363  O  OG1 . THR A 1 52  ? -3.645  10.069  11.991  1.00 17.14 ? 52  THR A OG1 1 
ATOM   364  C  CG2 . THR A 1 52  ? -2.343  8.232   12.843  1.00 16.18 ? 52  THR A CG2 1 
ATOM   365  N  N   . ILE A 1 53  ? -0.670  7.141   10.139  1.00 12.41 ? 53  ILE A N   1 
ATOM   366  C  CA  . ILE A 1 53  ? -0.076  5.815   9.909   1.00 11.67 ? 53  ILE A CA  1 
ATOM   367  C  C   . ILE A 1 53  ? -0.180  5.002   11.189  1.00 11.43 ? 53  ILE A C   1 
ATOM   368  O  O   . ILE A 1 53  ? 0.195   5.454   12.257  1.00 12.20 ? 53  ILE A O   1 
ATOM   369  C  CB  . ILE A 1 53  ? 1.364   5.904   9.385   1.00 12.08 ? 53  ILE A CB  1 
ATOM   370  C  CG1 . ILE A 1 53  ? 1.495   6.886   8.195   1.00 12.99 ? 53  ILE A CG1 1 
ATOM   371  C  CG2 . ILE A 1 53  ? 1.877   4.511   9.071   1.00 11.94 ? 53  ILE A CG2 1 
ATOM   372  C  CD1 . ILE A 1 53  ? 0.664   6.530   7.032   1.00 14.23 ? 53  ILE A CD1 1 
ATOM   373  N  N   . ALA A 1 54  ? -0.643  3.774   11.064  1.00 11.67 ? 54  ALA A N   1 
ATOM   374  C  CA  . ALA A 1 54  ? -0.651  2.774   12.150  1.00 11.07 ? 54  ALA A CA  1 
ATOM   375  C  C   . ALA A 1 54  ? 0.791   2.437   12.545  1.00 10.38 ? 54  ALA A C   1 
ATOM   376  O  O   . ALA A 1 54  ? 1.658   2.325   11.664  1.00 10.92 ? 54  ALA A O   1 
ATOM   377  C  CB  . ALA A 1 54  ? -1.373  1.547   11.689  1.00 11.46 ? 54  ALA A CB  1 
ATOM   378  N  N   . ARG A 1 55  ? 1.032   2.297   13.856  1.00 11.29 ? 55  ARG A N   1 
ATOM   379  C  CA  . ARG A 1 55  ? 2.347   1.843   14.367  1.00 11.10 ? 55  ARG A CA  1 
ATOM   380  C  C   . ARG A 1 55  ? 2.030   0.712   15.310  1.00 10.34 ? 55  ARG A C   1 
ATOM   381  O  O   . ARG A 1 55  ? 1.647   0.940   16.462  1.00 12.23 ? 55  ARG A O   1 
ATOM   382  C  CB  . ARG A 1 55  ? 3.118   2.967   15.057  1.00 12.01 ? 55  ARG A CB  1 
ATOM   383  C  CG  . ARG A 1 55  ? 3.402   4.167   14.160  1.00 12.82 ? 55  ARG A CG  1 
ATOM   384  C  CD  . ARG A 1 55  ? 4.272   3.900   12.934  1.00 13.02 ? 55  ARG A CD  1 
ATOM   385  N  NE  . ARG A 1 55  ? 4.404   5.132   12.120  1.00 13.88 ? 55  ARG A NE  1 
ATOM   386  C  CZ  . ARG A 1 55  ? 4.841   5.146   10.870  1.00 13.93 ? 55  ARG A CZ  1 
ATOM   387  N  NH1 . ARG A 1 55  ? 5.225   4.050   10.295  1.00 13.71 ? 55  ARG A NH1 1 
ATOM   388  N  NH2 . ARG A 1 55  ? 4.859   6.276   10.158  1.00 15.93 ? 55  ARG A NH2 1 
ATOM   389  N  N   . CYS A 1 56  ? 2.109   -0.514  14.806  1.00 10.99 ? 56  CYS A N   1 
ATOM   390  C  CA  . CYS A 1 56  ? 1.492   -1.687  15.447  1.00 10.58 ? 56  CYS A CA  1 
ATOM   391  C  C   . CYS A 1 56  ? 1.827   -2.954  14.668  1.00 10.91 ? 56  CYS A C   1 
ATOM   392  O  O   . CYS A 1 56  ? 2.448   -2.889  13.573  1.00 10.72 ? 56  CYS A O   1 
ATOM   393  C  CB  . CYS A 1 56  ? -0.025  -1.488  15.454  1.00 10.18 ? 56  CYS A CB  1 
ATOM   394  S  SG  . CYS A 1 56  ? -0.774  -1.677  13.793  1.00 11.28 ? 56  CYS A SG  1 
ATOM   395  N  N   A ASP A 1 57  ? 1.465   -4.108  15.217  0.25 11.64 ? 57  ASP A N   1 
ATOM   396  N  N   B ASP A 1 57  ? 1.371   -4.056  15.269  0.25 12.11 ? 57  ASP A N   1 
ATOM   397  C  CA  A ASP A 1 57  ? 1.552   -5.388  14.469  0.25 12.51 ? 57  ASP A CA  1 
ATOM   398  C  CA  B ASP A 1 57  ? 1.525   -5.463  14.825  0.25 13.53 ? 57  ASP A CA  1 
ATOM   399  C  C   A ASP A 1 57  ? 0.162   -6.023  14.371  0.25 12.10 ? 57  ASP A C   1 
ATOM   400  C  C   B ASP A 1 57  ? 0.159   -6.037  14.409  0.25 12.63 ? 57  ASP A C   1 
ATOM   401  O  O   A ASP A 1 57  ? 0.036   -7.263  14.416  0.25 13.30 ? 57  ASP A O   1 
ATOM   402  O  O   B ASP A 1 57  ? 0.047   -7.272  14.280  0.25 13.36 ? 57  ASP A O   1 
ATOM   403  C  CB  A ASP A 1 57  ? 2.565   -6.351  15.093  0.25 12.88 ? 57  ASP A CB  1 
ATOM   404  C  CB  B ASP A 1 57  ? 2.176   -6.298  15.946  0.25 14.96 ? 57  ASP A CB  1 
ATOM   405  C  CG  A ASP A 1 57  ? 2.153   -6.857  16.460  0.25 13.83 ? 57  ASP A CG  1 
ATOM   406  C  CG  B ASP A 1 57  ? 2.815   -7.609  15.515  0.25 17.14 ? 57  ASP A CG  1 
ATOM   407  O  OD1 A ASP A 1 57  ? 1.189   -6.315  17.024  0.25 13.53 ? 57  ASP A OD1 1 
ATOM   408  O  OD1 B ASP A 1 57  ? 3.418   -7.631  14.435  0.25 17.84 ? 57  ASP A OD1 1 
ATOM   409  O  OD2 A ASP A 1 57  ? 2.864   -7.774  16.967  0.25 17.40 ? 57  ASP A OD2 1 
ATOM   410  O  OD2 B ASP A 1 57  ? 2.657   -8.616  16.248  0.25 19.43 ? 57  ASP A OD2 1 
ATOM   411  N  N   . CYS A 1 58  ? -0.873  -5.214  14.201  1.00 11.85 ? 58  CYS A N   1 
ATOM   412  C  CA  . CYS A 1 58  ? -2.215  -5.737  13.882  1.00 11.15 ? 58  CYS A CA  1 
ATOM   413  C  C   . CYS A 1 58  ? -2.135  -6.668  12.664  1.00 11.61 ? 58  CYS A C   1 
ATOM   414  O  O   . CYS A 1 58  ? -1.380  -6.404  11.727  1.00 11.78 ? 58  CYS A O   1 
ATOM   415  C  CB  . CYS A 1 58  ? -3.234  -4.668  13.577  1.00 13.06 ? 58  CYS A CB  1 
ATOM   416  S  SG  . CYS A 1 58  ? -3.721  -3.698  15.018  1.00 12.55 ? 58  CYS A SG  1 
ATOM   417  N  N   . GLN A 1 59  ? -2.999  -7.673  12.683  1.00 11.78 ? 59  GLN A N   1 
ATOM   418  C  CA  . GLN A 1 59  ? -3.255  -8.591  11.573  1.00 11.38 ? 59  GLN A CA  1 
ATOM   419  C  C   . GLN A 1 59  ? -4.725  -8.648  11.283  1.00 10.51 ? 59  GLN A C   1 
ATOM   420  O  O   . GLN A 1 59  ? -5.137  -9.541  10.544  1.00 11.74 ? 59  GLN A O   1 
ATOM   421  C  CB  . GLN A 1 59  ? -2.752  -10.015 11.886  1.00 12.08 ? 59  GLN A CB  1 
ATOM   422  C  CG  . GLN A 1 59  ? -1.246  -10.114 11.801  1.00 13.65 ? 59  GLN A CG  1 
ATOM   423  C  CD  . GLN A 1 59  ? -0.799  -11.563 11.854  1.00 14.13 ? 59  GLN A CD  1 
ATOM   424  O  OE1 . GLN A 1 59  ? -0.378  -12.035 12.912  1.00 16.50 ? 59  GLN A OE1 1 
ATOM   425  N  NE2 . GLN A 1 59  ? -0.991  -12.334 10.789  1.00 15.18 ? 59  GLN A NE2 1 
ATOM   426  N  N   . THR A 1 60  ? -5.491  -7.691  11.720  1.00 11.41 ? 60  THR A N   1 
ATOM   427  C  CA  . THR A 1 60  ? -6.892  -7.541  11.300  1.00 11.91 ? 60  THR A CA  1 
ATOM   428  C  C   . THR A 1 60  ? -7.186  -6.068  11.002  1.00 11.04 ? 60  THR A C   1 
ATOM   429  O  O   . THR A 1 60  ? -6.615  -5.147  11.627  1.00 12.10 ? 60  THR A O   1 
ATOM   430  C  CB  . THR A 1 60  ? -7.913  -8.083  12.279  1.00 14.22 ? 60  THR A CB  1 
ATOM   431  O  OG1 . THR A 1 60  ? -7.856  -7.224  13.388  1.00 18.91 ? 60  THR A OG1 1 
ATOM   432  C  CG2 . THR A 1 60  ? -7.703  -9.528  12.610  1.00 15.23 ? 60  THR A CG2 1 
ATOM   433  N  N   . GLY A 1 61  ? -7.979  -5.849  9.970   1.00 10.44 ? 61  GLY A N   1 
ATOM   434  C  CA  . GLY A 1 61  ? -8.288  -4.492  9.523   1.00 10.36 ? 61  GLY A CA  1 
ATOM   435  C  C   . GLY A 1 61  ? -9.367  -4.516  8.462   1.00 9.97  ? 61  GLY A C   1 
ATOM   436  O  O   . GLY A 1 61  ? -10.081 -5.491  8.353   1.00 10.83 ? 61  GLY A O   1 
ATOM   437  N  N   . VAL A 1 62  ? -9.489  -3.411  7.770   1.00 9.43  ? 62  VAL A N   1 
ATOM   438  C  CA  . VAL A 1 62  ? -10.544 -3.232  6.749   1.00 9.81  ? 62  VAL A CA  1 
ATOM   439  C  C   . VAL A 1 62  ? -9.860  -2.622  5.544   1.00 9.91  ? 62  VAL A C   1 
ATOM   440  O  O   . VAL A 1 62  ? -9.149  -1.634  5.711   1.00 10.66 ? 62  VAL A O   1 
ATOM   441  C  CB  . VAL A 1 62  ? -11.659 -2.330  7.268   1.00 11.17 ? 62  VAL A CB  1 
ATOM   442  C  CG1 . VAL A 1 62  ? -12.676 -1.986  6.173   1.00 12.11 ? 62  VAL A CG1 1 
ATOM   443  C  CG2 . VAL A 1 62  ? -12.370 -2.972  8.439   1.00 11.48 ? 62  VAL A CG2 1 
ATOM   444  N  N   . TYR A 1 63  ? -10.151 -3.091  4.338   1.00 10.62 ? 63  TYR A N   1 
ATOM   445  C  CA  . TYR A 1 63  ? -9.563  -2.480  3.125   1.00 9.46  ? 63  TYR A CA  1 
ATOM   446  C  C   . TYR A 1 63  ? -10.649 -2.064  2.147   1.00 10.54 ? 63  TYR A C   1 
ATOM   447  O  O   . TYR A 1 63  ? -11.736 -2.644  2.119   1.00 10.84 ? 63  TYR A O   1 
ATOM   448  C  CB  . TYR A 1 63  ? -8.551  -3.395  2.435   1.00 10.39 ? 63  TYR A CB  1 
ATOM   449  C  CG  . TYR A 1 63  ? -9.123  -4.412  1.468   1.00 10.74 ? 63  TYR A CG  1 
ATOM   450  C  CD1 . TYR A 1 63  ? -9.733  -5.561  1.938   1.00 11.00 ? 63  TYR A CD1 1 
ATOM   451  C  CD2 . TYR A 1 63  ? -9.069  -4.220  0.093   1.00 10.77 ? 63  TYR A CD2 1 
ATOM   452  C  CE1 . TYR A 1 63  ? -10.243 -6.520  1.083   1.00 11.89 ? 63  TYR A CE1 1 
ATOM   453  C  CE2 . TYR A 1 63  ? -9.553  -5.185  -0.776  1.00 11.35 ? 63  TYR A CE2 1 
ATOM   454  C  CZ  . TYR A 1 63  ? -10.132 -6.346  -0.276  1.00 11.66 ? 63  TYR A CZ  1 
ATOM   455  O  OH  . TYR A 1 63  ? -10.678 -7.270  -1.145  1.00 12.04 ? 63  TYR A OH  1 
ATOM   456  N  N   . TYR A 1 64  ? -10.323 -1.073  1.351   1.00 10.82 ? 64  TYR A N   1 
ATOM   457  C  CA  . TYR A 1 64  ? -11.232 -0.598  0.304   1.00 11.19 ? 64  TYR A CA  1 
ATOM   458  C  C   . TYR A 1 64  ? -10.916 -1.291  -1.016  1.00 10.12 ? 64  TYR A C   1 
ATOM   459  O  O   . TYR A 1 64  ? -9.775  -1.287  -1.518  1.00 10.97 ? 64  TYR A O   1 
ATOM   460  C  CB  . TYR A 1 64  ? -11.132 0.913   0.100   1.00 11.17 ? 64  TYR A CB  1 
ATOM   461  C  CG  . TYR A 1 64  ? -12.092 1.364   -0.961  1.00 13.29 ? 64  TYR A CG  1 
ATOM   462  C  CD1 . TYR A 1 64  ? -13.467 1.205   -0.754  1.00 13.64 ? 64  TYR A CD1 1 
ATOM   463  C  CD2 . TYR A 1 64  ? -11.653 1.954   -2.121  1.00 12.80 ? 64  TYR A CD2 1 
ATOM   464  C  CE1 . TYR A 1 64  ? -14.379 1.544   -1.750  1.00 13.96 ? 64  TYR A CE1 1 
ATOM   465  C  CE2 . TYR A 1 64  ? -12.551 2.332   -3.118  1.00 14.33 ? 64  TYR A CE2 1 
ATOM   466  C  CZ  . TYR A 1 64  ? -13.898 2.149   -2.908  1.00 14.46 ? 64  TYR A CZ  1 
ATOM   467  O  OH  . TYR A 1 64  ? -14.798 2.510   -3.900  1.00 17.06 ? 64  TYR A OH  1 
ATOM   468  N  N   . CYS A 1 65  ? -11.949 -1.870  -1.599  1.00 10.99 ? 65  CYS A N   1 
ATOM   469  C  CA  . CYS A 1 65  ? -11.950 -2.575  -2.903  1.00 10.81 ? 65  CYS A CA  1 
ATOM   470  C  C   . CYS A 1 65  ? -12.705 -1.753  -3.950  1.00 10.88 ? 65  CYS A C   1 
ATOM   471  O  O   . CYS A 1 65  ? -13.969 -1.866  -3.988  1.00 11.49 ? 65  CYS A O   1 
ATOM   472  C  CB  . CYS A 1 65  ? -12.526 -3.968  -2.750  1.00 11.13 ? 65  CYS A CB  1 
ATOM   473  S  SG  . CYS A 1 65  ? -12.534 -4.880  -4.300  1.00 12.00 ? 65  CYS A SG  1 
ATOM   474  N  N   . SER A 1 66  ? -12.010 -0.989  -4.794  1.00 10.95 ? 66  SER A N   1 
ATOM   475  C  CA  . SER A 1 66  ? -12.724 -0.137  -5.775  1.00 11.99 ? 66  SER A CA  1 
ATOM   476  C  C   . SER A 1 66  ? -13.537 -0.960  -6.767  1.00 10.90 ? 66  SER A C   1 
ATOM   477  O  O   . SER A 1 66  ? -14.626 -0.491  -7.190  1.00 12.63 ? 66  SER A O   1 
ATOM   478  C  CB  . SER A 1 66  ? -11.775 0.795   -6.460  1.00 14.12 ? 66  SER A CB  1 
ATOM   479  O  OG  . SER A 1 66  ? -10.913 0.152   -7.373  1.00 19.37 ? 66  SER A OG  1 
ATOM   480  N  N   . SER A 1 67  ? -13.122 -2.165  -7.088  1.00 9.94  ? 67  SER A N   1 
ATOM   481  C  CA  . SER A 1 67  ? -13.780 -3.003  -8.120  1.00 11.48 ? 67  SER A CA  1 
ATOM   482  C  C   . SER A 1 67  ? -15.066 -3.597  -7.534  1.00 10.91 ? 67  SER A C   1 
ATOM   483  O  O   . SER A 1 67  ? -15.816 -4.276  -8.297  1.00 11.37 ? 67  SER A O   1 
ATOM   484  C  CB  . SER A 1 67  ? -12.906 -4.031  -8.700  1.00 11.57 ? 67  SER A CB  1 
ATOM   485  O  OG  . SER A 1 67  ? -12.485 -4.983  -7.730  1.00 11.51 ? 67  SER A OG  1 
ATOM   486  N  N   . ARG A 1 68  ? -15.364 -3.358  -6.257  1.00 11.33 ? 68  ARG A N   1 
ATOM   487  C  CA  . ARG A 1 68  ? -16.613 -3.761  -5.603  1.00 11.77 ? 68  ARG A CA  1 
ATOM   488  C  C   . ARG A 1 68  ? -17.321 -2.565  -4.992  1.00 11.76 ? 68  ARG A C   1 
ATOM   489  O  O   . ARG A 1 68  ? -18.396 -2.768  -4.443  1.00 13.82 ? 68  ARG A O   1 
ATOM   490  C  CB  . ARG A 1 68  ? -16.340 -4.816  -4.551  1.00 11.96 ? 68  ARG A CB  1 
ATOM   491  C  CG  . ARG A 1 68  ? -15.802 -6.102  -5.116  1.00 11.80 ? 68  ARG A CG  1 
ATOM   492  C  CD  . ARG A 1 68  ? -16.917 -6.913  -5.815  1.00 12.72 ? 68  ARG A CD  1 
ATOM   493  N  NE  . ARG A 1 68  ? -16.437 -8.141  -6.374  1.00 13.34 ? 68  ARG A NE  1 
ATOM   494  C  CZ  . ARG A 1 68  ? -15.968 -8.296  -7.590  1.00 12.82 ? 68  ARG A CZ  1 
ATOM   495  N  NH1 . ARG A 1 68  ? -15.907 -7.272  -8.425  1.00 13.40 ? 68  ARG A NH1 1 
ATOM   496  N  NH2 . ARG A 1 68  ? -15.560 -9.485  -7.976  1.00 14.38 ? 68  ARG A NH2 1 
ATOM   497  N  N   . ARG A 1 69  ? -16.766 -1.377  -5.016  1.00 11.95 ? 69  ARG A N   1 
ATOM   498  C  CA  . ARG A 1 69  ? -17.252 -0.206  -4.274  1.00 12.75 ? 69  ARG A CA  1 
ATOM   499  C  C   . ARG A 1 69  ? -17.547 -0.592  -2.830  1.00 13.64 ? 69  ARG A C   1 
ATOM   500  O  O   . ARG A 1 69  ? -18.623 -0.232  -2.313  1.00 15.23 ? 69  ARG A O   1 
ATOM   501  C  CB  . ARG A 1 69  ? -18.459 0.449   -4.955  1.00 13.45 ? 69  ARG A CB  1 
ATOM   502  C  CG  . ARG A 1 69  ? -18.111 1.069   -6.287  1.00 14.62 ? 69  ARG A CG  1 
ATOM   503  C  CD  . ARG A 1 69  ? -19.295 1.843   -6.837  1.00 16.30 ? 69  ARG A CD  1 
ATOM   504  N  NE  . ARG A 1 69  ? -19.083 2.416   -8.186  1.00 17.87 ? 69  ARG A NE  1 
ATOM   505  C  CZ  . ARG A 1 69  ? -19.760 2.068   -9.298  1.00 18.31 ? 69  ARG A CZ  1 
ATOM   506  N  NH1 . ARG A 1 69  ? -20.669 1.098   -9.274  1.00 18.78 ? 69  ARG A NH1 1 
ATOM   507  N  NH2 . ARG A 1 69  ? -19.451 2.634   -10.468 1.00 19.46 ? 69  ARG A NH2 1 
ATOM   508  N  N   . LYS A 1 70  ? -16.640 -1.334  -2.180  1.00 14.31 ? 70  LYS A N   1 
ATOM   509  C  CA  . LYS A 1 70  ? -16.944 -1.885  -0.847  1.00 14.52 ? 70  LYS A CA  1 
ATOM   510  C  C   . LYS A 1 70  ? -15.677 -1.928  -0.013  1.00 14.10 ? 70  LYS A C   1 
ATOM   511  O  O   . LYS A 1 70  ? -14.590 -2.148  -0.573  1.00 13.95 ? 70  LYS A O   1 
ATOM   512  C  CB  . LYS A 1 70  ? -17.518 -3.293  -0.924  1.00 17.01 ? 70  LYS A CB  1 
ATOM   513  C  CG  . LYS A 1 70  ? -18.974 -3.365  -1.342  1.00 25.45 ? 70  LYS A CG  1 
ATOM   514  C  CD  . LYS A 1 70  ? -19.631 -4.686  -0.951  1.00 31.75 ? 70  LYS A CD  1 
ATOM   515  C  CE  . LYS A 1 70  ? -21.078 -4.792  -1.403  1.00 38.92 ? 70  LYS A CE  1 
ATOM   516  N  NZ  . LYS A 1 70  ? -21.248 -4.381  -2.817  1.00 44.42 ? 70  LYS A NZ  1 
ATOM   517  N  N   . HIS A 1 71  ? -15.871 -1.758  1.265   1.00 12.81 ? 71  HIS A N   1 
ATOM   518  C  CA  . HIS A 1 71  ? -14.826 -1.991  2.278   1.00 12.94 ? 71  HIS A CA  1 
ATOM   519  C  C   . HIS A 1 71  ? -15.043 -3.375  2.861   1.00 12.82 ? 71  HIS A C   1 
ATOM   520  O  O   . HIS A 1 71  ? -16.204 -3.716  3.184   1.00 15.40 ? 71  HIS A O   1 
ATOM   521  C  CB  . HIS A 1 71  ? -14.835 -0.937  3.368   1.00 12.62 ? 71  HIS A CB  1 
ATOM   522  C  CG  . HIS A 1 71  ? -14.476 0.443   2.950   1.00 13.02 ? 71  HIS A CG  1 
ATOM   523  N  ND1 . HIS A 1 71  ? -13.259 1.066   3.119   1.00 13.60 ? 71  HIS A ND1 1 
ATOM   524  C  CD2 . HIS A 1 71  ? -15.207 1.306   2.229   1.00 14.13 ? 71  HIS A CD2 1 
ATOM   525  C  CE1 . HIS A 1 71  ? -13.297 2.282   2.602   1.00 12.58 ? 71  HIS A CE1 1 
ATOM   526  N  NE2 . HIS A 1 71  ? -14.501 2.465   2.110   1.00 18.00 ? 71  HIS A NE2 1 
ATOM   527  N  N   . TYR A 1 72  ? -14.005 -4.198  2.987   1.00 10.91 ? 72  TYR A N   1 
ATOM   528  C  CA  . TYR A 1 72  ? -14.087 -5.566  3.531   1.00 11.51 ? 72  TYR A CA  1 
ATOM   529  C  C   . TYR A 1 72  ? -13.222 -5.665  4.773   1.00 11.00 ? 72  TYR A C   1 
ATOM   530  O  O   . TYR A 1 72  ? -12.033 -5.318  4.755   1.00 11.69 ? 72  TYR A O   1 
ATOM   531  C  CB  . TYR A 1 72  ? -13.605 -6.587  2.506   1.00 12.86 ? 72  TYR A CB  1 
ATOM   532  C  CG  . TYR A 1 72  ? -14.480 -6.701  1.285   1.00 13.43 ? 72  TYR A CG  1 
ATOM   533  C  CD1 . TYR A 1 72  ? -15.657 -7.449  1.311   1.00 15.95 ? 72  TYR A CD1 1 
ATOM   534  C  CD2 . TYR A 1 72  ? -14.131 -6.051  0.109   1.00 13.12 ? 72  TYR A CD2 1 
ATOM   535  C  CE1 . TYR A 1 72  ? -16.466 -7.536  0.187   1.00 14.86 ? 72  TYR A CE1 1 
ATOM   536  C  CE2 . TYR A 1 72  ? -14.924 -6.141  -1.025  1.00 14.16 ? 72  TYR A CE2 1 
ATOM   537  C  CZ  . TYR A 1 72  ? -16.064 -6.915  -0.980  1.00 14.76 ? 72  TYR A CZ  1 
ATOM   538  O  OH  . TYR A 1 72  ? -16.857 -7.066  -2.095  1.00 17.45 ? 72  TYR A OH  1 
ATOM   539  N  N   . PRO A 1 73  ? -13.733 -6.290  5.831   1.00 11.26 ? 73  PRO A N   1 
ATOM   540  C  CA  . PRO A 1 73  ? -12.909 -6.667  6.970   1.00 11.21 ? 73  PRO A CA  1 
ATOM   541  C  C   . PRO A 1 73  ? -12.085 -7.901  6.595   1.00 12.23 ? 73  PRO A C   1 
ATOM   542  O  O   . PRO A 1 73  ? -12.620 -8.874  6.085   1.00 14.33 ? 73  PRO A O   1 
ATOM   543  C  CB  . PRO A 1 73  ? -13.891 -6.983  8.096   1.00 12.21 ? 73  PRO A CB  1 
ATOM   544  C  CG  . PRO A 1 73  ? -15.167 -7.285  7.415   1.00 14.38 ? 73  PRO A CG  1 
ATOM   545  C  CD  . PRO A 1 73  ? -15.160 -6.640  6.039   1.00 12.59 ? 73  PRO A CD  1 
ATOM   546  N  N   . VAL A 1 74  ? -10.806 -7.886  6.919   1.00 11.46 ? 74  VAL A N   1 
ATOM   547  C  CA  . VAL A 1 74  ? -9.862  -8.972  6.585   1.00 11.42 ? 74  VAL A CA  1 
ATOM   548  C  C   . VAL A 1 74  ? -8.902  -9.238  7.717   1.00 10.89 ? 74  VAL A C   1 
ATOM   549  O  O   . VAL A 1 74  ? -8.513  -8.344  8.488   1.00 11.18 ? 74  VAL A O   1 
ATOM   550  C  CB  . VAL A 1 74  ? -9.073  -8.673  5.311   1.00 11.94 ? 74  VAL A CB  1 
ATOM   551  C  CG1 . VAL A 1 74  ? -9.934  -8.786  4.078   1.00 12.85 ? 74  VAL A CG1 1 
ATOM   552  C  CG2 . VAL A 1 74  ? -8.320  -7.358  5.311   1.00 13.01 ? 74  VAL A CG2 1 
ATOM   553  N  N   . SER A 1 75  ? -8.461  -10.471 7.751   1.00 11.13 ? 75  SER A N   1 
ATOM   554  C  CA  . SER A 1 75  ? -7.229  -10.880 8.454   1.00 11.27 ? 75  SER A CA  1 
ATOM   555  C  C   . SER A 1 75  ? -6.116  -10.909 7.421   1.00 10.97 ? 75  SER A C   1 
ATOM   556  O  O   . SER A 1 75  ? -6.358  -11.318 6.307   1.00 11.07 ? 75  SER A O   1 
ATOM   557  C  CB  . SER A 1 75  ? -7.393  -12.237 9.068   1.00 15.00 ? 75  SER A CB  1 
ATOM   558  O  OG  . SER A 1 75  ? -8.377  -12.227 10.070  1.00 21.61 ? 75  SER A OG  1 
ATOM   559  N  N   . PHE A 1 76  ? -4.915  -10.526 7.817   1.00 10.27 ? 76  PHE A N   1 
ATOM   560  C  CA  . PHE A 1 76  ? -3.789  -10.469 6.877   1.00 10.60 ? 76  PHE A CA  1 
ATOM   561  C  C   . PHE A 1 76  ? -2.527  -10.953 7.535   1.00 10.78 ? 76  PHE A C   1 
ATOM   562  O  O   . PHE A 1 76  ? -2.366  -10.833 8.760   1.00 11.23 ? 76  PHE A O   1 
ATOM   563  C  CB  . PHE A 1 76  ? -3.667  -9.067  6.267   1.00 10.69 ? 76  PHE A CB  1 
ATOM   564  C  CG  . PHE A 1 76  ? -3.573  -7.903  7.224   1.00 9.94  ? 76  PHE A CG  1 
ATOM   565  C  CD1 . PHE A 1 76  ? -4.711  -7.284  7.712   1.00 10.76 ? 76  PHE A CD1 1 
ATOM   566  C  CD2 . PHE A 1 76  ? -2.350  -7.503  7.724   1.00 10.83 ? 76  PHE A CD2 1 
ATOM   567  C  CE1 . PHE A 1 76  ? -4.620  -6.228  8.609   1.00 11.28 ? 76  PHE A CE1 1 
ATOM   568  C  CE2 . PHE A 1 76  ? -2.280  -6.436  8.601   1.00 10.61 ? 76  PHE A CE2 1 
ATOM   569  C  CZ  . PHE A 1 76  ? -3.411  -5.802  9.038   1.00 10.85 ? 76  PHE A CZ  1 
ATOM   570  N  N   . SER A 1 77  ? -1.661  -11.493 6.697   1.00 11.49 ? 77  SER A N   1 
ATOM   571  C  CA  . SER A 1 77  ? -0.308  -11.938 7.135   1.00 12.05 ? 77  SER A CA  1 
ATOM   572  C  C   . SER A 1 77  ? 0.576   -10.763 7.470   1.00 12.02 ? 77  SER A C   1 
ATOM   573  O  O   . SER A 1 77  ? 0.428   -9.685  6.951   1.00 11.84 ? 77  SER A O   1 
ATOM   574  C  CB  . SER A 1 77  ? 0.309   -12.797 6.114   1.00 11.80 ? 77  SER A CB  1 
ATOM   575  O  OG  . SER A 1 77  ? 0.490   -12.132 4.869   1.00 13.63 ? 77  SER A OG  1 
ATOM   576  N  N   . LYS A 1 78  ? 1.587   -11.007 8.305   1.00 12.21 ? 78  LYS A N   1 
ATOM   577  C  CA  . LYS A 1 78  ? 2.619   -9.994  8.605   1.00 12.04 ? 78  LYS A CA  1 
ATOM   578  C  C   . LYS A 1 78  ? 3.450   -9.745  7.356   1.00 12.57 ? 78  LYS A C   1 
ATOM   579  O  O   . LYS A 1 78  ? 3.663   -10.605 6.504   1.00 13.36 ? 78  LYS A O   1 
ATOM   580  C  CB  . LYS A 1 78  ? 3.459   -10.435 9.787   1.00 13.28 ? 78  LYS A CB  1 
ATOM   581  C  CG  . LYS A 1 78  ? 2.672   -10.565 11.066  1.00 13.76 ? 78  LYS A CG  1 
ATOM   582  C  CD  . LYS A 1 78  ? 3.544   -10.984 12.262  1.00 16.75 ? 78  LYS A CD  1 
ATOM   583  C  CE  . LYS A 1 78  ? 2.740   -10.810 13.535  1.00 21.30 ? 78  LYS A CE  1 
ATOM   584  N  NZ  . LYS A 1 78  ? 3.536   -10.992 14.771  1.00 25.87 ? 78  LYS A NZ  1 
ATOM   585  N  N   . PRO A 1 79  ? 3.986   -8.529  7.200   1.00 12.39 ? 79  PRO A N   1 
ATOM   586  C  CA  . PRO A 1 79  ? 4.740   -8.179  6.009   1.00 12.70 ? 79  PRO A CA  1 
ATOM   587  C  C   . PRO A 1 79  ? 5.901   -9.141  5.789   1.00 12.32 ? 79  PRO A C   1 
ATOM   588  O  O   . PRO A 1 79  ? 6.655   -9.413  6.746   1.00 15.28 ? 79  PRO A O   1 
ATOM   589  C  CB  . PRO A 1 79  ? 5.243   -6.772  6.317   1.00 13.65 ? 79  PRO A CB  1 
ATOM   590  C  CG  . PRO A 1 79  ? 4.282   -6.216  7.318   1.00 14.14 ? 79  PRO A CG  1 
ATOM   591  C  CD  . PRO A 1 79  ? 3.855   -7.421  8.145   1.00 12.62 ? 79  PRO A CD  1 
ATOM   592  N  N   A SER A 1 80  ? 6.007   -9.691  4.578   0.25 14.03 ? 80  SER A N   1 
ATOM   593  N  N   B SER A 1 80  ? 6.097   -9.580  4.558   0.25 13.88 ? 80  SER A N   1 
ATOM   594  C  CA  A SER A 1 80  ? 7.039   -10.702 4.226   0.25 14.81 ? 80  SER A CA  1 
ATOM   595  C  CA  B SER A 1 80  ? 7.185   -10.536 4.250   0.25 14.33 ? 80  SER A CA  1 
ATOM   596  C  C   A SER A 1 80  ? 7.467   -10.550 2.767   0.25 14.86 ? 80  SER A C   1 
ATOM   597  C  C   B SER A 1 80  ? 7.523   -10.491 2.772   0.25 14.75 ? 80  SER A C   1 
ATOM   598  O  O   A SER A 1 80  ? 6.860   -9.774  1.986   0.25 14.00 ? 80  SER A O   1 
ATOM   599  O  O   B SER A 1 80  ? 6.952   -9.681  2.015   0.25 13.89 ? 80  SER A O   1 
ATOM   600  C  CB  A SER A 1 80  ? 6.562   -12.135 4.447   0.25 17.67 ? 80  SER A CB  1 
ATOM   601  C  CB  B SER A 1 80  ? 6.802   -11.927 4.671   0.25 16.64 ? 80  SER A CB  1 
ATOM   602  O  OG  A SER A 1 80  ? 5.444   -12.211 5.316   0.25 21.81 ? 80  SER A OG  1 
ATOM   603  O  OG  B SER A 1 80  ? 6.296   -11.911 5.985   0.25 21.68 ? 80  SER A OG  1 
ATOM   604  N  N   . LEU A 1 81  ? 8.487   -11.324 2.398   1.00 14.29 ? 81  LEU A N   1 
ATOM   605  C  CA  . LEU A 1 81  ? 9.036   -11.404 1.042   1.00 14.57 ? 81  LEU A CA  1 
ATOM   606  C  C   . LEU A 1 81  ? 8.291   -12.520 0.344   1.00 15.35 ? 81  LEU A C   1 
ATOM   607  O  O   . LEU A 1 81  ? 8.394   -13.682 0.811   1.00 16.77 ? 81  LEU A O   1 
ATOM   608  C  CB  . LEU A 1 81  ? 10.552  -11.615 1.145   1.00 15.12 ? 81  LEU A CB  1 
ATOM   609  C  CG  . LEU A 1 81  ? 11.232  -11.768 -0.213  1.00 17.58 ? 81  LEU A CG  1 
ATOM   610  C  CD1 . LEU A 1 81  ? 11.097  -10.516 -1.076  1.00 18.48 ? 81  LEU A CD1 1 
ATOM   611  C  CD2 . LEU A 1 81  ? 12.707  -12.104 -0.024  1.00 18.60 ? 81  LEU A CD2 1 
ATOM   612  N  N   . ILE A 1 82  ? 7.455   -12.203 -0.635  1.00 14.04 ? 82  ILE A N   1 
ATOM   613  C  CA  . ILE A 1 82  ? 6.470   -13.117 -1.239  1.00 15.12 ? 82  ILE A CA  1 
ATOM   614  C  C   . ILE A 1 82  ? 6.642   -13.145 -2.739  1.00 14.19 ? 82  ILE A C   1 
ATOM   615  O  O   . ILE A 1 82  ? 6.694   -12.088 -3.353  1.00 14.35 ? 82  ILE A O   1 
ATOM   616  C  CB  . ILE A 1 82  ? 5.026   -12.676 -0.874  1.00 16.76 ? 82  ILE A CB  1 
ATOM   617  C  CG1 . ILE A 1 82  ? 4.881   -12.557 0.644   1.00 18.06 ? 82  ILE A CG1 1 
ATOM   618  C  CG2 . ILE A 1 82  ? 3.963   -13.538 -1.512  1.00 21.14 ? 82  ILE A CG2 1 
ATOM   619  C  CD1 . ILE A 1 82  ? 4.898   -13.895 1.360   1.00 23.15 ? 82  ILE A CD1 1 
ATOM   620  N  N   . PHE A 1 83  ? 6.507   -14.321 -3.330  1.00 13.45 ? 83  PHE A N   1 
ATOM   621  C  CA  . PHE A 1 83  ? 6.458   -14.446 -4.778  1.00 14.68 ? 83  PHE A CA  1 
ATOM   622  C  C   . PHE A 1 83  ? 5.073   -14.037 -5.262  1.00 14.37 ? 83  PHE A C   1 
ATOM   623  O  O   . PHE A 1 83  ? 4.054   -14.468 -4.691  1.00 15.32 ? 83  PHE A O   1 
ATOM   624  C  CB  . PHE A 1 83  ? 6.832   -15.852 -5.248  1.00 14.85 ? 83  PHE A CB  1 
ATOM   625  C  CG  . PHE A 1 83  ? 6.938   -15.922 -6.739  1.00 15.03 ? 83  PHE A CG  1 
ATOM   626  C  CD1 . PHE A 1 83  ? 8.040   -15.385 -7.354  1.00 16.99 ? 83  PHE A CD1 1 
ATOM   627  C  CD2 . PHE A 1 83  ? 5.968   -16.531 -7.512  1.00 18.48 ? 83  PHE A CD2 1 
ATOM   628  C  CE1 . PHE A 1 83  ? 8.180   -15.454 -8.738  1.00 17.96 ? 83  PHE A CE1 1 
ATOM   629  C  CE2 . PHE A 1 83  ? 6.102   -16.581 -8.893  1.00 19.91 ? 83  PHE A CE2 1 
ATOM   630  C  CZ  . PHE A 1 83  ? 7.190   -16.023 -9.492  1.00 19.22 ? 83  PHE A CZ  1 
ATOM   631  N  N   . VAL A 1 84  ? 5.054   -13.163 -6.260  1.00 14.11 ? 84  VAL A N   1 
ATOM   632  C  CA  . VAL A 1 84  ? 3.806   -12.627 -6.823  1.00 13.84 ? 84  VAL A CA  1 
ATOM   633  C  C   . VAL A 1 84  ? 3.760   -13.060 -8.286  1.00 13.49 ? 84  VAL A C   1 
ATOM   634  O  O   . VAL A 1 84  ? 4.697   -12.716 -9.047  1.00 15.06 ? 84  VAL A O   1 
ATOM   635  C  CB  . VAL A 1 84  ? 3.698   -11.095 -6.625  1.00 13.56 ? 84  VAL A CB  1 
ATOM   636  C  CG1 . VAL A 1 84  ? 2.383   -10.583 -7.158  1.00 14.05 ? 84  VAL A CG1 1 
ATOM   637  C  CG2 . VAL A 1 84  ? 3.866   -10.760 -5.146  1.00 13.94 ? 84  VAL A CG2 1 
ATOM   638  N  N   . GLU A 1 85  ? 2.678   -13.648 -8.739  1.00 13.18 ? 85  GLU A N   1 
ATOM   639  C  CA  . GLU A 1 85  ? 2.543   -13.993 -10.152 1.00 13.54 ? 85  GLU A CA  1 
ATOM   640  C  C   . GLU A 1 85  ? 2.430   -12.722 -10.986 1.00 14.04 ? 85  GLU A C   1 
ATOM   641  O  O   . GLU A 1 85  ? 2.145   -11.593 -10.467 1.00 14.25 ? 85  GLU A O   1 
ATOM   642  C  CB  . GLU A 1 85  ? 1.322   -14.893 -10.354 1.00 14.27 ? 85  GLU A CB  1 
ATOM   643  C  CG  . GLU A 1 85  ? 1.447   -16.234 -9.679  1.00 16.40 ? 85  GLU A CG  1 
ATOM   644  C  CD  . GLU A 1 85  ? 2.557   -17.124 -10.189 1.00 18.85 ? 85  GLU A CD  1 
ATOM   645  O  OE1 . GLU A 1 85  ? 3.094   -16.927 -11.321 1.00 19.67 ? 85  GLU A OE1 1 
ATOM   646  O  OE2 . GLU A 1 85  ? 2.892   -18.057 -9.431  1.00 18.78 ? 85  GLU A OE2 1 
ATOM   647  N  N   . ALA A 1 86  ? 2.666   -12.845 -12.284 1.00 15.19 ? 86  ALA A N   1 
ATOM   648  C  CA  . ALA A 1 86  ? 2.588   -11.696 -13.204 1.00 15.59 ? 86  ALA A CA  1 
ATOM   649  C  C   . ALA A 1 86  ? 1.218   -11.058 -13.117 1.00 16.36 ? 86  ALA A C   1 
ATOM   650  O  O   . ALA A 1 86  ? 0.187   -11.765 -13.055 1.00 15.89 ? 86  ALA A O   1 
ATOM   651  C  CB  . ALA A 1 86  ? 2.907   -12.166 -14.601 1.00 15.28 ? 86  ALA A CB  1 
ATOM   652  N  N   . SER A 1 87  ? 1.208   -9.723  -13.223 1.00 16.58 ? 87  SER A N   1 
ATOM   653  C  CA  . SER A 1 87  ? -0.009  -8.889  -13.264 1.00 16.90 ? 87  SER A CA  1 
ATOM   654  C  C   . SER A 1 87  ? 0.095   -8.022  -14.502 1.00 16.75 ? 87  SER A C   1 
ATOM   655  O  O   . SER A 1 87  ? 1.114   -8.055  -15.218 1.00 16.93 ? 87  SER A O   1 
ATOM   656  C  CB  . SER A 1 87  ? -0.138  -8.023  -12.041 1.00 16.45 ? 87  SER A CB  1 
ATOM   657  O  OG  . SER A 1 87  ? 0.913   -7.065  -12.025 1.00 15.74 ? 87  SER A OG  1 
ATOM   658  N  N   . GLU A 1 88  ? -0.917  -7.206  -14.727 1.00 17.98 ? 88  GLU A N   1 
ATOM   659  C  CA  . GLU A 1 88  ? -0.872  -6.264  -15.865 1.00 19.40 ? 88  GLU A CA  1 
ATOM   660  C  C   . GLU A 1 88  ? 0.284   -5.272  -15.689 1.00 19.17 ? 88  GLU A C   1 
ATOM   661  O  O   . GLU A 1 88  ? 0.748   -4.726  -16.716 1.00 19.86 ? 88  GLU A O   1 
ATOM   662  C  CB  . GLU A 1 88  ? -2.269  -5.656  -16.078 1.00 22.86 ? 88  GLU A CB  1 
ATOM   663  C  CG  . GLU A 1 88  ? -2.571  -4.362  -15.394 1.00 31.26 ? 88  GLU A CG  1 
ATOM   664  C  CD  . GLU A 1 88  ? -3.931  -3.788  -15.797 1.00 31.72 ? 88  GLU A CD  1 
ATOM   665  O  OE1 . GLU A 1 88  ? -4.827  -4.579  -16.211 1.00 34.08 ? 88  GLU A OE1 1 
ATOM   666  O  OE2 . GLU A 1 88  ? -4.093  -2.561  -15.645 1.00 41.88 ? 88  GLU A OE2 1 
ATOM   667  N  N   . TYR A 1 89  ? 0.786   -5.040  -14.479 1.00 16.00 ? 89  TYR A N   1 
ATOM   668  C  CA  . TYR A 1 89  ? 1.757   -3.938  -14.231 1.00 15.19 ? 89  TYR A CA  1 
ATOM   669  C  C   . TYR A 1 89  ? 3.129   -4.384  -13.717 1.00 15.94 ? 89  TYR A C   1 
ATOM   670  O  O   . TYR A 1 89  ? 4.071   -3.537  -13.624 1.00 16.54 ? 89  TYR A O   1 
ATOM   671  C  CB  . TYR A 1 89  ? 1.128   -2.905  -13.291 1.00 14.90 ? 89  TYR A CB  1 
ATOM   672  C  CG  . TYR A 1 89  ? 0.530   -3.471  -12.037 1.00 14.66 ? 89  TYR A CG  1 
ATOM   673  C  CD1 . TYR A 1 89  ? -0.788  -3.897  -12.037 1.00 14.83 ? 89  TYR A CD1 1 
ATOM   674  C  CD2 . TYR A 1 89  ? 1.271   -3.642  -10.876 1.00 14.87 ? 89  TYR A CD2 1 
ATOM   675  C  CE1 . TYR A 1 89  ? -1.352  -4.435  -10.902 1.00 14.93 ? 89  TYR A CE1 1 
ATOM   676  C  CE2 . TYR A 1 89  ? 0.731   -4.238  -9.753  1.00 15.09 ? 89  TYR A CE2 1 
ATOM   677  C  CZ  . TYR A 1 89  ? -0.599  -4.605  -9.753  1.00 13.61 ? 89  TYR A CZ  1 
ATOM   678  O  OH  . TYR A 1 89  ? -1.194  -5.209  -8.682  1.00 14.09 ? 89  TYR A OH  1 
ATOM   679  N  N   . TYR A 1 90  ? 3.305   -5.665  -13.373 1.00 16.16 ? 90  TYR A N   1 
ATOM   680  C  CA  . TYR A 1 90  ? 4.634   -6.220  -13.098 1.00 15.27 ? 90  TYR A CA  1 
ATOM   681  C  C   . TYR A 1 90  ? 4.730   -7.642  -13.620 1.00 14.49 ? 90  TYR A C   1 
ATOM   682  O  O   . TYR A 1 90  ? 3.766   -8.389  -13.625 1.00 14.53 ? 90  TYR A O   1 
ATOM   683  C  CB  . TYR A 1 90  ? 4.885   -6.324  -11.596 1.00 15.39 ? 90  TYR A CB  1 
ATOM   684  C  CG  . TYR A 1 90  ? 5.164   -5.019  -10.890 1.00 15.22 ? 90  TYR A CG  1 
ATOM   685  C  CD1 . TYR A 1 90  ? 6.262   -4.232  -11.228 1.00 16.66 ? 90  TYR A CD1 1 
ATOM   686  C  CD2 . TYR A 1 90  ? 4.428   -4.628  -9.789  1.00 15.45 ? 90  TYR A CD2 1 
ATOM   687  C  CE1 . TYR A 1 90  ? 6.564   -3.076  -10.521 1.00 16.74 ? 90  TYR A CE1 1 
ATOM   688  C  CE2 . TYR A 1 90  ? 4.698   -3.462  -9.091  1.00 15.30 ? 90  TYR A CE2 1 
ATOM   689  C  CZ  . TYR A 1 90  ? 5.775   -2.683  -9.447  1.00 14.93 ? 90  TYR A CZ  1 
ATOM   690  O  OH  . TYR A 1 90  ? 6.082   -1.539  -8.740  1.00 15.19 ? 90  TYR A OH  1 
ATOM   691  N  N   . PRO A 1 91  ? 5.945   -8.091  -13.978 1.00 14.45 ? 91  PRO A N   1 
ATOM   692  C  CA  . PRO A 1 91  ? 6.177   -9.516  -14.225 1.00 14.41 ? 91  PRO A CA  1 
ATOM   693  C  C   . PRO A 1 91  ? 6.034   -10.304 -12.917 1.00 15.36 ? 91  PRO A C   1 
ATOM   694  O  O   . PRO A 1 91  ? 5.947   -9.760  -11.829 1.00 14.81 ? 91  PRO A O   1 
ATOM   695  C  CB  . PRO A 1 91  ? 7.642   -9.519  -14.697 1.00 15.54 ? 91  PRO A CB  1 
ATOM   696  C  CG  . PRO A 1 91  ? 8.255   -8.381  -13.927 1.00 17.10 ? 91  PRO A CG  1 
ATOM   697  C  CD  . PRO A 1 91  ? 7.184   -7.310  -13.934 1.00 15.55 ? 91  PRO A CD  1 
ATOM   698  N  N   . ALA A 1 92  ? 6.059   -11.623 -13.022 1.00 15.81 ? 92  ALA A N   1 
ATOM   699  C  CA  . ALA A 1 92  ? 6.188   -12.481 -11.842 1.00 16.82 ? 92  ALA A CA  1 
ATOM   700  C  C   . ALA A 1 92  ? 7.477   -12.085 -11.113 1.00 18.07 ? 92  ALA A C   1 
ATOM   701  O  O   . ALA A 1 92  ? 8.510   -11.952 -11.772 1.00 20.64 ? 92  ALA A O   1 
ATOM   702  C  CB  . ALA A 1 92  ? 6.187   -13.934 -12.248 1.00 18.70 ? 92  ALA A CB  1 
ATOM   703  N  N   . ARG A 1 93  ? 7.450   -11.855 -9.816  1.00 16.12 ? 93  ARG A N   1 
ATOM   704  C  CA  . ARG A 1 93  ? 8.650   -11.443 -9.070  1.00 17.84 ? 93  ARG A CA  1 
ATOM   705  C  C   . ARG A 1 93  ? 8.413   -11.595 -7.563  1.00 16.80 ? 93  ARG A C   1 
ATOM   706  O  O   . ARG A 1 93  ? 7.270   -11.820 -7.126  1.00 16.22 ? 93  ARG A O   1 
ATOM   707  C  CB  . ARG A 1 93  ? 8.990   -10.011 -9.480  1.00 18.37 ? 93  ARG A CB  1 
ATOM   708  C  CG  . ARG A 1 93  ? 7.990   -9.016  -8.947  1.00 17.52 ? 93  ARG A CG  1 
ATOM   709  C  CD  . ARG A 1 93  ? 8.165   -7.567  -9.414  1.00 19.16 ? 93  ARG A CD  1 
ATOM   710  N  NE  . ARG A 1 93  ? 7.439   -6.750  -8.465  1.00 17.48 ? 93  ARG A NE  1 
ATOM   711  C  CZ  . ARG A 1 93  ? 7.859   -5.633  -7.886  1.00 17.23 ? 93  ARG A CZ  1 
ATOM   712  N  NH1 . ARG A 1 93  ? 8.995   -5.027  -8.228  1.00 18.09 ? 93  ARG A NH1 1 
ATOM   713  N  NH2 . ARG A 1 93  ? 7.115   -5.157  -6.915  1.00 18.51 ? 93  ARG A NH2 1 
ATOM   714  N  N   . TYR A 1 94  ? 9.471   -11.419 -6.809  1.00 15.78 ? 94  TYR A N   1 
ATOM   715  C  CA  . TYR A 1 94  ? 9.436   -11.344 -5.342  1.00 15.77 ? 94  TYR A CA  1 
ATOM   716  C  C   . TYR A 1 94  ? 9.164   -9.910  -4.965  1.00 16.28 ? 94  TYR A C   1 
ATOM   717  O  O   . TYR A 1 94  ? 9.749   -8.986  -5.569  1.00 19.86 ? 94  TYR A O   1 
ATOM   718  C  CB  . TYR A 1 94  ? 10.738  -11.854 -4.760  1.00 16.48 ? 94  TYR A CB  1 
ATOM   719  C  CG  . TYR A 1 94  ? 10.747  -13.361 -4.710  1.00 18.52 ? 94  TYR A CG  1 
ATOM   720  C  CD1 . TYR A 1 94  ? 10.089  -13.970 -3.672  1.00 20.36 ? 94  TYR A CD1 1 
ATOM   721  C  CD2 . TYR A 1 94  ? 11.295  -14.146 -5.703  1.00 22.83 ? 94  TYR A CD2 1 
ATOM   722  C  CE1 . TYR A 1 94  ? 10.034  -15.341 -3.545  1.00 23.67 ? 94  TYR A CE1 1 
ATOM   723  C  CE2 . TYR A 1 94  ? 11.238  -15.540 -5.606  1.00 21.86 ? 94  TYR A CE2 1 
ATOM   724  C  CZ  . TYR A 1 94  ? 10.609  -16.128 -4.517  1.00 23.63 ? 94  TYR A CZ  1 
ATOM   725  O  OH  . TYR A 1 94  ? 10.496  -17.482 -4.345  1.00 30.50 ? 94  TYR A OH  1 
ATOM   726  N  N   . GLN A 1 95  ? 8.136   -9.716  -4.154  1.00 14.48 ? 95  GLN A N   1 
ATOM   727  C  CA  . GLN A 1 95  ? 7.824   -8.370  -3.626  1.00 13.69 ? 95  GLN A CA  1 
ATOM   728  C  C   . GLN A 1 95  ? 8.033   -8.407  -2.115  1.00 13.46 ? 95  GLN A C   1 
ATOM   729  O  O   . GLN A 1 95  ? 7.566   -9.401  -1.466  1.00 15.23 ? 95  GLN A O   1 
ATOM   730  C  CB  . GLN A 1 95  ? 6.387   -7.999  -3.965  1.00 14.05 ? 95  GLN A CB  1 
ATOM   731  C  CG  . GLN A 1 95  ? 5.993   -6.630  -3.462  1.00 15.29 ? 95  GLN A CG  1 
ATOM   732  C  CD  . GLN A 1 95  ? 4.814   -6.010  -4.192  1.00 13.82 ? 95  GLN A CD  1 
ATOM   733  O  OE1 . GLN A 1 95  ? 4.645   -6.201  -5.383  1.00 14.45 ? 95  GLN A OE1 1 
ATOM   734  N  NE2 . GLN A 1 95  ? 4.025   -5.289  -3.437  1.00 14.17 ? 95  GLN A NE2 1 
ATOM   735  N  N   . SER A 1 96  ? 8.722   -7.427  -1.524  1.00 12.49 ? 96  SER A N   1 
ATOM   736  C  CA  . SER A 1 96  ? 9.009   -7.361  -0.089  1.00 13.21 ? 96  SER A CA  1 
ATOM   737  C  C   . SER A 1 96  ? 7.918   -6.582  0.649   1.00 12.54 ? 96  SER A C   1 
ATOM   738  O  O   . SER A 1 96  ? 7.185   -5.787  0.029   1.00 12.31 ? 96  SER A O   1 
ATOM   739  C  CB  . SER A 1 96  ? 10.383  -6.792  0.175   1.00 14.23 ? 96  SER A CB  1 
ATOM   740  O  OG  . SER A 1 96  ? 10.437  -5.450  -0.295  1.00 16.32 ? 96  SER A OG  1 
ATOM   741  N  N   . HIS A 1 97  ? 7.923   -6.698  1.961   1.00 11.87 ? 97  HIS A N   1 
ATOM   742  C  CA  . HIS A 1 97  ? 7.013   -5.953  2.861   1.00 12.42 ? 97  HIS A CA  1 
ATOM   743  C  C   . HIS A 1 97  ? 5.545   -6.112  2.420   1.00 11.26 ? 97  HIS A C   1 
ATOM   744  O  O   . HIS A 1 97  ? 4.784   -5.152  2.553   1.00 11.73 ? 97  HIS A O   1 
ATOM   745  C  CB  . HIS A 1 97  ? 7.471   -4.500  2.935   1.00 13.68 ? 97  HIS A CB  1 
ATOM   746  C  CG  . HIS A 1 97  ? 8.848   -4.358  3.471   1.00 12.83 ? 97  HIS A CG  1 
ATOM   747  N  ND1 . HIS A 1 97  ? 9.079   -4.074  4.783   1.00 14.18 ? 97  HIS A ND1 1 
ATOM   748  C  CD2 . HIS A 1 97  ? 10.051  -4.405  2.852   1.00 13.80 ? 97  HIS A CD2 1 
ATOM   749  C  CE1 . HIS A 1 97  ? 10.392  -3.929  4.972   1.00 14.63 ? 97  HIS A CE1 1 
ATOM   750  N  NE2 . HIS A 1 97  ? 11.009  -4.186  3.835   1.00 15.77 ? 97  HIS A NE2 1 
ATOM   751  N  N   . LEU A 1 98  ? 5.168   -7.271  1.974   1.00 11.64 ? 98  LEU A N   1 
ATOM   752  C  CA  . LEU A 1 98  ? 3.829   -7.525  1.444   1.00 11.26 ? 98  LEU A CA  1 
ATOM   753  C  C   . LEU A 1 98  ? 3.045   -8.354  2.456   1.00 10.17 ? 98  LEU A C   1 
ATOM   754  O  O   . LEU A 1 98  ? 3.561   -9.358  2.962   1.00 11.80 ? 98  LEU A O   1 
ATOM   755  C  CB  . LEU A 1 98  ? 3.967   -8.281  0.139   1.00 11.27 ? 98  LEU A CB  1 
ATOM   756  C  CG  . LEU A 1 98  ? 2.675   -8.572  -0.606  1.00 12.37 ? 98  LEU A CG  1 
ATOM   757  C  CD1 . LEU A 1 98  ? 2.085   -7.307  -1.124  1.00 12.64 ? 98  LEU A CD1 1 
ATOM   758  C  CD2 . LEU A 1 98  ? 2.857   -9.575  -1.736  1.00 12.88 ? 98  LEU A CD2 1 
ATOM   759  N  N   . MET A 1 99  ? 1.790   -7.989  2.627   1.00 10.15 ? 99  MET A N   1 
ATOM   760  C  CA  . MET A 1 99  ? 0.802   -8.693  3.473   1.00 11.05 ? 99  MET A CA  1 
ATOM   761  C  C   . MET A 1 99  ? -0.248  -9.288  2.566   1.00 10.68 ? 99  MET A C   1 
ATOM   762  O  O   . MET A 1 99  ? -0.664  -8.598  1.660   1.00 11.85 ? 99  MET A O   1 
ATOM   763  C  CB  . MET A 1 99  ? 0.192   -7.705  4.463   1.00 10.61 ? 99  MET A CB  1 
ATOM   764  C  CG  . MET A 1 99  ? 1.238   -7.054  5.355   1.00 12.32 ? 99  MET A CG  1 
ATOM   765  S  SD  . MET A 1 99  ? 0.641   -5.683  6.344   1.00 13.00 ? 99  MET A SD  1 
ATOM   766  C  CE  . MET A 1 99  ? 0.363   -4.450  5.079   1.00 11.95 ? 99  MET A CE  1 
ATOM   767  N  N   . LEU A 1 100 ? -0.738  -10.475 2.898   1.00 10.51 ? 100 LEU A N   1 
ATOM   768  C  CA  . LEU A 1 100 ? -1.779  -11.114 2.071   1.00 10.07 ? 100 LEU A CA  1 
ATOM   769  C  C   . LEU A 1 100 ? -3.021  -11.327 2.906   1.00 10.61 ? 100 LEU A C   1 
ATOM   770  O  O   . LEU A 1 100 ? -2.930  -11.674 4.105   1.00 11.21 ? 100 LEU A O   1 
ATOM   771  C  CB  . LEU A 1 100 ? -1.289  -12.463 1.540   1.00 11.75 ? 100 LEU A CB  1 
ATOM   772  C  CG  . LEU A 1 100 ? -0.194  -12.403 0.503   1.00 12.48 ? 100 LEU A CG  1 
ATOM   773  C  CD1 . LEU A 1 100 ? 0.264   -13.821 0.194   1.00 14.51 ? 100 LEU A CD1 1 
ATOM   774  C  CD2 . LEU A 1 100 ? -0.635  -11.642 -0.740  1.00 14.35 ? 100 LEU A CD2 1 
ATOM   775  N  N   . ALA A 1 101 ? -4.180  -11.192 2.276   1.00 9.64  ? 101 ALA A N   1 
ATOM   776  C  CA  . ALA A 1 101 ? -5.492  -11.544 2.833   1.00 9.48  ? 101 ALA A CA  1 
ATOM   777  C  C   . ALA A 1 101 ? -6.297  -12.254 1.766   1.00 10.19 ? 101 ALA A C   1 
ATOM   778  O  O   . ALA A 1 101 ? -5.999  -12.114 0.549   1.00 10.87 ? 101 ALA A O   1 
ATOM   779  C  CB  . ALA A 1 101 ? -6.255  -10.321 3.288   1.00 10.57 ? 101 ALA A CB  1 
ATOM   780  N  N   . VAL A 1 102 ? -7.310  -12.961 2.200   1.00 10.71 ? 102 VAL A N   1 
ATOM   781  C  CA  . VAL A 1 102 ? -8.268  -13.574 1.256   1.00 10.07 ? 102 VAL A CA  1 
ATOM   782  C  C   . VAL A 1 102 ? -9.287  -12.503 0.909   1.00 10.76 ? 102 VAL A C   1 
ATOM   783  O  O   . VAL A 1 102 ? -9.959  -11.968 1.773   1.00 11.47 ? 102 VAL A O   1 
ATOM   784  C  CB  . VAL A 1 102 ? -8.910  -14.821 1.877   1.00 10.03 ? 102 VAL A CB  1 
ATOM   785  C  CG1 . VAL A 1 102 ? -9.951  -15.389 0.937   1.00 10.13 ? 102 VAL A CG1 1 
ATOM   786  C  CG2 . VAL A 1 102 ? -7.866  -15.873 2.188   1.00 10.17 ? 102 VAL A CG2 1 
ATOM   787  N  N   . GLY A 1 103 ? -9.366  -12.201 -0.367  1.00 11.03 ? 103 GLY A N   1 
ATOM   788  C  CA  . GLY A 1 103 ? -10.266 -11.132 -0.796  1.00 11.28 ? 103 GLY A CA  1 
ATOM   789  C  C   . GLY A 1 103 ? -10.071 -10.822 -2.257  1.00 11.94 ? 103 GLY A C   1 
ATOM   790  O  O   . GLY A 1 103 ? -9.183  -11.358 -2.907  1.00 12.70 ? 103 GLY A O   1 
ATOM   791  N  N   . HIS A 1 104 ? -10.904 -9.932  -2.764  1.00 11.87 ? 104 HIS A N   1 
ATOM   792  C  CA  . HIS A 1 104 ? -10.891 -9.550  -4.178  1.00 12.57 ? 104 HIS A CA  1 
ATOM   793  C  C   . HIS A 1 104 ? -9.947  -8.377  -4.423  1.00 11.73 ? 104 HIS A C   1 
ATOM   794  O  O   . HIS A 1 104 ? -10.038 -7.334  -3.755  1.00 11.65 ? 104 HIS A O   1 
ATOM   795  C  CB  . HIS A 1 104 ? -12.328 -9.213  -4.603  1.00 12.14 ? 104 HIS A CB  1 
ATOM   796  C  CG  . HIS A 1 104 ? -12.395 -8.999  -6.067  1.00 13.43 ? 104 HIS A CG  1 
ATOM   797  N  ND1 . HIS A 1 104 ? -12.151 -10.017 -6.943  1.00 14.01 ? 104 HIS A ND1 1 
ATOM   798  C  CD2 . HIS A 1 104 ? -12.536 -7.873  -6.802  1.00 14.26 ? 104 HIS A CD2 1 
ATOM   799  C  CE1 . HIS A 1 104 ? -12.236 -9.517  -8.183  1.00 14.70 ? 104 HIS A CE1 1 
ATOM   800  N  NE2 . HIS A 1 104 ? -12.435 -8.239  -8.105  1.00 14.55 ? 104 HIS A NE2 1 
ATOM   801  N  N   . SER A 1 105 ? -9.148  -8.505  -5.476  1.00 11.39 ? 105 SER A N   1 
ATOM   802  C  CA  . SER A 1 105 ? -8.240  -7.445  -5.909  1.00 11.66 ? 105 SER A CA  1 
ATOM   803  C  C   . SER A 1 105 ? -7.943  -7.597  -7.395  1.00 12.55 ? 105 SER A C   1 
ATOM   804  O  O   . SER A 1 105 ? -7.359  -8.644  -7.793  1.00 15.67 ? 105 SER A O   1 
ATOM   805  C  CB  . SER A 1 105 ? -6.964  -7.487  -5.071  1.00 12.41 ? 105 SER A CB  1 
ATOM   806  O  OG  . SER A 1 105 ? -6.041  -6.516  -5.529  1.00 13.59 ? 105 SER A OG  1 
ATOM   807  N  N   . GLU A 1 106 ? -8.244  -6.560  -8.128  1.00 12.30 ? 106 GLU A N   1 
ATOM   808  C  CA  . GLU A 1 106 ? -7.894  -6.384  -9.562  1.00 13.53 ? 106 GLU A CA  1 
ATOM   809  C  C   . GLU A 1 106 ? -6.868  -5.278  -9.667  1.00 14.60 ? 106 GLU A C   1 
ATOM   810  O  O   . GLU A 1 106 ? -6.678  -4.479  -8.734  1.00 13.33 ? 106 GLU A O   1 
ATOM   811  C  CB  . GLU A 1 106 ? -9.158  -5.990  -10.339 1.00 16.18 ? 106 GLU A CB  1 
ATOM   812  C  CG  . GLU A 1 106 ? -10.191 -7.089  -10.356 1.00 18.98 ? 106 GLU A CG  1 
ATOM   813  C  CD  . GLU A 1 106 ? -11.523 -6.737  -11.026 1.00 17.53 ? 106 GLU A CD  1 
ATOM   814  O  OE1 . GLU A 1 106 ? -11.519 -5.935  -11.977 1.00 25.01 ? 106 GLU A OE1 1 
ATOM   815  O  OE2 . GLU A 1 106 ? -12.527 -7.187  -10.588 1.00 17.65 ? 106 GLU A OE2 1 
ATOM   816  N  N   . PRO A 1 107 ? -6.158  -5.126  -10.807 1.00 15.49 ? 107 PRO A N   1 
ATOM   817  C  CA  . PRO A 1 107 ? -5.102  -4.124  -10.890 1.00 15.13 ? 107 PRO A CA  1 
ATOM   818  C  C   . PRO A 1 107 ? -5.553  -2.729  -10.453 1.00 14.92 ? 107 PRO A C   1 
ATOM   819  O  O   . PRO A 1 107 ? -4.814  -1.988  -9.743  1.00 17.15 ? 107 PRO A O   1 
ATOM   820  C  CB  . PRO A 1 107 ? -4.750  -4.207  -12.390 1.00 14.96 ? 107 PRO A CB  1 
ATOM   821  C  CG  . PRO A 1 107 ? -4.889  -5.667  -12.667 1.00 16.19 ? 107 PRO A CG  1 
ATOM   822  C  CD  . PRO A 1 107 ? -6.214  -6.000  -11.990 1.00 16.69 ? 107 PRO A CD  1 
ATOM   823  N  N   . GLY A 1 108 ? -6.744  -2.290  -10.865 1.00 14.89 ? 108 GLY A N   1 
ATOM   824  C  CA  . GLY A 1 108 ? -7.190  -0.933  -10.570 1.00 14.43 ? 108 GLY A CA  1 
ATOM   825  C  C   . GLY A 1 108 ? -7.535  -0.722  -9.096  1.00 13.06 ? 108 GLY A C   1 
ATOM   826  O  O   . GLY A 1 108 ? -7.799  0.422   -8.690  1.00 13.48 ? 108 GLY A O   1 
ATOM   827  N  N   . ASP A 1 109 ? -7.573  -1.808  -8.323  1.00 12.33 ? 109 ASP A N   1 
ATOM   828  C  CA  . ASP A 1 109 ? -7.781  -1.692  -6.872  1.00 11.35 ? 109 ASP A CA  1 
ATOM   829  C  C   . ASP A 1 109 ? -6.522  -1.212  -6.169  1.00 10.88 ? 109 ASP A C   1 
ATOM   830  O  O   . ASP A 1 109 ? -6.608  -0.853  -5.010  1.00 11.43 ? 109 ASP A O   1 
ATOM   831  C  CB  . ASP A 1 109 ? -8.212  -3.049  -6.321  1.00 11.42 ? 109 ASP A CB  1 
ATOM   832  C  CG  . ASP A 1 109 ? -9.632  -3.426  -6.758  1.00 10.22 ? 109 ASP A CG  1 
ATOM   833  O  OD1 . ASP A 1 109 ? -10.451 -2.453  -6.805  1.00 12.89 ? 109 ASP A OD1 1 
ATOM   834  O  OD2 . ASP A 1 109 ? -9.923  -4.602  -6.990  1.00 12.00 ? 109 ASP A OD2 1 
ATOM   835  N  N   . CYS A 1 110 ? -5.381  -1.210  -6.831  1.00 11.16 ? 110 CYS A N   1 
ATOM   836  C  CA  . CYS A 1 110 ? -4.163  -0.734  -6.176  1.00 10.58 ? 110 CYS A CA  1 
ATOM   837  C  C   . CYS A 1 110 ? -4.376  0.676   -5.664  1.00 10.88 ? 110 CYS A C   1 
ATOM   838  O  O   . CYS A 1 110 ? -4.956  1.530   -6.355  1.00 11.73 ? 110 CYS A O   1 
ATOM   839  C  CB  . CYS A 1 110 ? -3.016  -0.761  -7.181  1.00 10.76 ? 110 CYS A CB  1 
ATOM   840  S  SG  . CYS A 1 110 ? -2.353  -2.417  -7.451  1.00 12.68 ? 110 CYS A SG  1 
ATOM   841  N  N   . GLY A 1 111 ? -3.854  0.918   -4.471  1.00 10.08 ? 111 GLY A N   1 
ATOM   842  C  CA  . GLY A 1 111 ? -3.937  2.215   -3.796  1.00 10.19 ? 111 GLY A CA  1 
ATOM   843  C  C   . GLY A 1 111 ? -5.074  2.283   -2.780  1.00 10.77 ? 111 GLY A C   1 
ATOM   844  O  O   . GLY A 1 111 ? -5.126  3.236   -2.009  1.00 12.03 ? 111 GLY A O   1 
ATOM   845  N  N   . GLY A 1 112 ? -5.992  1.315   -2.769  1.00 10.59 ? 112 GLY A N   1 
ATOM   846  C  CA  . GLY A 1 112 ? -7.005  1.270   -1.716  1.00 10.16 ? 112 GLY A CA  1 
ATOM   847  C  C   . GLY A 1 112 ? -6.371  1.100   -0.355  1.00 10.33 ? 112 GLY A C   1 
ATOM   848  O  O   . GLY A 1 112 ? -5.402  0.351   -0.239  1.00 9.72  ? 112 GLY A O   1 
ATOM   849  N  N   . ILE A 1 113 ? -6.884  1.776   0.645   1.00 10.53 ? 113 ILE A N   1 
ATOM   850  C  CA  . ILE A 1 113 ? -6.267  1.752   1.991   1.00 10.50 ? 113 ILE A CA  1 
ATOM   851  C  C   . ILE A 1 113 ? -6.701  0.499   2.733   1.00 10.07 ? 113 ILE A C   1 
ATOM   852  O  O   . ILE A 1 113 ? -7.905  0.150   2.729   1.00 10.45 ? 113 ILE A O   1 
ATOM   853  C  CB  . ILE A 1 113 ? -6.627  3.033   2.756   1.00 12.63 ? 113 ILE A CB  1 
ATOM   854  C  CG1 . ILE A 1 113 ? -5.738  4.171   2.237   1.00 14.16 ? 113 ILE A CG1 1 
ATOM   855  C  CG2 . ILE A 1 113 ? -6.524  2.870   4.278   1.00 11.93 ? 113 ILE A CG2 1 
ATOM   856  C  CD1 . ILE A 1 113 ? -6.119  5.519   2.780   1.00 17.39 ? 113 ILE A CD1 1 
ATOM   857  N  N   . LEU A 1 114 ? -5.766  -0.087  3.458   1.00 9.38  ? 114 LEU A N   1 
ATOM   858  C  CA  . LEU A 1 114 ? -6.011  -1.084  4.541   1.00 9.77  ? 114 LEU A CA  1 
ATOM   859  C  C   . LEU A 1 114 ? -5.789  -0.313  5.840   1.00 9.79  ? 114 LEU A C   1 
ATOM   860  O  O   . LEU A 1 114 ? -4.724  0.338   5.977   1.00 10.16 ? 114 LEU A O   1 
ATOM   861  C  CB  . LEU A 1 114 ? -5.027  -2.240  4.404   1.00 10.21 ? 114 LEU A CB  1 
ATOM   862  C  CG  . LEU A 1 114 ? -5.002  -3.208  5.577   1.00 10.41 ? 114 LEU A CG  1 
ATOM   863  C  CD1 . LEU A 1 114 ? -6.290  -4.009  5.686   1.00 11.49 ? 114 LEU A CD1 1 
ATOM   864  C  CD2 . LEU A 1 114 ? -3.803  -4.141  5.424   1.00 11.16 ? 114 LEU A CD2 1 
ATOM   865  N  N   . ARG A 1 115 ? -6.752  -0.358  6.749   1.00 9.88  ? 115 ARG A N   1 
ATOM   866  C  CA  . ARG A 1 115 ? -6.668  0.343   8.039   1.00 9.86  ? 115 ARG A CA  1 
ATOM   867  C  C   . ARG A 1 115 ? -7.008  -0.586  9.174   1.00 10.55 ? 115 ARG A C   1 
ATOM   868  O  O   . ARG A 1 115 ? -7.796  -1.534  9.006   1.00 10.64 ? 115 ARG A O   1 
ATOM   869  C  CB  . ARG A 1 115 ? -7.550  1.576   8.054   1.00 11.61 ? 115 ARG A CB  1 
ATOM   870  C  CG  . ARG A 1 115 ? -9.033  1.246   7.971   1.00 12.72 ? 115 ARG A CG  1 
ATOM   871  C  CD  . ARG A 1 115 ? -9.921  2.479   7.894   1.00 15.45 ? 115 ARG A CD  1 
ATOM   872  N  NE  . ARG A 1 115 ? -9.846  3.100   6.574   1.00 18.69 ? 115 ARG A NE  1 
ATOM   873  C  CZ  . ARG A 1 115 ? -9.478  4.362   6.304   1.00 19.75 ? 115 ARG A CZ  1 
ATOM   874  N  NH1 . ARG A 1 115 ? -9.077  5.163   7.271   1.00 23.35 ? 115 ARG A NH1 1 
ATOM   875  N  NH2 . ARG A 1 115 ? -9.513  4.812   5.068   1.00 22.78 ? 115 ARG A NH2 1 
ATOM   876  N  N   . CYS A 1 116 ? -6.371  -0.333  10.299  1.00 10.06 ? 116 CYS A N   1 
ATOM   877  C  CA  . CYS A 1 116 ? -6.654  -0.994  11.586  1.00 11.01 ? 116 CYS A CA  1 
ATOM   878  C  C   . CYS A 1 116 ? -7.114  0.074   12.574  1.00 10.46 ? 116 CYS A C   1 
ATOM   879  O  O   . CYS A 1 116 ? -7.190  1.238   12.283  1.00 11.96 ? 116 CYS A O   1 
ATOM   880  C  CB  . CYS A 1 116 ? -5.434  -1.795  12.038  1.00 10.52 ? 116 CYS A CB  1 
ATOM   881  S  SG  . CYS A 1 116 ? -4.091  -0.676  12.527  1.00 10.88 ? 116 CYS A SG  1 
ATOM   882  N  N   . GLN A 1 117 ? -7.324  -0.352  13.824  1.00 13.05 ? 117 GLN A N   1 
ATOM   883  C  CA  . GLN A 1 117 ? -7.661  0.570   14.911  1.00 13.96 ? 117 GLN A CA  1 
ATOM   884  C  C   . GLN A 1 117 ? -6.611  1.667   15.087  1.00 13.94 ? 117 GLN A C   1 
ATOM   885  O  O   . GLN A 1 117 ? -6.962  2.709   15.591  1.00 17.96 ? 117 GLN A O   1 
ATOM   886  C  CB  . GLN A 1 117 ? -7.879  -0.203  16.212  1.00 15.51 ? 117 GLN A CB  1 
ATOM   887  C  CG  . GLN A 1 117 ? -6.611  -0.830  16.766  1.00 17.23 ? 117 GLN A CG  1 
ATOM   888  C  CD  . GLN A 1 117 ? -6.799  -1.590  18.057  1.00 22.92 ? 117 GLN A CD  1 
ATOM   889  O  OE1 . GLN A 1 117 ? -6.957  -2.809  18.060  1.00 27.90 ? 117 GLN A OE1 1 
ATOM   890  N  NE2 . GLN A 1 117 ? -6.784  -0.846  19.147  1.00 24.72 ? 117 GLN A NE2 1 
ATOM   891  N  N   . HIS A 1 118 ? -5.367  1.496   14.656  1.00 12.79 ? 118 HIS A N   1 
ATOM   892  C  CA  . HIS A 1 118 ? -4.315  2.503   14.860  1.00 11.95 ? 118 HIS A CA  1 
ATOM   893  C  C   . HIS A 1 118 ? -4.158  3.457   13.663  1.00 13.91 ? 118 HIS A C   1 
ATOM   894  O  O   . HIS A 1 118 ? -3.348  4.406   13.803  1.00 15.04 ? 118 HIS A O   1 
ATOM   895  C  CB  . HIS A 1 118 ? -2.997  1.749   15.095  1.00 11.34 ? 118 HIS A CB  1 
ATOM   896  C  CG  . HIS A 1 118 ? -3.055  0.798   16.229  1.00 11.68 ? 118 HIS A CG  1 
ATOM   897  N  ND1 . HIS A 1 118 ? -3.163  -0.557  16.079  1.00 11.70 ? 118 HIS A ND1 1 
ATOM   898  C  CD2 . HIS A 1 118 ? -3.033  1.058   17.560  1.00 13.51 ? 118 HIS A CD2 1 
ATOM   899  C  CE1 . HIS A 1 118 ? -3.276  -1.097  17.293  1.00 12.12 ? 118 HIS A CE1 1 
ATOM   900  N  NE2 . HIS A 1 118 ? -3.139  -0.125  18.192  1.00 14.13 ? 118 HIS A NE2 1 
ATOM   901  N  N   . GLY A 1 119 ? -4.841  3.241   12.550  1.00 11.87 ? 119 GLY A N   1 
ATOM   902  C  CA  . GLY A 1 119 ? -4.683  4.066   11.360  1.00 11.65 ? 119 GLY A CA  1 
ATOM   903  C  C   . GLY A 1 119 ? -4.358  3.256   10.135  1.00 11.37 ? 119 GLY A C   1 
ATOM   904  O  O   . GLY A 1 119 ? -4.747  2.099   10.041  1.00 10.72 ? 119 GLY A O   1 
ATOM   905  N  N   . VAL A 1 120 ? -3.692  3.888   9.199   1.00 10.16 ? 120 VAL A N   1 
ATOM   906  C  CA  . VAL A 1 120 ? -3.421  3.306   7.863   1.00 10.24 ? 120 VAL A CA  1 
ATOM   907  C  C   . VAL A 1 120 ? -2.282  2.291   7.954   1.00 10.24 ? 120 VAL A C   1 
ATOM   908  O  O   . VAL A 1 120 ? -1.183  2.647   8.449   1.00 12.15 ? 120 VAL A O   1 
ATOM   909  C  CB  . VAL A 1 120 ? -3.120  4.398   6.837   1.00 11.04 ? 120 VAL A CB  1 
ATOM   910  C  CG1 . VAL A 1 120 ? -2.689  3.755   5.539   1.00 10.93 ? 120 VAL A CG1 1 
ATOM   911  C  CG2 . VAL A 1 120 ? -4.294  5.309   6.656   1.00 12.02 ? 120 VAL A CG2 1 
ATOM   912  N  N   . VAL A 1 121 ? -2.526  1.068   7.556   1.00 10.11 ? 121 VAL A N   1 
ATOM   913  C  CA  . VAL A 1 121 ? -1.539  -0.048  7.559   1.00 10.12 ? 121 VAL A CA  1 
ATOM   914  C  C   . VAL A 1 121 ? -0.766  -0.098  6.259   1.00 10.58 ? 121 VAL A C   1 
ATOM   915  O  O   . VAL A 1 121 ? 0.442   -0.402  6.232   1.00 11.14 ? 121 VAL A O   1 
ATOM   916  C  CB  . VAL A 1 121 ? -2.279  -1.357  7.825   1.00 10.48 ? 121 VAL A CB  1 
ATOM   917  C  CG1 . VAL A 1 121 ? -1.375  -2.574  7.755   1.00 10.11 ? 121 VAL A CG1 1 
ATOM   918  C  CG2 . VAL A 1 121 ? -2.976  -1.329  9.161   1.00 11.50 ? 121 VAL A CG2 1 
ATOM   919  N  N   . GLY A 1 122 ? -1.435  0.117   5.140   1.00 10.53 ? 122 GLY A N   1 
ATOM   920  C  CA  . GLY A 1 122 ? -0.807  -0.003  3.822   1.00 11.36 ? 122 GLY A CA  1 
ATOM   921  C  C   . GLY A 1 122 ? -1.807  0.200   2.723   1.00 10.09 ? 122 GLY A C   1 
ATOM   922  O  O   . GLY A 1 122 ? -2.936  0.655   2.988   1.00 10.29 ? 122 GLY A O   1 
ATOM   923  N  N   . ILE A 1 123 ? -1.390  -0.105  1.493   1.00 10.29 ? 123 ILE A N   1 
ATOM   924  C  CA  . ILE A 1 123 ? -2.251  0.111   0.297   1.00 10.66 ? 123 ILE A CA  1 
ATOM   925  C  C   . ILE A 1 123 ? -2.280  -1.172  -0.520  1.00 9.59  ? 123 ILE A C   1 
ATOM   926  O  O   . ILE A 1 123 ? -1.266  -1.908  -0.560  1.00 9.73  ? 123 ILE A O   1 
ATOM   927  C  CB  . ILE A 1 123 ? -1.835  1.315   -0.562  1.00 10.29 ? 123 ILE A CB  1 
ATOM   928  C  CG1 . ILE A 1 123 ? -0.334  1.308   -0.914  1.00 11.01 ? 123 ILE A CG1 1 
ATOM   929  C  CG2 . ILE A 1 123 ? -2.275  2.573   0.142   1.00 10.89 ? 123 ILE A CG2 1 
ATOM   930  C  CD1 . ILE A 1 123 ? 0.070   2.393   -1.883  1.00 11.70 ? 123 ILE A CD1 1 
ATOM   931  N  N   . VAL A 1 124 ? -3.367  -1.408  -1.186  1.00 9.78  ? 124 VAL A N   1 
ATOM   932  C  CA  . VAL A 1 124 ? -3.466  -2.562  -2.106  1.00 9.94  ? 124 VAL A CA  1 
ATOM   933  C  C   . VAL A 1 124 ? -2.352  -2.473  -3.127  1.00 10.21 ? 124 VAL A C   1 
ATOM   934  O  O   . VAL A 1 124 ? -2.122  -1.390  -3.722  1.00 9.67  ? 124 VAL A O   1 
ATOM   935  C  CB  . VAL A 1 124 ? -4.840  -2.610  -2.784  1.00 9.71  ? 124 VAL A CB  1 
ATOM   936  C  CG1 . VAL A 1 124 ? -4.881  -3.702  -3.848  1.00 9.71  ? 124 VAL A CG1 1 
ATOM   937  C  CG2 . VAL A 1 124 ? -5.975  -2.782  -1.774  1.00 9.65  ? 124 VAL A CG2 1 
ATOM   938  N  N   . SER A 1 125 ? -1.670  -3.585  -3.362  1.00 10.28 ? 125 SER A N   1 
ATOM   939  C  CA  . SER A 1 125 ? -0.561  -3.673  -4.321  1.00 10.39 ? 125 SER A CA  1 
ATOM   940  C  C   . SER A 1 125 ? -0.601  -4.914  -5.199  1.00 11.05 ? 125 SER A C   1 
ATOM   941  O  O   . SER A 1 125 ? -0.036  -4.875  -6.313  1.00 11.82 ? 125 SER A O   1 
ATOM   942  C  CB  . SER A 1 125 ? 0.736   -3.622  -3.558  1.00 10.87 ? 125 SER A CB  1 
ATOM   943  O  OG  . SER A 1 125 ? 1.863   -3.743  -4.426  1.00 12.30 ? 125 SER A OG  1 
ATOM   944  N  N   . THR A 1 126 ? -1.234  -6.009  -4.756  1.00 11.30 ? 126 THR A N   1 
ATOM   945  C  CA  . THR A 1 126 ? -1.292  -7.241  -5.573  1.00 11.78 ? 126 THR A CA  1 
ATOM   946  C  C   . THR A 1 126 ? -2.704  -7.811  -5.548  1.00 11.40 ? 126 THR A C   1 
ATOM   947  O  O   . THR A 1 126 ? -3.516  -7.454  -4.638  1.00 10.64 ? 126 THR A O   1 
ATOM   948  C  CB  . THR A 1 126 ? -0.274  -8.316  -5.140  1.00 11.20 ? 126 THR A CB  1 
ATOM   949  O  OG1 . THR A 1 126 ? -0.714  -8.933  -3.917  1.00 12.01 ? 126 THR A OG1 1 
ATOM   950  C  CG2 . THR A 1 126 ? 1.110   -7.744  -4.919  1.00 11.39 ? 126 THR A CG2 1 
ATOM   951  N  N   . GLY A 1 127 ? -2.990  -8.714  -6.484  1.00 11.69 ? 127 GLY A N   1 
ATOM   952  C  CA  . GLY A 1 127 ? -4.265  -9.427  -6.504  1.00 12.72 ? 127 GLY A CA  1 
ATOM   953  C  C   . GLY A 1 127 ? -4.145  -10.703 -7.283  1.00 14.23 ? 127 GLY A C   1 
ATOM   954  O  O   . GLY A 1 127 ? -3.058  -11.084 -7.633  1.00 16.17 ? 127 GLY A O   1 
ATOM   955  N  N   . GLY A 1 128 ? -5.287  -11.295 -7.575  1.00 15.76 ? 128 GLY A N   1 
ATOM   956  C  CA  . GLY A 1 128 ? -5.362  -12.580 -8.297  1.00 16.86 ? 128 GLY A CA  1 
ATOM   957  C  C   . GLY A 1 128 ? -5.445  -13.767 -7.373  1.00 18.66 ? 128 GLY A C   1 
ATOM   958  O  O   . GLY A 1 128 ? -5.053  -13.748 -6.187  1.00 16.71 ? 128 GLY A O   1 
ATOM   959  N  N   . ASN A 1 129 ? -6.033  -14.832 -7.905  1.00 20.45 ? 129 ASN A N   1 
ATOM   960  C  CA  . ASN A 1 129 ? -6.162  -16.135 -7.202  1.00 18.68 ? 129 ASN A CA  1 
ATOM   961  C  C   . ASN A 1 129 ? -6.799  -15.941 -5.830  1.00 15.96 ? 129 ASN A C   1 
ATOM   962  O  O   . ASN A 1 129 ? -6.453  -16.710 -4.873  1.00 16.95 ? 129 ASN A O   1 
ATOM   963  C  CB  . ASN A 1 129 ? -4.853  -16.891 -7.009  1.00 20.92 ? 129 ASN A CB  1 
ATOM   964  C  CG  . ASN A 1 129 ? -4.321  -17.464 -8.300  1.00 27.46 ? 129 ASN A CG  1 
ATOM   965  O  OD1 . ASN A 1 129 ? -5.095  -17.967 -9.118  1.00 30.13 ? 129 ASN A OD1 1 
ATOM   966  N  ND2 . ASN A 1 129 ? -3.010  -17.385 -8.462  1.00 28.61 ? 129 ASN A ND2 1 
ATOM   967  N  N   . GLY A 1 130 ? -7.760  -15.043 -5.743  1.00 14.82 ? 130 GLY A N   1 
ATOM   968  C  CA  . GLY A 1 130 ? -8.569  -14.919 -4.529  1.00 12.67 ? 130 GLY A CA  1 
ATOM   969  C  C   . GLY A 1 130 ? -7.866  -14.232 -3.364  1.00 11.20 ? 130 GLY A C   1 
ATOM   970  O  O   . GLY A 1 130 ? -8.419  -14.301 -2.291  1.00 11.28 ? 130 GLY A O   1 
ATOM   971  N  N   . LEU A 1 131 ? -6.659  -13.711 -3.548  1.00 12.68 ? 131 LEU A N   1 
ATOM   972  C  CA  . LEU A 1 131 ? -5.952  -12.960 -2.509  1.00 11.33 ? 131 LEU A CA  1 
ATOM   973  C  C   . LEU A 1 131 ? -5.899  -11.486 -2.891  1.00 11.41 ? 131 LEU A C   1 
ATOM   974  O  O   . LEU A 1 131 ? -5.887  -11.109 -4.072  1.00 13.17 ? 131 LEU A O   1 
ATOM   975  C  CB  . LEU A 1 131 ? -4.548  -13.485 -2.284  1.00 13.22 ? 131 LEU A CB  1 
ATOM   976  C  CG  . LEU A 1 131 ? -4.424  -14.976 -1.975  1.00 13.72 ? 131 LEU A CG  1 
ATOM   977  C  CD1 . LEU A 1 131 ? -2.961  -15.262 -1.604  1.00 14.94 ? 131 LEU A CD1 1 
ATOM   978  C  CD2 . LEU A 1 131 ? -5.375  -15.395 -0.861  1.00 13.34 ? 131 LEU A CD2 1 
ATOM   979  N  N   . VAL A 1 132 ? -5.728  -10.680 -1.877  1.00 10.96 ? 132 VAL A N   1 
ATOM   980  C  CA  . VAL A 1 132 ? -5.348  -9.258  -2.033  1.00 10.24 ? 132 VAL A CA  1 
ATOM   981  C  C   . VAL A 1 132 ? -4.060  -9.073  -1.245  1.00 10.83 ? 132 VAL A C   1 
ATOM   982  O  O   . VAL A 1 132 ? -3.986  -9.554  -0.086  1.00 11.09 ? 132 VAL A O   1 
ATOM   983  C  CB  . VAL A 1 132 ? -6.486  -8.344  -1.552  1.00 11.14 ? 132 VAL A CB  1 
ATOM   984  C  CG1 . VAL A 1 132 ? -7.050  -8.692  -0.176  1.00 12.79 ? 132 VAL A CG1 1 
ATOM   985  C  CG2 . VAL A 1 132 ? -6.097  -6.878  -1.648  1.00 11.42 ? 132 VAL A CG2 1 
ATOM   986  N  N   . GLY A 1 133 ? -3.085  -8.431  -1.851  1.00 10.25 ? 133 GLY A N   1 
ATOM   987  C  CA  . GLY A 1 133 ? -1.804  -8.120  -1.226  1.00 10.34 ? 133 GLY A CA  1 
ATOM   988  C  C   . GLY A 1 133 ? -1.704  -6.634  -0.963  1.00 10.03 ? 133 GLY A C   1 
ATOM   989  O  O   . GLY A 1 133 ? -2.109  -5.844  -1.825  1.00 11.35 ? 133 GLY A O   1 
ATOM   990  N  N   . PHE A 1 134 ? -1.160  -6.256  0.190   1.00 9.37  ? 134 PHE A N   1 
ATOM   991  C  CA  . PHE A 1 134 ? -0.998  -4.867  0.637   1.00 9.52  ? 134 PHE A CA  1 
ATOM   992  C  C   . PHE A 1 134 ? 0.456   -4.572  0.937   1.00 9.60  ? 134 PHE A C   1 
ATOM   993  O  O   . PHE A 1 134 ? 1.136   -5.379  1.575   1.00 10.44 ? 134 PHE A O   1 
ATOM   994  C  CB  . PHE A 1 134 ? -1.769  -4.634  1.923   1.00 9.37  ? 134 PHE A CB  1 
ATOM   995  C  CG  . PHE A 1 134 ? -3.189  -5.106  1.907   1.00 9.03  ? 134 PHE A CG  1 
ATOM   996  C  CD1 . PHE A 1 134 ? -4.187  -4.285  1.394   1.00 9.32  ? 134 PHE A CD1 1 
ATOM   997  C  CD2 . PHE A 1 134 ? -3.538  -6.375  2.386   1.00 9.89  ? 134 PHE A CD2 1 
ATOM   998  C  CE1 . PHE A 1 134 ? -5.517  -4.694  1.390   1.00 10.17 ? 134 PHE A CE1 1 
ATOM   999  C  CE2 . PHE A 1 134 ? -4.885  -6.760  2.375   1.00 10.67 ? 134 PHE A CE2 1 
ATOM   1000 C  CZ  . PHE A 1 134 ? -5.866  -5.896  1.908   1.00 10.53 ? 134 PHE A CZ  1 
ATOM   1001 N  N   . ALA A 1 135 ? 0.899   -3.452  0.369   1.00 9.41  ? 135 ALA A N   1 
ATOM   1002 C  CA  . ALA A 1 135 ? 2.243   -2.935  0.673   1.00 8.65  ? 135 ALA A CA  1 
ATOM   1003 C  C   . ALA A 1 135 ? 2.173   -2.268  2.051   1.00 9.06  ? 135 ALA A C   1 
ATOM   1004 O  O   . ALA A 1 135 ? 1.486   -1.272  2.185   1.00 10.34 ? 135 ALA A O   1 
ATOM   1005 C  CB  . ALA A 1 135 ? 2.651   -1.980  -0.404  1.00 8.83  ? 135 ALA A CB  1 
ATOM   1006 N  N   . ASP A 1 136 ? 2.920   -2.781  3.025   1.00 9.11  ? 136 ASP A N   1 
ATOM   1007 C  CA  . ASP A 1 136 ? 2.967   -2.220  4.369   1.00 10.20 ? 136 ASP A CA  1 
ATOM   1008 C  C   . ASP A 1 136 ? 3.647   -0.862  4.346   1.00 9.83  ? 136 ASP A C   1 
ATOM   1009 O  O   . ASP A 1 136 ? 4.624   -0.667  3.583   1.00 10.82 ? 136 ASP A O   1 
ATOM   1010 C  CB  . ASP A 1 136 ? 3.693   -3.185  5.305   1.00 10.83 ? 136 ASP A CB  1 
ATOM   1011 C  CG  . ASP A 1 136 ? 3.737   -2.714  6.733   1.00 11.58 ? 136 ASP A CG  1 
ATOM   1012 O  OD1 . ASP A 1 136 ? 2.694   -2.462  7.278   1.00 11.83 ? 136 ASP A OD1 1 
ATOM   1013 O  OD2 . ASP A 1 136 ? 4.866   -2.549  7.252   1.00 13.48 ? 136 ASP A OD2 1 
ATOM   1014 N  N   . VAL A 1 137 ? 3.216   0.023   5.220   1.00 10.43 ? 137 VAL A N   1 
ATOM   1015 C  CA  . VAL A 1 137 ? 3.939   1.306   5.449   1.00 10.91 ? 137 VAL A CA  1 
ATOM   1016 C  C   . VAL A 1 137 ? 4.222   1.508   6.936   1.00 10.36 ? 137 VAL A C   1 
ATOM   1017 O  O   . VAL A 1 137 ? 4.750   2.544   7.283   1.00 11.20 ? 137 VAL A O   1 
ATOM   1018 C  CB  . VAL A 1 137 ? 3.130   2.495   4.908   1.00 10.82 ? 137 VAL A CB  1 
ATOM   1019 C  CG1 . VAL A 1 137 ? 3.021   2.387   3.397   1.00 11.25 ? 137 VAL A CG1 1 
ATOM   1020 C  CG2 . VAL A 1 137 ? 1.764   2.660   5.550   1.00 11.32 ? 137 VAL A CG2 1 
ATOM   1021 N  N   . ARG A 1 138 ? 3.842   0.579   7.805   1.00 10.74 ? 138 ARG A N   1 
ATOM   1022 C  CA  . ARG A 1 138 ? 3.959   0.834   9.257   1.00 10.62 ? 138 ARG A CA  1 
ATOM   1023 C  C   . ARG A 1 138 ? 5.418   0.853   9.717   1.00 10.51 ? 138 ARG A C   1 
ATOM   1024 O  O   . ARG A 1 138 ? 5.621   1.388   10.832  1.00 12.50 ? 138 ARG A O   1 
ATOM   1025 C  CB  . ARG A 1 138 ? 3.206   -0.241  10.024  1.00 9.98  ? 138 ARG A CB  1 
ATOM   1026 C  CG  . ARG A 1 138 ? 1.700   -0.259  9.767   1.00 10.04 ? 138 ARG A CG  1 
ATOM   1027 C  CD  . ARG A 1 138 ? 1.066   -1.424  10.499  1.00 10.37 ? 138 ARG A CD  1 
ATOM   1028 N  NE  . ARG A 1 138 ? 1.458   -2.665  9.893   1.00 10.55 ? 138 ARG A NE  1 
ATOM   1029 C  CZ  . ARG A 1 138 ? 1.014   -3.854  10.215  1.00 10.30 ? 138 ARG A CZ  1 
ATOM   1030 N  NH1 . ARG A 1 138 ? 0.266   -3.976  11.305  1.00 9.65  ? 138 ARG A NH1 1 
ATOM   1031 N  NH2 . ARG A 1 138 ? 1.302   -4.874  9.439   1.00 11.23 ? 138 ARG A NH2 1 
ATOM   1032 N  N   . ASP A 1 139 ? 6.338   0.319   8.954   1.00 10.60 ? 139 ASP A N   1 
ATOM   1033 C  CA  . ASP A 1 139 ? 7.769   0.379   9.307   1.00 11.53 ? 139 ASP A CA  1 
ATOM   1034 C  C   . ASP A 1 139 ? 8.374   1.711   8.865   1.00 13.95 ? 139 ASP A C   1 
ATOM   1035 O  O   . ASP A 1 139 ? 9.530   1.948   9.270   1.00 14.87 ? 139 ASP A O   1 
ATOM   1036 C  CB  . ASP A 1 139 ? 8.514   -0.801  8.682   1.00 13.55 ? 139 ASP A CB  1 
ATOM   1037 C  CG  . ASP A 1 139 ? 8.560   -0.748  7.173   1.00 14.97 ? 139 ASP A CG  1 
ATOM   1038 O  OD1 . ASP A 1 139 ? 7.525   -0.352  6.591   1.00 14.39 ? 139 ASP A OD1 1 
ATOM   1039 O  OD2 . ASP A 1 139 ? 9.579   -1.138  6.602   1.00 18.19 ? 139 ASP A OD2 1 
ATOM   1040 N  N   . LEU A 1 140 ? 7.686   2.536   8.086   1.00 12.10 ? 140 LEU A N   1 
ATOM   1041 C  CA  . LEU A 1 140 ? 8.257   3.784   7.562   1.00 13.53 ? 140 LEU A CA  1 
ATOM   1042 C  C   . LEU A 1 140 ? 7.999   4.877   8.587   1.00 13.19 ? 140 LEU A C   1 
ATOM   1043 O  O   . LEU A 1 140 ? 7.155   5.770   8.438   1.00 13.12 ? 140 LEU A O   1 
ATOM   1044 C  CB  . LEU A 1 140 ? 7.648   4.060   6.185   1.00 13.05 ? 140 LEU A CB  1 
ATOM   1045 C  CG  . LEU A 1 140 ? 7.826   2.976   5.132   1.00 15.16 ? 140 LEU A CG  1 
ATOM   1046 C  CD1 . LEU A 1 140 ? 7.126   3.372   3.833   1.00 14.12 ? 140 LEU A CD1 1 
ATOM   1047 C  CD2 . LEU A 1 140 ? 9.286   2.652   4.875   1.00 14.71 ? 140 LEU A CD2 1 
ATOM   1048 N  N   . LEU A 1 141 ? 8.807   4.853   9.656   1.00 12.74 ? 141 LEU A N   1 
ATOM   1049 C  CA  . LEU A 1 141 ? 8.557   5.764   10.789  1.00 14.12 ? 141 LEU A CA  1 
ATOM   1050 C  C   . LEU A 1 141 ? 8.771   7.217   10.406  1.00 13.76 ? 141 LEU A C   1 
ATOM   1051 O  O   . LEU A 1 141 ? 8.151   8.065   10.990  1.00 15.89 ? 141 LEU A O   1 
ATOM   1052 C  CB  . LEU A 1 141 ? 9.430   5.386   11.993  1.00 15.23 ? 141 LEU A CB  1 
ATOM   1053 C  CG  . LEU A 1 141 ? 9.415   3.925   12.415  1.00 17.15 ? 141 LEU A CG  1 
ATOM   1054 C  CD1 . LEU A 1 141 ? 10.213  3.782   13.709  1.00 18.84 ? 141 LEU A CD1 1 
ATOM   1055 C  CD2 . LEU A 1 141 ? 8.031   3.358   12.625  1.00 16.98 ? 141 LEU A CD2 1 
ATOM   1056 N  N   . TRP A 1 142 ? 9.681   7.467   9.465   1.00 12.85 ? 142 TRP A N   1 
ATOM   1057 C  CA  . TRP A 1 142 ? 10.031  8.830   9.005   1.00 14.41 ? 142 TRP A CA  1 
ATOM   1058 C  C   . TRP A 1 142 ? 8.818   9.511   8.383   1.00 14.32 ? 142 TRP A C   1 
ATOM   1059 O  O   . TRP A 1 142 ? 8.810   10.760  8.237   1.00 16.21 ? 142 TRP A O   1 
ATOM   1060 C  CB  . TRP A 1 142 ? 11.232  8.742   8.071   1.00 14.12 ? 142 TRP A CB  1 
ATOM   1061 C  CG  . TRP A 1 142 ? 11.046  7.850   6.877   1.00 14.59 ? 142 TRP A CG  1 
ATOM   1062 C  CD1 . TRP A 1 142 ? 11.502  6.574   6.762   1.00 15.66 ? 142 TRP A CD1 1 
ATOM   1063 C  CD2 . TRP A 1 142 ? 10.344  8.170   5.654   1.00 15.18 ? 142 TRP A CD2 1 
ATOM   1064 N  NE1 . TRP A 1 142 ? 11.191  6.073   5.530   1.00 15.54 ? 142 TRP A NE1 1 
ATOM   1065 C  CE2 . TRP A 1 142 ? 10.490  7.028   4.842   1.00 15.97 ? 142 TRP A CE2 1 
ATOM   1066 C  CE3 . TRP A 1 142 ? 9.787   9.346   5.127   1.00 16.13 ? 142 TRP A CE3 1 
ATOM   1067 C  CZ2 . TRP A 1 142 ? 9.996   7.018   3.525   1.00 16.23 ? 142 TRP A CZ2 1 
ATOM   1068 C  CZ3 . TRP A 1 142 ? 9.228   9.293   3.855   1.00 16.64 ? 142 TRP A CZ3 1 
ATOM   1069 C  CH2 . TRP A 1 142 ? 9.338   8.141   3.077   1.00 16.37 ? 142 TRP A CH2 1 
ATOM   1070 N  N   . LEU A 1 143 ? 7.771   8.781   7.971   1.00 14.84 ? 143 LEU A N   1 
ATOM   1071 C  CA  . LEU A 1 143 ? 6.559   9.422   7.417   1.00 15.90 ? 143 LEU A CA  1 
ATOM   1072 C  C   . LEU A 1 143 ? 5.905   10.340  8.460   1.00 19.12 ? 143 LEU A C   1 
ATOM   1073 O  O   . LEU A 1 143 ? 5.147   11.226  8.067   1.00 20.07 ? 143 LEU A O   1 
ATOM   1074 C  CB  . LEU A 1 143 ? 5.528   8.383   6.987   1.00 16.08 ? 143 LEU A CB  1 
ATOM   1075 C  CG  . LEU A 1 143 ? 5.823   7.599   5.715   1.00 14.83 ? 143 LEU A CG  1 
ATOM   1076 C  CD1 . LEU A 1 143 ? 4.811   6.487   5.549   1.00 15.95 ? 143 LEU A CD1 1 
ATOM   1077 C  CD2 . LEU A 1 143 ? 5.798   8.502   4.480   1.00 15.71 ? 143 LEU A CD2 1 
ATOM   1078 N  N   . ASP A 1 144 ? 6.125   10.071  9.755   1.00 19.92 ? 144 ASP A N   1 
ATOM   1079 C  CA  . ASP A 1 144 ? 5.428   10.778  10.869  1.00 23.82 ? 144 ASP A CA  1 
ATOM   1080 C  C   . ASP A 1 144 ? 6.087   12.104  11.214  1.00 27.71 ? 144 ASP A C   1 
ATOM   1081 O  O   . ASP A 1 144 ? 5.468   12.824  12.020  1.00 28.98 ? 144 ASP A O   1 
ATOM   1082 C  CB  . ASP A 1 144 ? 5.366   9.940   12.144  1.00 23.83 ? 144 ASP A CB  1 
ATOM   1083 C  CG  . ASP A 1 144 ? 4.484   8.710   12.079  1.00 21.26 ? 144 ASP A CG  1 
ATOM   1084 O  OD1 . ASP A 1 144 ? 3.764   8.556   11.084  1.00 27.92 ? 144 ASP A OD1 1 
ATOM   1085 O  OD2 . ASP A 1 144 ? 4.646   7.824   12.955  1.00 26.76 ? 144 ASP A OD2 1 
ATOM   1086 N  N   . GLU A 1 145 ? 7.246   12.440  10.641  1.00 31.50 ? 145 GLU A N   1 
ATOM   1087 C  CA  . GLU A 1 145 ? 7.944   13.719  10.956  1.00 41.05 ? 145 GLU A CA  1 
ATOM   1088 C  C   . GLU A 1 145 ? 8.469   14.420  9.692   1.00 41.72 ? 145 GLU A C   1 
ATOM   1089 O  O   . GLU A 1 145 ? 8.434   13.812  8.607   1.00 35.59 ? 145 GLU A O   1 
ATOM   1090 C  CB  . GLU A 1 145 ? 9.115   13.424  11.885  1.00 46.09 ? 145 GLU A CB  1 
ATOM   1091 C  CG  . GLU A 1 145 ? 10.186  12.546  11.248  1.00 49.14 ? 145 GLU A CG  1 
ATOM   1092 C  CD  . GLU A 1 145 ? 10.715  11.420  12.125  1.00 55.60 ? 145 GLU A CD  1 
ATOM   1093 O  OE1 . GLU A 1 145 ? 11.587  10.646  11.652  1.00 57.68 ? 145 GLU A OE1 1 
ATOM   1094 O  OE2 . GLU A 1 145 ? 10.262  11.314  13.277  1.00 66.32 ? 145 GLU A OE2 1 
ATOM   1095 N  N   . GLU A 1 146 ? 8.948   15.655  9.862   1.00 52.71 ? 146 GLU A N   1 
ATOM   1096 C  CA  . GLU A 1 146 ? 9.907   16.337  8.949   1.00 58.47 ? 146 GLU A CA  1 
ATOM   1097 C  C   . GLU A 1 146 ? 9.379   16.266  7.514   1.00 64.65 ? 146 GLU A C   1 
ATOM   1098 O  O   . GLU A 1 146 ? 9.779   17.044  6.648   1.00 72.06 ? 146 GLU A O   1 
ATOM   1099 C  CB  . GLU A 1 146 ? 11.291  15.708  9.145   1.00 56.40 ? 146 GLU A CB  1 
ATOM   1100 C  CG  . GLU A 1 146 ? 12.029  15.352  7.867   1.00 62.22 ? 146 GLU A CG  1 
ATOM   1101 C  CD  . GLU A 1 146 ? 12.608  16.507  7.068   1.00 67.65 ? 146 GLU A CD  1 
ATOM   1102 O  OE1 . GLU A 1 146 ? 12.927  16.287  5.881   1.00 63.76 ? 146 GLU A OE1 1 
ATOM   1103 O  OE2 . GLU A 1 146 ? 12.742  17.619  7.625   1.00 71.33 ? 146 GLU A OE2 1 
HETATM 1104 N  N1  . LQ3 B 2 .   ? 5.987   -5.318  -16.735 0.50 20.00 ? 201 LQ3 A N1  1 
HETATM 1105 C  C4  . LQ3 B 2 .   ? 4.093   -4.055  -17.032 0.50 20.00 ? 201 LQ3 A C4  1 
HETATM 1106 C  C5  . LQ3 B 2 .   ? 5.474   -4.130  -17.052 0.50 20.00 ? 201 LQ3 A C5  1 
HETATM 1107 C  C6  . LQ3 B 2 .   ? 5.274   -6.451  -16.641 0.50 20.00 ? 201 LQ3 A C6  1 
HETATM 1108 F  F1  . LQ3 B 2 .   ? 3.263   -9.814  -17.208 0.50 20.00 ? 201 LQ3 A F1  1 
HETATM 1109 C  C1  . LQ3 B 2 .   ? 3.538   -8.594  -17.607 0.50 20.00 ? 201 LQ3 A C1  1 
HETATM 1110 F  F2  . LQ3 B 2 .   ? 2.930   -7.970  -18.611 0.50 20.00 ? 201 LQ3 A F2  1 
HETATM 1111 O  O1  . LQ3 B 2 .   ? 3.338   -7.687  -16.748 0.50 20.00 ? 201 LQ3 A O1  1 
HETATM 1112 C  C2  . LQ3 B 2 .   ? 4.001   -6.461  -16.727 0.50 20.00 ? 201 LQ3 A C2  1 
HETATM 1113 C  C3  . LQ3 B 2 .   ? 3.364   -5.177  -16.864 0.50 20.00 ? 201 LQ3 A C3  1 
HETATM 1114 O  O2  . LQ3 B 2 .   ? 6.177   -3.353  -17.600 0.50 20.00 ? 201 LQ3 A O2  1 
HETATM 1115 ZN ZN  . ZN  C 3 .   ? -3.023  -1.609  14.326  1.00 11.45 ? 202 ZN  A ZN  1 
HETATM 1116 S  S   . DMS D 4 .   ? -6.674  6.978   12.895  1.00 28.31 ? 203 DMS A S   1 
HETATM 1117 O  O   . DMS D 4 .   ? -7.466  8.247   13.262  1.00 36.56 ? 203 DMS A O   1 
HETATM 1118 C  C1  . DMS D 4 .   ? -7.488  5.665   13.831  1.00 24.30 ? 203 DMS A C1  1 
HETATM 1119 C  C2  . DMS D 4 .   ? -7.198  6.588   11.298  1.00 22.77 ? 203 DMS A C2  1 
HETATM 1120 S  S   . DMS E 4 .   ? 14.586  -1.474  -4.316  1.00 27.69 ? 204 DMS A S   1 
HETATM 1121 O  O   . DMS E 4 .   ? 13.775  -2.432  -5.108  1.00 22.82 ? 204 DMS A O   1 
HETATM 1122 C  C1  . DMS E 4 .   ? 15.221  -2.413  -2.928  1.00 29.24 ? 204 DMS A C1  1 
HETATM 1123 C  C2  . DMS E 4 .   ? 16.138  -1.343  -5.214  1.00 25.13 ? 204 DMS A C2  1 
HETATM 1124 S  S   . DMS F 4 .   ? -13.002 5.833   -1.646  1.00 66.46 ? 205 DMS A S   1 
HETATM 1125 O  O   . DMS F 4 .   ? -14.408 5.878   -2.181  1.00 56.13 ? 205 DMS A O   1 
HETATM 1126 C  C1  . DMS F 4 .   ? -12.776 7.355   -0.737  1.00 63.86 ? 205 DMS A C1  1 
HETATM 1127 C  C2  . DMS F 4 .   ? -13.070 4.743   -0.263  1.00 59.14 ? 205 DMS A C2  1 
HETATM 1128 S  S   . DMS G 4 .   ? -13.424 -13.640 0.902   1.00 36.44 ? 206 DMS A S   1 
HETATM 1129 O  O   . DMS G 4 .   ? -12.980 -13.532 -0.535  1.00 33.74 ? 206 DMS A O   1 
HETATM 1130 C  C1  . DMS G 4 .   ? -14.849 -12.609 1.069   1.00 36.37 ? 206 DMS A C1  1 
HETATM 1131 C  C2  . DMS G 4 .   ? -14.242 -15.211 1.032   1.00 34.65 ? 206 DMS A C2  1 
HETATM 1132 S  S   . SO4 H 5 .   ? 10.547  -18.666 -8.593  1.00 50.41 ? 207 SO4 A S   1 
HETATM 1133 O  O1  . SO4 H 5 .   ? 11.660  -18.223 -7.802  1.00 50.04 ? 207 SO4 A O1  1 
HETATM 1134 O  O2  . SO4 H 5 .   ? 9.337   -18.564 -7.827  1.00 49.64 ? 207 SO4 A O2  1 
HETATM 1135 O  O3  . SO4 H 5 .   ? 10.755  -20.037 -8.977  1.00 49.03 ? 207 SO4 A O3  1 
HETATM 1136 O  O4  . SO4 H 5 .   ? 10.440  -17.849 -9.770  1.00 49.16 ? 207 SO4 A O4  1 
HETATM 1137 O  O   . HOH I 6 .   ? 11.865  -19.052 -3.915  1.00 33.84 ? 301 HOH A O   1 
HETATM 1138 O  O   . HOH I 6 .   ? 3.532   23.206  1.835   1.00 60.06 ? 302 HOH A O   1 
HETATM 1139 O  O   . HOH I 6 .   ? -10.836 -3.920  -12.359 1.00 27.52 ? 303 HOH A O   1 
HETATM 1140 O  O   . HOH I 6 .   ? 11.583  12.634  4.846   1.00 39.38 ? 304 HOH A O   1 
HETATM 1141 O  O   . HOH I 6 .   ? 0.718   16.875  9.685   1.00 40.79 ? 305 HOH A O   1 
HETATM 1142 O  O   . HOH I 6 .   ? -1.280  -12.760 -7.292  1.00 14.20 ? 306 HOH A O   1 
HETATM 1143 O  O   . HOH I 6 .   ? 7.863   16.560  5.169   1.00 37.02 ? 307 HOH A O   1 
HETATM 1144 O  O   . HOH I 6 .   ? -1.728  21.343  9.619   1.00 34.38 ? 308 HOH A O   1 
HETATM 1145 O  O   . HOH I 6 .   ? 11.531  -7.911  -7.033  1.00 41.73 ? 309 HOH A O   1 
HETATM 1146 O  O   . HOH I 6 .   ? -17.170 3.357   -3.511  1.00 39.04 ? 310 HOH A O   1 
HETATM 1147 O  O   . HOH I 6 .   ? -13.889 3.715   -5.956  1.00 21.58 ? 311 HOH A O   1 
HETATM 1148 O  O   . HOH I 6 .   ? 4.651   -13.423 7.428   1.00 37.65 ? 312 HOH A O   1 
HETATM 1149 O  O   . HOH I 6 .   ? 10.141  -1.802  -11.003 1.00 30.58 ? 313 HOH A O   1 
HETATM 1150 O  O   . HOH I 6 .   ? -21.145 -0.430  -2.775  1.00 38.88 ? 314 HOH A O   1 
HETATM 1151 O  O   . HOH I 6 .   ? -0.315  -14.187 -13.766 1.00 33.57 ? 315 HOH A O   1 
HETATM 1152 O  O   . HOH I 6 .   ? -5.630  9.078   1.638   1.00 20.78 ? 316 HOH A O   1 
HETATM 1153 O  O   . HOH I 6 .   ? -6.273  12.613  4.338   1.00 17.56 ? 317 HOH A O   1 
HETATM 1154 O  O   . HOH I 6 .   ? 5.650   -8.186  -17.818 1.00 36.84 ? 318 HOH A O   1 
HETATM 1155 O  O   . HOH I 6 .   ? 3.099   -15.450 -13.486 1.00 20.59 ? 319 HOH A O   1 
HETATM 1156 O  O   . HOH I 6 .   ? -19.136 -8.369  -2.012  1.00 25.83 ? 320 HOH A O   1 
HETATM 1157 O  O   . HOH I 6 .   ? 0.919   -5.675  -19.159 1.00 36.04 ? 321 HOH A O   1 
HETATM 1158 O  O   . HOH I 6 .   ? 13.403  -3.114  0.283   1.00 40.44 ? 322 HOH A O   1 
HETATM 1159 O  O   . HOH I 6 .   ? 15.778  5.944   -5.117  1.00 25.11 ? 323 HOH A O   1 
HETATM 1160 O  O   . HOH I 6 .   ? 7.089   -9.518  9.340   1.00 34.29 ? 324 HOH A O   1 
HETATM 1161 O  O   . HOH I 6 .   ? 10.680  -10.728 -12.628 1.00 29.02 ? 325 HOH A O   1 
HETATM 1162 O  O   . HOH I 6 .   ? -0.936  8.097   -9.111  1.00 35.10 ? 326 HOH A O   1 
HETATM 1163 O  O   . HOH I 6 .   ? 13.655  0.912   -6.582  1.00 20.37 ? 327 HOH A O   1 
HETATM 1164 O  O   . HOH I 6 .   ? -20.254 -4.921  -5.206  1.00 25.33 ? 328 HOH A O   1 
HETATM 1165 O  O   . HOH I 6 .   ? -1.557  7.483   -11.188 1.00 29.39 ? 329 HOH A O   1 
HETATM 1166 O  O   . HOH I 6 .   ? -1.508  13.499  8.277   1.00 23.09 ? 330 HOH A O   1 
HETATM 1167 O  O   . HOH I 6 .   ? -5.470  10.883  -4.168  1.00 30.03 ? 331 HOH A O   1 
HETATM 1168 O  O   . HOH I 6 .   ? -1.347  4.243   -5.869  1.00 13.11 ? 332 HOH A O   1 
HETATM 1169 O  O   . HOH I 6 .   ? 3.439   -7.034  11.849  1.00 19.84 ? 333 HOH A O   1 
HETATM 1170 O  O   . HOH I 6 .   ? 7.104   -3.838  6.625   1.00 17.51 ? 334 HOH A O   1 
HETATM 1171 O  O   . HOH I 6 .   ? 4.226   8.552   15.487  1.00 27.10 ? 335 HOH A O   1 
HETATM 1172 O  O   . HOH I 6 .   ? 3.854   5.092   -13.168 1.00 29.44 ? 336 HOH A O   1 
HETATM 1173 O  O   . HOH I 6 .   ? 3.044   -11.855 4.110   1.00 16.29 ? 337 HOH A O   1 
HETATM 1174 O  O   . HOH I 6 .   ? 3.056   14.963  -4.345  1.00 33.11 ? 338 HOH A O   1 
HETATM 1175 O  O   . HOH I 6 .   ? -13.638 -10.095 3.922   1.00 23.51 ? 339 HOH A O   1 
HETATM 1176 O  O   . HOH I 6 .   ? 9.113   11.602  -15.071 1.00 18.79 ? 340 HOH A O   1 
HETATM 1177 O  O   . HOH I 6 .   ? 4.445   -0.962  -14.344 1.00 18.43 ? 341 HOH A O   1 
HETATM 1178 O  O   . HOH I 6 .   ? -1.676  16.325  1.229   1.00 23.56 ? 342 HOH A O   1 
HETATM 1179 O  O   . HOH I 6 .   ? 2.202   14.368  -7.151  1.00 29.88 ? 343 HOH A O   1 
HETATM 1180 O  O   . HOH I 6 .   ? 1.731   0.839   -14.093 1.00 37.30 ? 344 HOH A O   1 
HETATM 1181 O  O   . HOH I 6 .   ? -11.577 -12.671 3.835   1.00 19.54 ? 345 HOH A O   1 
HETATM 1182 O  O   . HOH I 6 .   ? -11.416 -12.555 -6.316  1.00 30.63 ? 346 HOH A O   1 
HETATM 1183 O  O   . HOH I 6 .   ? -5.924  10.712  10.656  1.00 19.61 ? 347 HOH A O   1 
HETATM 1184 O  O   . HOH I 6 .   ? -3.345  6.085   15.945  1.00 25.87 ? 348 HOH A O   1 
HETATM 1185 O  O   . HOH I 6 .   ? -2.610  -0.822  -10.854 1.00 16.02 ? 349 HOH A O   1 
HETATM 1186 O  O   . HOH I 6 .   ? -9.575  3.447   15.891  1.00 23.75 ? 350 HOH A O   1 
HETATM 1187 O  O   . HOH I 6 .   ? 3.978   -4.419  11.903  1.00 14.22 ? 351 HOH A O   1 
HETATM 1188 O  O   . HOH I 6 .   ? -1.409  -9.071  15.869  1.00 36.46 ? 352 HOH A O   1 
HETATM 1189 O  O   . HOH I 6 .   ? 2.724   -16.862 -4.768  1.00 23.10 ? 353 HOH A O   1 
HETATM 1190 O  O   . HOH I 6 .   ? 4.987   13.932  8.466   1.00 40.36 ? 354 HOH A O   1 
HETATM 1191 O  O   . HOH I 6 .   ? -9.026  2.444   -4.471  1.00 17.20 ? 355 HOH A O   1 
HETATM 1192 O  O   . HOH I 6 .   ? -14.870 2.125   -7.976  1.00 24.53 ? 356 HOH A O   1 
HETATM 1193 O  O   . HOH I 6 .   ? 0.516   13.610  -9.330  1.00 28.57 ? 357 HOH A O   1 
HETATM 1194 O  O   . HOH I 6 .   ? 10.861  -3.141  7.972   1.00 30.60 ? 358 HOH A O   1 
HETATM 1195 O  O   . HOH I 6 .   ? -9.095  7.350   4.086   1.00 30.53 ? 359 HOH A O   1 
HETATM 1196 O  O   . HOH I 6 .   ? -11.111 -14.910 -2.347  1.00 16.56 ? 360 HOH A O   1 
HETATM 1197 O  O   . HOH I 6 .   ? -7.783  -13.302 5.019   1.00 11.53 ? 361 HOH A O   1 
HETATM 1198 O  O   . HOH I 6 .   ? 1.775   -18.409 -6.929  1.00 18.39 ? 362 HOH A O   1 
HETATM 1199 O  O   . HOH I 6 .   ? 13.912  9.730   10.468  1.00 44.97 ? 363 HOH A O   1 
HETATM 1200 O  O   . HOH I 6 .   ? -9.189  -0.387  -4.068  1.00 11.37 ? 364 HOH A O   1 
HETATM 1201 O  O   . HOH I 6 .   ? -16.072 -4.756  -11.011 1.00 11.80 ? 365 HOH A O   1 
HETATM 1202 O  O   . HOH I 6 .   ? 0.483   -3.846  18.058  1.00 17.00 ? 366 HOH A O   1 
HETATM 1203 O  O   . HOH I 6 .   ? -11.185 -6.937  10.443  1.00 32.64 ? 367 HOH A O   1 
HETATM 1204 O  O   . HOH I 6 .   ? 7.865   16.536  2.237   1.00 28.83 ? 368 HOH A O   1 
HETATM 1205 O  O   . HOH I 6 .   ? -2.439  -13.723 -5.264  1.00 19.13 ? 369 HOH A O   1 
HETATM 1206 O  O   . HOH I 6 .   ? 1.055   9.155   11.145  1.00 17.25 ? 370 HOH A O   1 
HETATM 1207 O  O   . HOH I 6 .   ? -0.322  -11.340 -9.208  1.00 17.49 ? 371 HOH A O   1 
HETATM 1208 O  O   . HOH I 6 .   ? 5.347   -3.290  9.894   1.00 14.05 ? 372 HOH A O   1 
HETATM 1209 O  O   . HOH I 6 .   ? 12.903  14.402  -8.049  1.00 23.86 ? 373 HOH A O   1 
HETATM 1210 O  O   . HOH I 6 .   ? 6.479   4.854   -11.898 1.00 20.79 ? 374 HOH A O   1 
HETATM 1211 O  O   . HOH I 6 .   ? -0.749  -16.964 -6.869  1.00 19.29 ? 375 HOH A O   1 
HETATM 1212 O  O   . HOH I 6 .   ? -8.126  -11.278 -5.745  1.00 17.42 ? 376 HOH A O   1 
HETATM 1213 O  O   . HOH I 6 .   ? 4.939   -4.254  -0.703  1.00 14.80 ? 377 HOH A O   1 
HETATM 1214 O  O   . HOH I 6 .   ? 14.484  12.359  0.287   1.00 33.52 ? 378 HOH A O   1 
HETATM 1215 O  O   . HOH I 6 .   ? -18.337 -0.927  2.306   1.00 22.32 ? 379 HOH A O   1 
HETATM 1216 O  O   . HOH I 6 .   ? 12.684  -4.446  -9.255  1.00 34.42 ? 380 HOH A O   1 
HETATM 1217 O  O   . HOH I 6 .   ? 13.064  16.925  -6.982  1.00 28.63 ? 381 HOH A O   1 
HETATM 1218 O  O   . HOH I 6 .   ? -0.101  14.571  2.631   1.00 22.58 ? 382 HOH A O   1 
HETATM 1219 O  O   . HOH I 6 .   ? -6.321  5.546   -0.953  1.00 20.60 ? 383 HOH A O   1 
HETATM 1220 O  O   . HOH I 6 .   ? 5.323   8.189   -14.170 1.00 21.79 ? 384 HOH A O   1 
HETATM 1221 O  O   . HOH I 6 .   ? 1.003   -7.442  10.532  1.00 15.45 ? 385 HOH A O   1 
HETATM 1222 O  O   . HOH I 6 .   ? 14.487  3.335   -9.204  1.00 22.42 ? 386 HOH A O   1 
HETATM 1223 O  O   . HOH I 6 .   ? -6.951  -14.582 -10.554 1.00 33.75 ? 387 HOH A O   1 
HETATM 1224 O  O   . HOH I 6 .   ? -2.150  21.965  4.942   1.00 23.67 ? 388 HOH A O   1 
HETATM 1225 O  O   . HOH I 6 .   ? 12.761  3.928   4.589   1.00 27.61 ? 389 HOH A O   1 
HETATM 1226 O  O   . HOH I 6 .   ? 7.195   0.585   -10.228 1.00 16.49 ? 390 HOH A O   1 
HETATM 1227 O  O   . HOH I 6 .   ? 11.922  0.401   6.923   1.00 24.84 ? 391 HOH A O   1 
HETATM 1228 O  O   . HOH I 6 .   ? -5.831  2.571   -10.790 1.00 23.31 ? 392 HOH A O   1 
HETATM 1229 O  O   . HOH I 6 .   ? 2.568   -5.544  -7.184  1.00 14.57 ? 393 HOH A O   1 
HETATM 1230 O  O   . HOH I 6 .   ? -4.246  -18.027 -3.698  1.00 18.66 ? 394 HOH A O   1 
HETATM 1231 O  O   . HOH I 6 .   ? 5.695   -2.072  1.372   1.00 12.07 ? 395 HOH A O   1 
HETATM 1232 O  O   . HOH I 6 .   ? -3.261  -8.454  -13.735 1.00 24.42 ? 396 HOH A O   1 
HETATM 1233 O  O   . HOH I 6 .   ? -8.335  -3.144  -13.051 1.00 18.71 ? 397 HOH A O   1 
HETATM 1234 O  O   . HOH I 6 .   ? -13.348 -11.220 7.503   1.00 36.25 ? 398 HOH A O   1 
HETATM 1235 O  O   . HOH I 6 .   ? -15.548 -11.798 -6.329  1.00 29.57 ? 399 HOH A O   1 
HETATM 1236 O  O   . HOH I 6 .   ? 3.773   -9.310  -9.990  1.00 15.02 ? 400 HOH A O   1 
HETATM 1237 O  O   . HOH I 6 .   ? 5.682   15.893  6.623   1.00 34.38 ? 401 HOH A O   1 
HETATM 1238 O  O   . HOH I 6 .   ? -17.945 -5.885  3.792   1.00 22.88 ? 402 HOH A O   1 
HETATM 1239 O  O   . HOH I 6 .   ? 9.674   -8.242  3.591   1.00 19.87 ? 403 HOH A O   1 
HETATM 1240 O  O   . HOH I 6 .   ? 10.429  19.489  -9.278  1.00 25.98 ? 404 HOH A O   1 
HETATM 1241 O  O   . HOH I 6 .   ? -0.835  19.421  -1.606  1.00 33.28 ? 405 HOH A O   1 
HETATM 1242 O  O   . HOH I 6 .   ? -16.278 -10.196 -4.395  1.00 26.26 ? 406 HOH A O   1 
HETATM 1243 O  O   . HOH I 6 .   ? 2.469   14.450  -13.352 1.00 20.20 ? 407 HOH A O   1 
HETATM 1244 O  O   . HOH I 6 .   ? 2.122   -13.550 9.518   1.00 17.40 ? 408 HOH A O   1 
HETATM 1245 O  O   . HOH I 6 .   ? -4.450  -8.213  15.100  1.00 24.92 ? 409 HOH A O   1 
HETATM 1246 O  O   . HOH I 6 .   ? -10.006 1.426   11.737  1.00 28.48 ? 410 HOH A O   1 
HETATM 1247 O  O   . HOH I 6 .   ? 1.320   -13.818 -4.066  1.00 17.03 ? 411 HOH A O   1 
HETATM 1248 O  O   . HOH I 6 .   ? -8.653  4.542   10.053  1.00 29.57 ? 412 HOH A O   1 
HETATM 1249 O  O   . HOH I 6 .   ? -14.440 -6.445  -12.615 1.00 17.88 ? 413 HOH A O   1 
HETATM 1250 O  O   . HOH I 6 .   ? -10.106 1.117   4.324   1.00 16.94 ? 414 HOH A O   1 
HETATM 1251 O  O   . HOH I 6 .   ? -2.671  14.330  -5.333  1.00 38.66 ? 415 HOH A O   1 
HETATM 1252 O  O   . HOH I 6 .   ? -7.885  7.684   -6.539  1.00 32.77 ? 416 HOH A O   1 
HETATM 1253 O  O   . HOH I 6 .   ? 9.989   -12.687 4.456   1.00 30.72 ? 417 HOH A O   1 
HETATM 1254 O  O   . HOH I 6 .   ? -8.348  -10.789 -9.461  1.00 31.52 ? 418 HOH A O   1 
HETATM 1255 O  O   . HOH I 6 .   ? -14.768 -9.041  -10.723 1.00 18.03 ? 419 HOH A O   1 
HETATM 1256 O  O   . HOH I 6 .   ? -5.882  7.816   9.306   1.00 23.55 ? 420 HOH A O   1 
HETATM 1257 O  O   . HOH I 6 .   ? 4.895   -7.975  -7.785  1.00 22.52 ? 421 HOH A O   1 
HETATM 1258 O  O   . HOH I 6 .   ? -0.597  -11.739 -4.665  1.00 19.16 ? 422 HOH A O   1 
HETATM 1259 O  O   . HOH I 6 .   ? 1.722   -7.356  -9.244  1.00 14.89 ? 423 HOH A O   1 
HETATM 1260 O  O   . HOH I 6 .   ? 7.857   7.878   13.882  1.00 27.97 ? 424 HOH A O   1 
HETATM 1261 O  O   . HOH I 6 .   ? -2.126  -11.597 -11.279 1.00 25.42 ? 425 HOH A O   1 
HETATM 1262 O  O   . HOH I 6 .   ? 6.512   -12.929 -15.597 1.00 18.35 ? 426 HOH A O   1 
HETATM 1263 O  O   . HOH I 6 .   ? -4.189  -5.818  -7.683  1.00 18.67 ? 427 HOH A O   1 
HETATM 1264 O  O   . HOH I 6 .   ? 12.534  -0.857  2.695   1.00 28.08 ? 428 HOH A O   1 
HETATM 1265 O  O   . HOH I 6 .   ? -20.869 -6.922  -4.231  1.00 30.59 ? 429 HOH A O   1 
HETATM 1266 O  O   . HOH I 6 .   ? 2.336   11.156  -15.155 1.00 23.38 ? 430 HOH A O   1 
HETATM 1267 O  O   . HOH I 6 .   ? -2.690  -1.595  20.696  1.00 33.39 ? 431 HOH A O   1 
HETATM 1268 O  O   . HOH I 6 .   ? -12.189 -10.058 1.602   1.00 16.89 ? 432 HOH A O   1 
HETATM 1269 O  O   . HOH I 6 .   ? -13.055 -9.204  -0.894  1.00 13.71 ? 433 HOH A O   1 
HETATM 1270 O  O   . HOH I 6 .   ? 1.834   -5.466  19.766  1.00 25.98 ? 434 HOH A O   1 
HETATM 1271 O  O   . HOH I 6 .   ? -8.923  -12.982 -7.499  1.00 23.63 ? 435 HOH A O   1 
HETATM 1272 O  O   . HOH I 6 .   ? -7.904  8.077   7.110   1.00 39.70 ? 436 HOH A O   1 
HETATM 1273 O  O   . HOH I 6 .   ? 15.363  1.840   -3.808  1.00 37.89 ? 437 HOH A O   1 
HETATM 1274 O  O   . HOH I 6 .   ? -9.081  3.705   0.210   1.00 18.18 ? 438 HOH A O   1 
HETATM 1275 O  O   . HOH I 6 .   ? -10.089 -12.428 6.234   1.00 17.81 ? 439 HOH A O   1 
HETATM 1276 O  O   . HOH I 6 .   ? -9.574  2.718   -8.026  1.00 27.21 ? 440 HOH A O   1 
HETATM 1277 O  O   . HOH I 6 .   ? -0.092  3.348   16.476  1.00 16.83 ? 441 HOH A O   1 
HETATM 1278 O  O   . HOH I 6 .   ? 12.116  -11.163 -8.167  1.00 25.89 ? 442 HOH A O   1 
HETATM 1279 O  O   . HOH I 6 .   ? -7.566  -4.949  -15.069 1.00 25.34 ? 443 HOH A O   1 
HETATM 1280 O  O   . HOH I 6 .   ? 0.022   -1.827  -16.939 1.00 38.82 ? 444 HOH A O   1 
HETATM 1281 O  O   . HOH I 6 .   ? 14.688  6.158   -2.565  1.00 18.95 ? 445 HOH A O   1 
HETATM 1282 O  O   . HOH I 6 .   ? 0.504   -14.265 -6.755  1.00 17.78 ? 446 HOH A O   1 
HETATM 1283 O  O   . HOH I 6 .   ? 1.562   -14.280 12.414  1.00 38.88 ? 447 HOH A O   1 
HETATM 1284 O  O   . HOH I 6 .   ? -2.877  5.918   -7.565  1.00 16.81 ? 448 HOH A O   1 
HETATM 1285 O  O   . HOH I 6 .   ? 14.206  14.169  -5.556  1.00 31.61 ? 449 HOH A O   1 
HETATM 1286 O  O   . HOH I 6 .   ? -4.804  10.110  14.796  1.00 38.28 ? 450 HOH A O   1 
HETATM 1287 O  O   . HOH I 6 .   ? -7.939  -3.345  13.718  1.00 25.09 ? 451 HOH A O   1 
HETATM 1288 O  O   . HOH I 6 .   ? -3.347  8.528   -6.619  1.00 22.86 ? 452 HOH A O   1 
HETATM 1289 O  O   . HOH I 6 .   ? -6.363  8.798   -2.625  1.00 22.94 ? 453 HOH A O   1 
HETATM 1290 O  O   . HOH I 6 .   ? -0.727  -8.687  -8.565  1.00 13.91 ? 454 HOH A O   1 
HETATM 1291 O  O   . HOH I 6 .   ? 4.629   17.851  8.117   1.00 40.58 ? 455 HOH A O   1 
HETATM 1292 O  O   . HOH I 6 .   ? -2.152  -14.424 -8.717  1.00 28.38 ? 456 HOH A O   1 
HETATM 1293 O  O   . HOH I 6 .   ? -18.718 5.587   -9.879  1.00 37.73 ? 457 HOH A O   1 
HETATM 1294 O  O   . HOH I 6 .   ? 11.897  3.912   9.738   1.00 20.24 ? 458 HOH A O   1 
HETATM 1295 O  O   . HOH I 6 .   ? -10.960 3.943   2.439   1.00 19.33 ? 459 HOH A O   1 
HETATM 1296 O  O   . HOH I 6 .   ? 1.007   18.940  -3.595  1.00 33.59 ? 460 HOH A O   1 
HETATM 1297 O  O   . HOH I 6 .   ? -2.327  9.857   -9.413  1.00 28.33 ? 461 HOH A O   1 
HETATM 1298 O  O   . HOH I 6 .   ? -2.416  -0.854  -13.586 1.00 34.59 ? 462 HOH A O   1 
HETATM 1299 O  O   . HOH I 6 .   ? -5.922  14.006  2.785   1.00 29.52 ? 463 HOH A O   1 
HETATM 1300 O  O   . HOH I 6 .   ? -5.773  -0.652  -13.727 1.00 31.21 ? 464 HOH A O   1 
HETATM 1301 O  O   . HOH I 6 .   ? 9.466   18.795  -13.962 1.00 34.47 ? 465 HOH A O   1 
HETATM 1302 O  O   . HOH I 6 .   ? 15.310  7.884   -0.771  1.00 45.05 ? 466 HOH A O   1 
HETATM 1303 O  O   . HOH I 6 .   ? -9.237  -4.175  16.263  1.00 42.60 ? 467 HOH A O   1 
HETATM 1304 O  O   . HOH I 6 .   ? 5.442   19.394  -4.046  1.00 43.95 ? 468 HOH A O   1 
HETATM 1305 O  O   . HOH I 6 .   ? -1.446  -17.692 -11.269 1.00 37.89 ? 469 HOH A O   1 
HETATM 1306 O  O   . HOH I 6 .   ? 8.997   -7.354  5.909   1.00 30.70 ? 470 HOH A O   1 
HETATM 1307 O  O   . HOH I 6 .   ? 1.957   22.431  4.960   1.00 35.01 ? 471 HOH A O   1 
HETATM 1308 O  O   . HOH I 6 .   ? 12.398  7.594   12.418  1.00 28.70 ? 472 HOH A O   1 
HETATM 1309 O  O   . HOH I 6 .   ? -3.143  -7.624  -9.674  1.00 20.25 ? 473 HOH A O   1 
HETATM 1310 O  O   . HOH I 6 .   ? 2.683   12.493  13.688  1.00 43.91 ? 474 HOH A O   1 
HETATM 1311 O  O   . HOH I 6 .   ? 9.888   -14.628 -13.091 1.00 39.19 ? 475 HOH A O   1 
HETATM 1312 O  O   . HOH I 6 .   ? -12.565 -13.199 -3.804  1.00 25.36 ? 476 HOH A O   1 
HETATM 1313 O  O   . HOH I 6 .   ? -11.145 -10.287 10.185  1.00 36.96 ? 477 HOH A O   1 
HETATM 1314 O  O   . HOH I 6 .   ? -9.149  -7.164  -14.088 1.00 26.42 ? 478 HOH A O   1 
HETATM 1315 O  O   . HOH I 6 .   ? 12.579  -8.418  -3.748  1.00 35.57 ? 479 HOH A O   1 
HETATM 1316 O  O   . HOH I 6 .   ? 11.570  -6.888  -9.617  1.00 31.32 ? 480 HOH A O   1 
HETATM 1317 O  O   . HOH I 6 .   ? 12.224  2.933   7.263   1.00 25.42 ? 481 HOH A O   1 
HETATM 1318 O  O   . HOH I 6 .   ? -18.995 1.225   0.851   1.00 30.68 ? 482 HOH A O   1 
HETATM 1319 O  O   . HOH I 6 .   ? -2.008  -4.902  17.557  1.00 20.33 ? 483 HOH A O   1 
HETATM 1320 O  O   . HOH I 6 .   ? -22.747 3.471   -7.584  1.00 33.28 ? 484 HOH A O   1 
HETATM 1321 O  O   . HOH I 6 .   ? -2.023  12.429  -9.410  1.00 34.63 ? 485 HOH A O   1 
HETATM 1322 O  O   . HOH I 6 .   ? -21.240 5.318   -8.627  1.00 50.68 ? 486 HOH A O   1 
HETATM 1323 O  O   . HOH I 6 .   ? 13.307  1.440   3.288   1.00 40.54 ? 487 HOH A O   1 
HETATM 1324 O  O   . HOH I 6 .   ? 13.030  6.136   10.207  1.00 24.46 ? 488 HOH A O   1 
HETATM 1325 O  O   . HOH I 6 .   ? -10.414 -17.112 -7.336  1.00 43.66 ? 489 HOH A O   1 
HETATM 1326 O  O   . HOH I 6 .   ? 0.069   23.440  4.745   1.00 33.46 ? 490 HOH A O   1 
HETATM 1327 O  O   . HOH I 6 .   ? -2.271  -7.646  17.520  1.00 33.73 ? 491 HOH A O   1 
HETATM 1328 O  O   . HOH I 6 .   ? -15.154 -10.418 -1.968  1.00 24.82 ? 492 HOH A O   1 
HETATM 1329 O  O   . HOH I 6 .   ? 12.235  -11.873 -10.990 1.00 32.38 ? 493 HOH A O   1 
HETATM 1330 O  O   . HOH I 6 .   ? -4.581  1.049   -12.058 1.00 36.69 ? 494 HOH A O   1 
HETATM 1331 O  O   . HOH I 6 .   ? -7.033  11.840  14.564  1.00 33.67 ? 495 HOH A O   1 
HETATM 1332 O  O   . HOH I 6 .   ? 14.824  5.162   3.980   1.00 35.54 ? 496 HOH A O   1 
HETATM 1333 O  O   . HOH I 6 .   ? 13.633  -7.578  -1.653  1.00 31.14 ? 497 HOH A O   1 
HETATM 1334 O  O   . HOH I 6 .   ? 1.171   6.036   -14.634 1.00 44.28 ? 498 HOH A O   1 
HETATM 1335 O  O   . HOH I 6 .   ? 12.786  11.838  7.148   1.00 42.50 ? 499 HOH A O   1 
HETATM 1336 O  O   . HOH I 6 .   ? -3.440  -4.057  19.618  1.00 46.11 ? 500 HOH A O   1 
HETATM 1337 O  O   . HOH I 6 .   ? -3.845  -9.538  -11.334 1.00 24.64 ? 501 HOH A O   1 
HETATM 1338 O  O   . HOH I 6 .   ? -1.469  24.498  1.281   1.00 54.95 ? 502 HOH A O   1 
HETATM 1339 O  O   . HOH I 6 .   ? 7.132   -5.240  9.390   1.00 25.29 ? 503 HOH A O   1 
HETATM 1340 O  O   . HOH I 6 .   ? -5.387  0.892   -17.496 1.00 39.23 ? 504 HOH A O   1 
HETATM 1341 O  O   . HOH I 6 .   ? -1.755  16.852  -1.447  1.00 29.80 ? 505 HOH A O   1 
HETATM 1342 O  O   . HOH I 6 .   ? -6.384  -10.535 -11.537 1.00 35.38 ? 506 HOH A O   1 
HETATM 1343 O  O   . HOH I 6 .   ? -4.739  15.707  1.134   1.00 33.18 ? 507 HOH A O   1 
HETATM 1344 O  O   . HOH I 6 .   ? -2.004  -16.489 -4.455  1.00 19.99 ? 508 HOH A O   1 
HETATM 1345 O  O   . HOH I 6 .   ? 13.139  -21.152 -5.089  1.00 34.13 ? 509 HOH A O   1 
HETATM 1346 O  O   . HOH I 6 .   ? -0.633  15.529  -3.597  1.00 37.08 ? 510 HOH A O   1 
HETATM 1347 O  O   . HOH I 6 .   ? -9.541  10.468  10.244  1.00 20.34 ? 511 HOH A O   1 
HETATM 1348 O  O   . HOH I 6 .   ? -3.132  -13.883 -11.330 1.00 35.15 ? 512 HOH A O   1 
HETATM 1349 O  O   . HOH I 6 .   ? 0.491   -16.347 -3.054  1.00 16.05 ? 513 HOH A O   1 
HETATM 1350 O  O   . HOH I 6 .   ? 6.167   -7.962  11.042  1.00 29.74 ? 514 HOH A O   1 
HETATM 1351 O  O   . HOH I 6 .   ? -21.686 2.520   -3.825  1.00 43.17 ? 515 HOH A O   1 
HETATM 1352 O  O   . HOH I 6 .   ? -3.488  6.073   -10.204 1.00 26.31 ? 516 HOH A O   1 
HETATM 1353 O  O   . HOH I 6 .   ? -8.256  3.107   20.454  1.00 49.10 ? 517 HOH A O   1 
HETATM 1354 O  O   . HOH I 6 .   ? -16.296 -10.192 4.010   1.00 33.74 ? 518 HOH A O   1 
HETATM 1355 O  O   . HOH I 6 .   ? 1.101   -15.774 -15.226 1.00 35.63 ? 519 HOH A O   1 
HETATM 1356 O  O   . HOH I 6 .   ? -17.591 -11.147 -0.510  1.00 31.21 ? 520 HOH A O   1 
HETATM 1357 O  O   . HOH I 6 .   ? -5.757  -13.220 -12.079 1.00 34.95 ? 521 HOH A O   1 
HETATM 1358 O  O   . HOH I 6 .   ? -1.493  8.618   -13.777 1.00 42.86 ? 522 HOH A O   1 
HETATM 1359 O  O   . HOH I 6 .   ? 5.349   -15.473 -15.272 1.00 28.47 ? 523 HOH A O   1 
HETATM 1360 O  O   . HOH I 6 .   ? -22.337 -0.703  -5.433  1.00 31.50 ? 524 HOH A O   1 
HETATM 1361 O  O   . HOH I 6 .   ? 10.281  16.439  1.185   1.00 36.59 ? 525 HOH A O   1 
HETATM 1362 O  O   . HOH I 6 .   ? -1.885  -15.883 -12.825 1.00 32.43 ? 526 HOH A O   1 
HETATM 1363 O  O   . HOH I 6 .   ? 10.151  20.110  -11.608 1.00 33.29 ? 527 HOH A O   1 
HETATM 1364 O  O   . HOH I 6 .   ? -4.695  4.394   -12.132 1.00 30.96 ? 528 HOH A O   1 
HETATM 1365 O  O   . HOH I 6 .   ? 14.741  10.028  8.109   1.00 35.21 ? 529 HOH A O   1 
HETATM 1366 O  O   . HOH I 6 .   ? 14.904  7.139   8.531   1.00 32.81 ? 530 HOH A O   1 
HETATM 1367 O  O   . HOH I 6 .   ? -17.849 -8.450  4.217   1.00 39.91 ? 531 HOH A O   1 
HETATM 1368 O  O   . HOH I 6 .   ? -19.345 -8.231  2.228   1.00 43.31 ? 532 HOH A O   1 
HETATM 1369 O  O   . HOH I 6 .   ? 14.148  -14.012 -3.167  1.00 50.95 ? 533 HOH A O   1 
HETATM 1370 O  O   . HOH I 6 .   ? 14.165  -11.625 -3.841  1.00 41.82 ? 534 HOH A O   1 
HETATM 1371 O  O   . HOH I 6 .   ? -3.770  2.698   -14.042 1.00 30.99 ? 535 HOH A O   1 
HETATM 1372 O  O   . HOH I 6 .   ? -0.706  25.853  9.127   1.00 43.82 ? 536 HOH A O   1 
HETATM 1373 O  O   . HOH I 6 .   ? 16.218  -13.073 -0.902  1.00 45.42 ? 537 HOH A O   1 
# 
